data_3I71
# 
_entry.id   3I71 
# 
_audit_conform.dict_name       mmcif_pdbx.dic 
_audit_conform.dict_version    5.387 
_audit_conform.dict_location   http://mmcif.pdb.org/dictionaries/ascii/mmcif_pdbx.dic 
# 
loop_
_database_2.database_id 
_database_2.database_code 
_database_2.pdbx_database_accession 
_database_2.pdbx_DOI 
PDB   3I71         pdb_00003i71 10.2210/pdb3i71/pdb 
RCSB  RCSB054044   ?            ?                   
WWPDB D_1000054044 ?            ?                   
# 
loop_
_pdbx_audit_revision_history.ordinal 
_pdbx_audit_revision_history.data_content_type 
_pdbx_audit_revision_history.major_revision 
_pdbx_audit_revision_history.minor_revision 
_pdbx_audit_revision_history.revision_date 
1 'Structure model' 1 0 2010-01-12 
2 'Structure model' 1 1 2011-07-13 
3 'Structure model' 1 2 2017-11-01 
4 'Structure model' 1 3 2024-02-21 
# 
_pdbx_audit_revision_details.ordinal             1 
_pdbx_audit_revision_details.revision_ordinal    1 
_pdbx_audit_revision_details.data_content_type   'Structure model' 
_pdbx_audit_revision_details.provider            repository 
_pdbx_audit_revision_details.type                'Initial release' 
_pdbx_audit_revision_details.description         ? 
_pdbx_audit_revision_details.details             ? 
# 
loop_
_pdbx_audit_revision_group.ordinal 
_pdbx_audit_revision_group.revision_ordinal 
_pdbx_audit_revision_group.data_content_type 
_pdbx_audit_revision_group.group 
1 2 'Structure model' Advisory                    
2 2 'Structure model' 'Version format compliance' 
3 3 'Structure model' 'Refinement description'    
4 4 'Structure model' 'Data collection'           
5 4 'Structure model' 'Database references'       
6 4 'Structure model' 'Derived calculations'      
# 
loop_
_pdbx_audit_revision_category.ordinal 
_pdbx_audit_revision_category.revision_ordinal 
_pdbx_audit_revision_category.data_content_type 
_pdbx_audit_revision_category.category 
1 3 'Structure model' software           
2 4 'Structure model' chem_comp_atom     
3 4 'Structure model' chem_comp_bond     
4 4 'Structure model' database_2         
5 4 'Structure model' struct_ref_seq_dif 
6 4 'Structure model' struct_site        
# 
loop_
_pdbx_audit_revision_item.ordinal 
_pdbx_audit_revision_item.revision_ordinal 
_pdbx_audit_revision_item.data_content_type 
_pdbx_audit_revision_item.item 
1 4 'Structure model' '_database_2.pdbx_DOI'                
2 4 'Structure model' '_database_2.pdbx_database_accession' 
3 4 'Structure model' '_struct_ref_seq_dif.details'         
4 4 'Structure model' '_struct_site.pdbx_auth_asym_id'      
5 4 'Structure model' '_struct_site.pdbx_auth_comp_id'      
6 4 'Structure model' '_struct_site.pdbx_auth_seq_id'       
# 
_pdbx_database_status.entry_id                        3I71 
_pdbx_database_status.status_code                     REL 
_pdbx_database_status.deposit_site                    RCSB 
_pdbx_database_status.process_site                    RCSB 
_pdbx_database_status.recvd_initial_deposition_date   2009-07-07 
_pdbx_database_status.status_code_sf                  REL 
_pdbx_database_status.status_code_mr                  ? 
_pdbx_database_status.SG_entry                        ? 
_pdbx_database_status.pdb_format_compatible           Y 
_pdbx_database_status.status_code_cs                  ? 
_pdbx_database_status.methods_development_category    ? 
_pdbx_database_status.status_code_nmr_data            ? 
# 
loop_
_pdbx_database_related.db_name 
_pdbx_database_related.db_id 
_pdbx_database_related.details 
_pdbx_database_related.content_type 
PDB 3I6P 'Ethanolamine Utilization Microcompartment Shell Subunit, EutM'             unspecified 
PDB 3I82 'Ethanolamine Utilization Microcompartment Shell Subunit, EutL Closed Form' unspecified 
PDB 3I87 'Ethanolamine Utilization Microcompartment Shell Subunit, EutL Open Form'   unspecified 
PDB 3I96 'Ethanolamine Utilization Microcompartment Shell Subunit, EutS'             unspecified 
PDB 3IA0 'Ethanolamine Utilization Microcompartment Shell Subunit, EutS-G39V mutant' unspecified 
# 
loop_
_audit_author.name 
_audit_author.pdbx_ordinal 
'Tanaka, S.'   1 
'Sawaya, M.R.' 2 
'Yeates, T.O.' 3 
# 
_citation.id                        primary 
_citation.title                     'Structure and Mechanisms of a Protein-Based Organelle in Escherichia coli.' 
_citation.journal_abbrev            Science 
_citation.journal_volume            327 
_citation.page_first                81 
_citation.page_last                 84 
_citation.year                      2010 
_citation.journal_id_ASTM           SCIEAS 
_citation.country                   US 
_citation.journal_id_ISSN           0036-8075 
_citation.journal_id_CSD            0038 
_citation.book_publisher            ? 
_citation.pdbx_database_id_PubMed   20044574 
_citation.pdbx_database_id_DOI      10.1126/science.1179513 
# 
loop_
_citation_author.citation_id 
_citation_author.name 
_citation_author.ordinal 
_citation_author.identifier_ORCID 
primary 'Tanaka, S.'   1 ? 
primary 'Sawaya, M.R.' 2 ? 
primary 'Yeates, T.O.' 3 ? 
# 
loop_
_entity.id 
_entity.type 
_entity.src_method 
_entity.pdbx_description 
_entity.formula_weight 
_entity.pdbx_number_of_molecules 
_entity.pdbx_ec 
_entity.pdbx_mutation 
_entity.pdbx_fragment 
_entity.details 
1 polymer     man 'Ethanolamine utilization protein eutK' 7750.819 2  ? ? 'residues 108-166' ? 
2 non-polymer syn 'CITRATE ANION'                         189.100  2  ? ? ?                  ? 
3 water       nat water                                   18.015   56 ? ? ?                  ? 
# 
_entity_poly.entity_id                      1 
_entity_poly.type                           'polypeptide(L)' 
_entity_poly.nstd_linkage                   no 
_entity_poly.nstd_monomer                   no 
_entity_poly.pdbx_seq_one_letter_code       MAESADELLALLTSVRQGMTAGEVAAHFGWPLEKARNALEQLFSAGTLRKRSSRYRLKPHLEHHHHHH 
_entity_poly.pdbx_seq_one_letter_code_can   MAESADELLALLTSVRQGMTAGEVAAHFGWPLEKARNALEQLFSAGTLRKRSSRYRLKPHLEHHHHHH 
_entity_poly.pdbx_strand_id                 A,B 
_entity_poly.pdbx_target_identifier         ? 
# 
loop_
_pdbx_entity_nonpoly.entity_id 
_pdbx_entity_nonpoly.name 
_pdbx_entity_nonpoly.comp_id 
2 'CITRATE ANION' FLC 
3 water           HOH 
# 
loop_
_entity_poly_seq.entity_id 
_entity_poly_seq.num 
_entity_poly_seq.mon_id 
_entity_poly_seq.hetero 
1 1  MET n 
1 2  ALA n 
1 3  GLU n 
1 4  SER n 
1 5  ALA n 
1 6  ASP n 
1 7  GLU n 
1 8  LEU n 
1 9  LEU n 
1 10 ALA n 
1 11 LEU n 
1 12 LEU n 
1 13 THR n 
1 14 SER n 
1 15 VAL n 
1 16 ARG n 
1 17 GLN n 
1 18 GLY n 
1 19 MET n 
1 20 THR n 
1 21 ALA n 
1 22 GLY n 
1 23 GLU n 
1 24 VAL n 
1 25 ALA n 
1 26 ALA n 
1 27 HIS n 
1 28 PHE n 
1 29 GLY n 
1 30 TRP n 
1 31 PRO n 
1 32 LEU n 
1 33 GLU n 
1 34 LYS n 
1 35 ALA n 
1 36 ARG n 
1 37 ASN n 
1 38 ALA n 
1 39 LEU n 
1 40 GLU n 
1 41 GLN n 
1 42 LEU n 
1 43 PHE n 
1 44 SER n 
1 45 ALA n 
1 46 GLY n 
1 47 THR n 
1 48 LEU n 
1 49 ARG n 
1 50 LYS n 
1 51 ARG n 
1 52 SER n 
1 53 SER n 
1 54 ARG n 
1 55 TYR n 
1 56 ARG n 
1 57 LEU n 
1 58 LYS n 
1 59 PRO n 
1 60 HIS n 
1 61 LEU n 
1 62 GLU n 
1 63 HIS n 
1 64 HIS n 
1 65 HIS n 
1 66 HIS n 
1 67 HIS n 
1 68 HIS n 
# 
_entity_src_gen.entity_id                          1 
_entity_src_gen.pdbx_src_id                        1 
_entity_src_gen.pdbx_alt_source_flag               sample 
_entity_src_gen.pdbx_seq_type                      ? 
_entity_src_gen.pdbx_beg_seq_num                   ? 
_entity_src_gen.pdbx_end_seq_num                   ? 
_entity_src_gen.gene_src_common_name               ? 
_entity_src_gen.gene_src_genus                     ? 
_entity_src_gen.pdbx_gene_src_gene                 'b2438, eutK, JW2431, yffI' 
_entity_src_gen.gene_src_species                   ? 
_entity_src_gen.gene_src_strain                    K-12 
_entity_src_gen.gene_src_tissue                    ? 
_entity_src_gen.gene_src_tissue_fraction           ? 
_entity_src_gen.gene_src_details                   ? 
_entity_src_gen.pdbx_gene_src_fragment             ? 
_entity_src_gen.pdbx_gene_src_scientific_name      'Escherichia coli' 
_entity_src_gen.pdbx_gene_src_ncbi_taxonomy_id     83333 
_entity_src_gen.pdbx_gene_src_variant              ? 
_entity_src_gen.pdbx_gene_src_cell_line            ? 
_entity_src_gen.pdbx_gene_src_atcc                 ? 
_entity_src_gen.pdbx_gene_src_organ                ? 
_entity_src_gen.pdbx_gene_src_organelle            ? 
_entity_src_gen.pdbx_gene_src_cell                 ? 
_entity_src_gen.pdbx_gene_src_cellular_location    ? 
_entity_src_gen.host_org_common_name               ? 
_entity_src_gen.pdbx_host_org_scientific_name      'Escherichia coli' 
_entity_src_gen.pdbx_host_org_ncbi_taxonomy_id     562 
_entity_src_gen.host_org_genus                     ? 
_entity_src_gen.pdbx_host_org_gene                 ? 
_entity_src_gen.pdbx_host_org_organ                ? 
_entity_src_gen.host_org_species                   ? 
_entity_src_gen.pdbx_host_org_tissue               ? 
_entity_src_gen.pdbx_host_org_tissue_fraction      ? 
_entity_src_gen.pdbx_host_org_strain               'BL21(DE3)Gold' 
_entity_src_gen.pdbx_host_org_variant              ? 
_entity_src_gen.pdbx_host_org_cell_line            ? 
_entity_src_gen.pdbx_host_org_atcc                 ? 
_entity_src_gen.pdbx_host_org_culture_collection   ? 
_entity_src_gen.pdbx_host_org_cell                 ? 
_entity_src_gen.pdbx_host_org_organelle            ? 
_entity_src_gen.pdbx_host_org_cellular_location    ? 
_entity_src_gen.pdbx_host_org_vector_type          plasmid 
_entity_src_gen.pdbx_host_org_vector               ? 
_entity_src_gen.host_org_details                   ? 
_entity_src_gen.expression_system_id               ? 
_entity_src_gen.plasmid_name                       pET22b 
_entity_src_gen.plasmid_details                    ? 
_entity_src_gen.pdbx_description                   ? 
# 
loop_
_chem_comp.id 
_chem_comp.type 
_chem_comp.mon_nstd_flag 
_chem_comp.name 
_chem_comp.pdbx_synonyms 
_chem_comp.formula 
_chem_comp.formula_weight 
ALA 'L-peptide linking' y ALANINE         ? 'C3 H7 N O2'     89.093  
ARG 'L-peptide linking' y ARGININE        ? 'C6 H15 N4 O2 1' 175.209 
ASN 'L-peptide linking' y ASPARAGINE      ? 'C4 H8 N2 O3'    132.118 
ASP 'L-peptide linking' y 'ASPARTIC ACID' ? 'C4 H7 N O4'     133.103 
FLC non-polymer         . 'CITRATE ANION' ? 'C6 H5 O7 -3'    189.100 
GLN 'L-peptide linking' y GLUTAMINE       ? 'C5 H10 N2 O3'   146.144 
GLU 'L-peptide linking' y 'GLUTAMIC ACID' ? 'C5 H9 N O4'     147.129 
GLY 'peptide linking'   y GLYCINE         ? 'C2 H5 N O2'     75.067  
HIS 'L-peptide linking' y HISTIDINE       ? 'C6 H10 N3 O2 1' 156.162 
HOH non-polymer         . WATER           ? 'H2 O'           18.015  
LEU 'L-peptide linking' y LEUCINE         ? 'C6 H13 N O2'    131.173 
LYS 'L-peptide linking' y LYSINE          ? 'C6 H15 N2 O2 1' 147.195 
MET 'L-peptide linking' y METHIONINE      ? 'C5 H11 N O2 S'  149.211 
PHE 'L-peptide linking' y PHENYLALANINE   ? 'C9 H11 N O2'    165.189 
PRO 'L-peptide linking' y PROLINE         ? 'C5 H9 N O2'     115.130 
SER 'L-peptide linking' y SERINE          ? 'C3 H7 N O3'     105.093 
THR 'L-peptide linking' y THREONINE       ? 'C4 H9 N O3'     119.119 
TRP 'L-peptide linking' y TRYPTOPHAN      ? 'C11 H12 N2 O2'  204.225 
TYR 'L-peptide linking' y TYROSINE        ? 'C9 H11 N O3'    181.189 
VAL 'L-peptide linking' y VALINE          ? 'C5 H11 N O2'    117.146 
# 
loop_
_pdbx_poly_seq_scheme.asym_id 
_pdbx_poly_seq_scheme.entity_id 
_pdbx_poly_seq_scheme.seq_id 
_pdbx_poly_seq_scheme.mon_id 
_pdbx_poly_seq_scheme.ndb_seq_num 
_pdbx_poly_seq_scheme.pdb_seq_num 
_pdbx_poly_seq_scheme.auth_seq_num 
_pdbx_poly_seq_scheme.pdb_mon_id 
_pdbx_poly_seq_scheme.auth_mon_id 
_pdbx_poly_seq_scheme.pdb_strand_id 
_pdbx_poly_seq_scheme.pdb_ins_code 
_pdbx_poly_seq_scheme.hetero 
A 1 1  MET 1  107 ?   ?   ?   A . n 
A 1 2  ALA 2  108 ?   ?   ?   A . n 
A 1 3  GLU 3  109 ?   ?   ?   A . n 
A 1 4  SER 4  110 110 SER SER A . n 
A 1 5  ALA 5  111 111 ALA ALA A . n 
A 1 6  ASP 6  112 112 ASP ASP A . n 
A 1 7  GLU 7  113 113 GLU GLU A . n 
A 1 8  LEU 8  114 114 LEU LEU A . n 
A 1 9  LEU 9  115 115 LEU LEU A . n 
A 1 10 ALA 10 116 116 ALA ALA A . n 
A 1 11 LEU 11 117 117 LEU LEU A . n 
A 1 12 LEU 12 118 118 LEU LEU A . n 
A 1 13 THR 13 119 119 THR THR A . n 
A 1 14 SER 14 120 120 SER SER A . n 
A 1 15 VAL 15 121 121 VAL VAL A . n 
A 1 16 ARG 16 122 122 ARG ARG A . n 
A 1 17 GLN 17 123 123 GLN GLN A . n 
A 1 18 GLY 18 124 124 GLY GLY A . n 
A 1 19 MET 19 125 125 MET MET A . n 
A 1 20 THR 20 126 126 THR THR A . n 
A 1 21 ALA 21 127 127 ALA ALA A . n 
A 1 22 GLY 22 128 128 GLY GLY A . n 
A 1 23 GLU 23 129 129 GLU GLU A . n 
A 1 24 VAL 24 130 130 VAL VAL A . n 
A 1 25 ALA 25 131 131 ALA ALA A . n 
A 1 26 ALA 26 132 132 ALA ALA A . n 
A 1 27 HIS 27 133 133 HIS HIS A . n 
A 1 28 PHE 28 134 134 PHE PHE A . n 
A 1 29 GLY 29 135 135 GLY GLY A . n 
A 1 30 TRP 30 136 136 TRP TRP A . n 
A 1 31 PRO 31 137 137 PRO PRO A . n 
A 1 32 LEU 32 138 138 LEU LEU A . n 
A 1 33 GLU 33 139 139 GLU GLU A . n 
A 1 34 LYS 34 140 140 LYS LYS A . n 
A 1 35 ALA 35 141 141 ALA ALA A . n 
A 1 36 ARG 36 142 142 ARG ARG A . n 
A 1 37 ASN 37 143 143 ASN ASN A . n 
A 1 38 ALA 38 144 144 ALA ALA A . n 
A 1 39 LEU 39 145 145 LEU LEU A . n 
A 1 40 GLU 40 146 146 GLU GLU A . n 
A 1 41 GLN 41 147 147 GLN GLN A . n 
A 1 42 LEU 42 148 148 LEU LEU A . n 
A 1 43 PHE 43 149 149 PHE PHE A . n 
A 1 44 SER 44 150 150 SER SER A . n 
A 1 45 ALA 45 151 151 ALA ALA A . n 
A 1 46 GLY 46 152 152 GLY GLY A . n 
A 1 47 THR 47 153 153 THR THR A . n 
A 1 48 LEU 48 154 154 LEU LEU A . n 
A 1 49 ARG 49 155 155 ARG ARG A . n 
A 1 50 LYS 50 156 156 LYS LYS A . n 
A 1 51 ARG 51 157 157 ARG ARG A . n 
A 1 52 SER 52 158 158 SER SER A . n 
A 1 53 SER 53 159 159 SER SER A . n 
A 1 54 ARG 54 160 160 ARG ARG A . n 
A 1 55 TYR 55 161 161 TYR TYR A . n 
A 1 56 ARG 56 162 162 ARG ARG A . n 
A 1 57 LEU 57 163 163 LEU LEU A . n 
A 1 58 LYS 58 164 164 LYS LYS A . n 
A 1 59 PRO 59 165 165 PRO PRO A . n 
A 1 60 HIS 60 166 ?   ?   ?   A . n 
A 1 61 LEU 61 167 ?   ?   ?   A . n 
A 1 62 GLU 62 168 ?   ?   ?   A . n 
A 1 63 HIS 63 169 ?   ?   ?   A . n 
A 1 64 HIS 64 170 ?   ?   ?   A . n 
A 1 65 HIS 65 171 ?   ?   ?   A . n 
A 1 66 HIS 66 172 ?   ?   ?   A . n 
A 1 67 HIS 67 173 ?   ?   ?   A . n 
A 1 68 HIS 68 174 ?   ?   ?   A . n 
B 1 1  MET 1  107 ?   ?   ?   B . n 
B 1 2  ALA 2  108 108 ALA ALA B . n 
B 1 3  GLU 3  109 109 GLU GLU B . n 
B 1 4  SER 4  110 110 SER SER B . n 
B 1 5  ALA 5  111 111 ALA ALA B . n 
B 1 6  ASP 6  112 112 ASP ASP B . n 
B 1 7  GLU 7  113 113 GLU GLU B . n 
B 1 8  LEU 8  114 114 LEU LEU B . n 
B 1 9  LEU 9  115 115 LEU LEU B . n 
B 1 10 ALA 10 116 116 ALA ALA B . n 
B 1 11 LEU 11 117 117 LEU LEU B . n 
B 1 12 LEU 12 118 118 LEU LEU B . n 
B 1 13 THR 13 119 119 THR THR B . n 
B 1 14 SER 14 120 120 SER SER B . n 
B 1 15 VAL 15 121 121 VAL VAL B . n 
B 1 16 ARG 16 122 122 ARG ARG B . n 
B 1 17 GLN 17 123 123 GLN GLN B . n 
B 1 18 GLY 18 124 124 GLY GLY B . n 
B 1 19 MET 19 125 125 MET MET B . n 
B 1 20 THR 20 126 126 THR THR B . n 
B 1 21 ALA 21 127 127 ALA ALA B . n 
B 1 22 GLY 22 128 128 GLY GLY B . n 
B 1 23 GLU 23 129 129 GLU GLU B . n 
B 1 24 VAL 24 130 130 VAL VAL B . n 
B 1 25 ALA 25 131 131 ALA ALA B . n 
B 1 26 ALA 26 132 132 ALA ALA B . n 
B 1 27 HIS 27 133 133 HIS HIS B . n 
B 1 28 PHE 28 134 134 PHE PHE B . n 
B 1 29 GLY 29 135 135 GLY GLY B . n 
B 1 30 TRP 30 136 136 TRP TRP B . n 
B 1 31 PRO 31 137 137 PRO PRO B . n 
B 1 32 LEU 32 138 138 LEU LEU B . n 
B 1 33 GLU 33 139 139 GLU GLU B . n 
B 1 34 LYS 34 140 140 LYS LYS B . n 
B 1 35 ALA 35 141 141 ALA ALA B . n 
B 1 36 ARG 36 142 142 ARG ARG B . n 
B 1 37 ASN 37 143 143 ASN ASN B . n 
B 1 38 ALA 38 144 144 ALA ALA B . n 
B 1 39 LEU 39 145 145 LEU LEU B . n 
B 1 40 GLU 40 146 146 GLU GLU B . n 
B 1 41 GLN 41 147 147 GLN GLN B . n 
B 1 42 LEU 42 148 148 LEU LEU B . n 
B 1 43 PHE 43 149 149 PHE PHE B . n 
B 1 44 SER 44 150 150 SER SER B . n 
B 1 45 ALA 45 151 151 ALA ALA B . n 
B 1 46 GLY 46 152 152 GLY GLY B . n 
B 1 47 THR 47 153 153 THR THR B . n 
B 1 48 LEU 48 154 154 LEU LEU B . n 
B 1 49 ARG 49 155 155 ARG ARG B . n 
B 1 50 LYS 50 156 156 LYS LYS B . n 
B 1 51 ARG 51 157 157 ARG ARG B . n 
B 1 52 SER 52 158 158 SER SER B . n 
B 1 53 SER 53 159 159 SER SER B . n 
B 1 54 ARG 54 160 160 ARG ARG B . n 
B 1 55 TYR 55 161 161 TYR TYR B . n 
B 1 56 ARG 56 162 162 ARG ARG B . n 
B 1 57 LEU 57 163 163 LEU LEU B . n 
B 1 58 LYS 58 164 164 LYS LYS B . n 
B 1 59 PRO 59 165 165 PRO PRO B . n 
B 1 60 HIS 60 166 ?   ?   ?   B . n 
B 1 61 LEU 61 167 ?   ?   ?   B . n 
B 1 62 GLU 62 168 ?   ?   ?   B . n 
B 1 63 HIS 63 169 ?   ?   ?   B . n 
B 1 64 HIS 64 170 ?   ?   ?   B . n 
B 1 65 HIS 65 171 ?   ?   ?   B . n 
B 1 66 HIS 66 172 ?   ?   ?   B . n 
B 1 67 HIS 67 173 ?   ?   ?   B . n 
B 1 68 HIS 68 174 ?   ?   ?   B . n 
# 
loop_
_pdbx_nonpoly_scheme.asym_id 
_pdbx_nonpoly_scheme.entity_id 
_pdbx_nonpoly_scheme.mon_id 
_pdbx_nonpoly_scheme.ndb_seq_num 
_pdbx_nonpoly_scheme.pdb_seq_num 
_pdbx_nonpoly_scheme.auth_seq_num 
_pdbx_nonpoly_scheme.pdb_mon_id 
_pdbx_nonpoly_scheme.auth_mon_id 
_pdbx_nonpoly_scheme.pdb_strand_id 
_pdbx_nonpoly_scheme.pdb_ins_code 
C 2 FLC 1  1   1  FLC FLC A . 
D 2 FLC 1  2   2  FLC FLC A . 
E 3 HOH 1  3   3  HOH HOH A . 
E 3 HOH 2  5   5  HOH HOH A . 
E 3 HOH 3  6   6  HOH HOH A . 
E 3 HOH 4  7   7  HOH HOH A . 
E 3 HOH 5  8   8  HOH HOH A . 
E 3 HOH 6  9   9  HOH HOH A . 
E 3 HOH 7  10  10 HOH HOH A . 
E 3 HOH 8  11  11 HOH HOH A . 
E 3 HOH 9  12  12 HOH HOH A . 
E 3 HOH 10 19  19 HOH HOH A . 
E 3 HOH 11 21  21 HOH HOH A . 
E 3 HOH 12 22  22 HOH HOH A . 
E 3 HOH 13 23  23 HOH HOH A . 
E 3 HOH 14 26  26 HOH HOH A . 
E 3 HOH 15 30  30 HOH HOH A . 
E 3 HOH 16 35  35 HOH HOH A . 
E 3 HOH 17 39  39 HOH HOH A . 
E 3 HOH 18 42  42 HOH HOH A . 
E 3 HOH 19 53  53 HOH HOH A . 
E 3 HOH 20 58  58 HOH HOH A . 
E 3 HOH 21 63  63 HOH HOH A . 
E 3 HOH 22 64  64 HOH HOH A . 
E 3 HOH 23 175 1  HOH HOH A . 
F 3 HOH 1  2   2  HOH HOH B . 
F 3 HOH 2  13  13 HOH HOH B . 
F 3 HOH 3  14  14 HOH HOH B . 
F 3 HOH 4  15  15 HOH HOH B . 
F 3 HOH 5  16  16 HOH HOH B . 
F 3 HOH 6  17  17 HOH HOH B . 
F 3 HOH 7  18  18 HOH HOH B . 
F 3 HOH 8  20  20 HOH HOH B . 
F 3 HOH 9  25  25 HOH HOH B . 
F 3 HOH 10 27  27 HOH HOH B . 
F 3 HOH 11 28  28 HOH HOH B . 
F 3 HOH 12 31  31 HOH HOH B . 
F 3 HOH 13 32  32 HOH HOH B . 
F 3 HOH 14 33  33 HOH HOH B . 
F 3 HOH 15 34  34 HOH HOH B . 
F 3 HOH 16 36  36 HOH HOH B . 
F 3 HOH 17 38  38 HOH HOH B . 
F 3 HOH 18 40  40 HOH HOH B . 
F 3 HOH 19 44  44 HOH HOH B . 
F 3 HOH 20 45  45 HOH HOH B . 
F 3 HOH 21 46  46 HOH HOH B . 
F 3 HOH 22 47  47 HOH HOH B . 
F 3 HOH 23 48  48 HOH HOH B . 
F 3 HOH 24 49  49 HOH HOH B . 
F 3 HOH 25 52  52 HOH HOH B . 
F 3 HOH 26 54  54 HOH HOH B . 
F 3 HOH 27 55  55 HOH HOH B . 
F 3 HOH 28 56  56 HOH HOH B . 
F 3 HOH 29 57  57 HOH HOH B . 
F 3 HOH 30 59  59 HOH HOH B . 
F 3 HOH 31 60  60 HOH HOH B . 
F 3 HOH 32 61  61 HOH HOH B . 
F 3 HOH 33 65  65 HOH HOH B . 
# 
loop_
_software.pdbx_ordinal 
_software.name 
_software.version 
_software.date 
_software.type 
_software.contact_author 
_software.contact_author_email 
_software.classification 
_software.location 
_software.language 
_software.citation_id 
1 DENZO       .       ?               package 'Zbyszek Otwinowski' hkl@hkl-xray.com       'data reduction'  
http://www.hkl-xray.com/                     ?          ? 
2 SCALEPACK   .       ?               package 'Zbyszek Otwinowski' hkl@hkl-xray.com       'data scaling'    
http://www.hkl-xray.com/                     ?          ? 
3 MLPHARE     .       ?               other   'Eleanor J. Dodson'  ccp4@ccp4.ac.uk        phasing           
http://www.ccp4.ac.uk/dist/html/mlphare.html Fortran_77 ? 
4 DM          6.1     ?               program 'Kevin Cowtan'       kowtan@ysbl.york.ac.uk phasing           
http://www.ccp4.ac.uk/dist/html/dm.html      Fortran_77 ? 
5 REFMAC      .       ?               program 'Garib N. Murshudov' garib@ysbl.york.ac.uk  refinement        
http://www.ccp4.ac.uk/dist/html/refmac5.html Fortran_77 ? 
6 PDB_EXTRACT 3.005   'June 11, 2008' package PDB                  help@deposit.rcsb.org  'data extraction' 
http://sw-tools.pdb.org/apps/PDB_EXTRACT/    C++        ? 
7 ADSC        Quantum ?               ?       ?                    ?                      'data collection' ? ?          ? 
# 
_cell.length_a           65.345 
_cell.length_b           65.345 
_cell.length_c           146.772 
_cell.angle_alpha        90.000 
_cell.angle_beta         90.000 
_cell.angle_gamma        120.000 
_cell.entry_id           3I71 
_cell.pdbx_unique_axis   ? 
_cell.Z_PDB              24 
_cell.length_a_esd       ? 
_cell.length_b_esd       ? 
_cell.length_c_esd       ? 
_cell.angle_alpha_esd    ? 
_cell.angle_beta_esd     ? 
_cell.angle_gamma_esd    ? 
# 
_symmetry.space_group_name_H-M             'P 61 2 2' 
_symmetry.entry_id                         3I71 
_symmetry.Int_Tables_number                178 
_symmetry.pdbx_full_space_group_name_H-M   ? 
_symmetry.cell_setting                     ? 
_symmetry.space_group_name_Hall            ? 
# 
_exptl.crystals_number   1 
_exptl.entry_id          3I71 
_exptl.method            'X-RAY DIFFRACTION' 
# 
_exptl_crystal.id                    1 
_exptl_crystal.density_Matthews      2.92 
_exptl_crystal.density_meas          ? 
_exptl_crystal.density_percent_sol   57.84 
_exptl_crystal.description           ? 
_exptl_crystal.F_000                 ? 
_exptl_crystal.preparation           ? 
# 
_exptl_crystal_grow.crystal_id      1 
_exptl_crystal_grow.method          'VAPOR DIFFUSION, HANGING DROP' 
_exptl_crystal_grow.pH              5.4 
_exptl_crystal_grow.temp            298 
_exptl_crystal_grow.pdbx_details    
'0.1M sodium citrate, 20.4% PEG4000, 16% isopropanol, pH 5.4, VAPOR DIFFUSION, HANGING DROP, temperature 298K' 
_exptl_crystal_grow.temp_details    ? 
_exptl_crystal_grow.pdbx_pH_range   ? 
# 
_diffrn.id                     1 
_diffrn.ambient_temp           100 
_diffrn.ambient_temp_details   ? 
_diffrn.crystal_id             1 
# 
_diffrn_detector.diffrn_id              1 
_diffrn_detector.detector               CCD 
_diffrn_detector.type                   'ADSC QUANTUM 315' 
_diffrn_detector.pdbx_collection_date   2009-06-07 
_diffrn_detector.details                ? 
# 
_diffrn_radiation.diffrn_id                        1 
_diffrn_radiation.pdbx_diffrn_protocol             'SINGLE WAVELENGTH' 
_diffrn_radiation.monochromator                    ? 
_diffrn_radiation.wavelength_id                    1 
_diffrn_radiation.pdbx_monochromatic_or_laue_m_l   M 
_diffrn_radiation.pdbx_scattering_type             x-ray 
# 
_diffrn_radiation_wavelength.id           1 
_diffrn_radiation_wavelength.wavelength   0.9717 
_diffrn_radiation_wavelength.wt           1.0 
# 
_diffrn_source.diffrn_id                   1 
_diffrn_source.source                      SYNCHROTRON 
_diffrn_source.type                        'APS BEAMLINE 24-ID-C' 
_diffrn_source.pdbx_wavelength_list        0.9717 
_diffrn_source.pdbx_wavelength             ? 
_diffrn_source.pdbx_synchrotron_site       APS 
_diffrn_source.pdbx_synchrotron_beamline   24-ID-C 
# 
_reflns.entry_id                     3I71 
_reflns.d_resolution_high            2.100 
_reflns.d_resolution_low             90.000 
_reflns.number_obs                   11489 
_reflns.pdbx_Rmerge_I_obs            0.070 
_reflns.pdbx_netI_over_sigmaI        13.400 
_reflns.pdbx_chi_squared             1.031 
_reflns.pdbx_redundancy              19.700 
_reflns.percent_possible_obs         99.900 
_reflns.observed_criterion_sigma_F   ? 
_reflns.observed_criterion_sigma_I   ? 
_reflns.number_all                   ? 
_reflns.pdbx_Rsym_value              ? 
_reflns.B_iso_Wilson_estimate        ? 
_reflns.R_free_details               ? 
_reflns.limit_h_max                  ? 
_reflns.limit_h_min                  ? 
_reflns.limit_k_max                  ? 
_reflns.limit_k_min                  ? 
_reflns.limit_l_max                  ? 
_reflns.limit_l_min                  ? 
_reflns.observed_criterion_F_max     ? 
_reflns.observed_criterion_F_min     ? 
_reflns.pdbx_scaling_rejects         ? 
_reflns.pdbx_ordinal                 1 
_reflns.pdbx_diffrn_id               1 
# 
loop_
_reflns_shell.d_res_high 
_reflns_shell.d_res_low 
_reflns_shell.number_measured_obs 
_reflns_shell.number_measured_all 
_reflns_shell.number_unique_obs 
_reflns_shell.Rmerge_I_obs 
_reflns_shell.meanI_over_sigI_obs 
_reflns_shell.pdbx_Rsym_value 
_reflns_shell.pdbx_chi_squared 
_reflns_shell.pdbx_redundancy 
_reflns_shell.percent_possible_obs 
_reflns_shell.number_unique_all 
_reflns_shell.percent_possible_all 
_reflns_shell.pdbx_ordinal 
_reflns_shell.pdbx_diffrn_id 
2.10 2.18  ? ? ? 0.326 ? ? 0.999 20.30 ? 1113 100.00 1  1 
2.18 2.26  ? ? ? 0.274 ? ? 1.040 20.40 ? 1116 100.00 2  1 
2.26 2.37  ? ? ? 0.207 ? ? 1.056 20.40 ? 1099 100.00 3  1 
2.37 2.49  ? ? ? 0.166 ? ? 1.065 20.40 ? 1115 100.00 4  1 
2.49 2.65  ? ? ? 0.133 ? ? 1.037 20.30 ? 1123 100.00 5  1 
2.65 2.85  ? ? ? 0.106 ? ? 1.044 20.20 ? 1137 100.00 6  1 
2.85 3.14  ? ? ? 0.090 ? ? 0.992 20.00 ? 1149 100.00 7  1 
3.14 3.59  ? ? ? 0.079 ? ? 1.078 19.60 ? 1148 100.00 8  1 
3.59 4.52  ? ? ? 0.058 ? ? 1.045 18.90 ? 1189 100.00 9  1 
4.52 90.00 ? ? ? 0.045 ? ? 0.959 17.40 ? 1300 99.30  10 1 
# 
_refine.entry_id                                 3I71 
_refine.ls_d_res_high                            2.100 
_refine.ls_d_res_low                             44.81 
_refine.pdbx_ls_sigma_F                          0.00 
_refine.pdbx_data_cutoff_high_absF               ? 
_refine.pdbx_data_cutoff_low_absF                ? 
_refine.ls_percent_reflns_obs                    99.760 
_refine.ls_number_reflns_obs                     11420 
_refine.ls_number_reflns_all                     ? 
_refine.pdbx_ls_cross_valid_method               THROUGHOUT 
_refine.pdbx_R_Free_selection_details            RANDOM 
_refine.details                                  'HYDROGENS HAVE BEEN ADDED IN THE RIDING POSITIONS; U VALUES: RESIDUAL ONLY' 
_refine.ls_R_factor_all                          ? 
_refine.ls_R_factor_obs                          0.207 
_refine.ls_R_factor_R_work                       0.206 
_refine.ls_wR_factor_R_work                      0.221 
_refine.ls_R_factor_R_free                       0.230 
_refine.ls_wR_factor_R_free                      0.241 
_refine.ls_percent_reflns_R_free                 4.800 
_refine.ls_number_reflns_R_free                  546 
_refine.ls_R_factor_R_free_error                 ? 
_refine.B_iso_mean                               38.226 
_refine.solvent_model_param_bsol                 ? 
_refine.solvent_model_param_ksol                 ? 
_refine.pdbx_isotropic_thermal_model             ? 
_refine.aniso_B[1][1]                            1.010 
_refine.aniso_B[2][2]                            1.010 
_refine.aniso_B[3][3]                            -1.520 
_refine.aniso_B[1][2]                            0.510 
_refine.aniso_B[1][3]                            0.000 
_refine.aniso_B[2][3]                            0.000 
_refine.correlation_coeff_Fo_to_Fc               0.944 
_refine.correlation_coeff_Fo_to_Fc_free          0.933 
_refine.overall_SU_R_Cruickshank_DPI             0.164 
_refine.overall_SU_R_free                        0.147 
_refine.pdbx_overall_ESU_R                       0.164 
_refine.pdbx_overall_ESU_R_Free                  0.146 
_refine.overall_SU_ML                            0.094 
_refine.overall_SU_B                             7.588 
_refine.solvent_model_details                    MASK 
_refine.pdbx_solvent_vdw_probe_radii             1.400 
_refine.pdbx_solvent_ion_probe_radii             0.800 
_refine.pdbx_solvent_shrinkage_radii             0.800 
_refine.ls_number_parameters                     ? 
_refine.ls_number_restraints                     ? 
_refine.pdbx_starting_model                      ? 
_refine.pdbx_method_to_determine_struct          SIRAS 
_refine.pdbx_stereochemistry_target_values       'MAXIMUM LIKELIHOOD' 
_refine.pdbx_stereochem_target_val_spec_case     ? 
_refine.overall_FOM_work_R_set                   0.848 
_refine.B_iso_max                                95.21 
_refine.B_iso_min                                15.01 
_refine.occupancy_max                            1.00 
_refine.occupancy_min                            0.50 
_refine.pdbx_ls_sigma_I                          ? 
_refine.ls_redundancy_reflns_obs                 ? 
_refine.ls_R_factor_R_free_error_details         ? 
_refine.pdbx_data_cutoff_high_rms_absF           ? 
_refine.overall_FOM_free_R_set                   ? 
_refine.pdbx_overall_phase_error                 ? 
_refine.pdbx_refine_id                           'X-RAY DIFFRACTION' 
_refine.pdbx_TLS_residual_ADP_flag               'LIKELY RESIDUAL' 
_refine.pdbx_diffrn_id                           1 
_refine.pdbx_overall_SU_R_free_Cruickshank_DPI   ? 
_refine.pdbx_overall_SU_R_Blow_DPI               ? 
_refine.pdbx_overall_SU_R_free_Blow_DPI          ? 
# 
_refine_hist.pdbx_refine_id                   'X-RAY DIFFRACTION' 
_refine_hist.cycle_id                         LAST 
_refine_hist.pdbx_number_atoms_protein        886 
_refine_hist.pdbx_number_atoms_nucleic_acid   0 
_refine_hist.pdbx_number_atoms_ligand         26 
_refine_hist.number_atoms_solvent             56 
_refine_hist.number_atoms_total               968 
_refine_hist.d_res_high                       2.100 
_refine_hist.d_res_low                        44.81 
# 
loop_
_refine_ls_restr.type 
_refine_ls_restr.number 
_refine_ls_restr.dev_ideal 
_refine_ls_restr.dev_ideal_target 
_refine_ls_restr.weight 
_refine_ls_restr.pdbx_refine_id 
_refine_ls_restr.pdbx_restraint_function 
r_bond_refined_d       924  0.015  0.021  ? 'X-RAY DIFFRACTION' ? 
r_bond_other_d         658  0.001  0.020  ? 'X-RAY DIFFRACTION' ? 
r_angle_refined_deg    1243 1.435  2.003  ? 'X-RAY DIFFRACTION' ? 
r_angle_other_deg      1582 0.818  3.000  ? 'X-RAY DIFFRACTION' ? 
r_dihedral_angle_1_deg 112  5.567  5.000  ? 'X-RAY DIFFRACTION' ? 
r_dihedral_angle_2_deg 39   36.288 21.282 ? 'X-RAY DIFFRACTION' ? 
r_dihedral_angle_3_deg 162  17.653 15.000 ? 'X-RAY DIFFRACTION' ? 
r_dihedral_angle_4_deg 12   18.456 15.000 ? 'X-RAY DIFFRACTION' ? 
r_chiral_restr         136  0.084  0.200  ? 'X-RAY DIFFRACTION' ? 
r_gen_planes_refined   1016 0.005  0.020  ? 'X-RAY DIFFRACTION' ? 
r_gen_planes_other     198  0.001  0.020  ? 'X-RAY DIFFRACTION' ? 
r_mcbond_it            568  2.138  1.500  ? 'X-RAY DIFFRACTION' ? 
r_mcbond_other         234  0.658  1.500  ? 'X-RAY DIFFRACTION' ? 
r_mcangle_it           897  3.906  2.000  ? 'X-RAY DIFFRACTION' ? 
r_scbond_it            356  5.321  3.000  ? 'X-RAY DIFFRACTION' ? 
r_scangle_it           346  8.834  4.500  ? 'X-RAY DIFFRACTION' ? 
# 
_refine_ls_shell.d_res_high                       2.10 
_refine_ls_shell.d_res_low                        2.157 
_refine_ls_shell.pdbx_total_number_of_bins_used   20 
_refine_ls_shell.percent_reflns_obs               99.140 
_refine_ls_shell.number_reflns_R_work             768 
_refine_ls_shell.R_factor_all                     ? 
_refine_ls_shell.R_factor_R_work                  0.200 
_refine_ls_shell.R_factor_R_free                  0.252 
_refine_ls_shell.percent_reflns_R_free            ? 
_refine_ls_shell.number_reflns_R_free             41 
_refine_ls_shell.R_factor_R_free_error            ? 
_refine_ls_shell.number_reflns_all                809 
_refine_ls_shell.number_reflns_obs                ? 
_refine_ls_shell.redundancy_reflns_obs            ? 
_refine_ls_shell.pdbx_refine_id                   'X-RAY DIFFRACTION' 
# 
_struct.entry_id                  3I71 
_struct.title                     'Ethanolamine Utilization Microcompartment Shell Subunit, EutK C-terminal domain' 
_struct.pdbx_model_details        ? 
_struct.pdbx_CASP_flag            ? 
_struct.pdbx_model_type_details   ? 
# 
_struct_keywords.entry_id        3I71 
_struct_keywords.text            'helix-turn-helix, UNKNOWN FUNCTION' 
_struct_keywords.pdbx_keywords   'UNKNOWN FUNCTION' 
# 
loop_
_struct_asym.id 
_struct_asym.pdbx_blank_PDB_chainid_flag 
_struct_asym.pdbx_modified 
_struct_asym.entity_id 
_struct_asym.details 
A N N 1 ? 
B N N 1 ? 
C N N 2 ? 
D N N 2 ? 
E N N 3 ? 
F N N 3 ? 
# 
_struct_ref.id                         1 
_struct_ref.db_name                    UNP 
_struct_ref.db_code                    EUTK_ECOLI 
_struct_ref.pdbx_db_accession          P76540 
_struct_ref.entity_id                  1 
_struct_ref.pdbx_seq_one_letter_code   AESADELLALLTSVRQGMTAGEVAAHFGWPLEKARNALEQLFSAGTLRKRSSRYRLKPH 
_struct_ref.pdbx_align_begin           108 
_struct_ref.pdbx_db_isoform            ? 
# 
loop_
_struct_ref_seq.align_id 
_struct_ref_seq.ref_id 
_struct_ref_seq.pdbx_PDB_id_code 
_struct_ref_seq.pdbx_strand_id 
_struct_ref_seq.seq_align_beg 
_struct_ref_seq.pdbx_seq_align_beg_ins_code 
_struct_ref_seq.seq_align_end 
_struct_ref_seq.pdbx_seq_align_end_ins_code 
_struct_ref_seq.pdbx_db_accession 
_struct_ref_seq.db_align_beg 
_struct_ref_seq.pdbx_db_align_beg_ins_code 
_struct_ref_seq.db_align_end 
_struct_ref_seq.pdbx_db_align_end_ins_code 
_struct_ref_seq.pdbx_auth_seq_align_beg 
_struct_ref_seq.pdbx_auth_seq_align_end 
1 1 3I71 A 2 ? 60 ? P76540 108 ? 166 ? 108 166 
2 1 3I71 B 2 ? 60 ? P76540 108 ? 166 ? 108 166 
# 
loop_
_struct_ref_seq_dif.align_id 
_struct_ref_seq_dif.pdbx_pdb_id_code 
_struct_ref_seq_dif.mon_id 
_struct_ref_seq_dif.pdbx_pdb_strand_id 
_struct_ref_seq_dif.seq_num 
_struct_ref_seq_dif.pdbx_pdb_ins_code 
_struct_ref_seq_dif.pdbx_seq_db_name 
_struct_ref_seq_dif.pdbx_seq_db_accession_code 
_struct_ref_seq_dif.db_mon_id 
_struct_ref_seq_dif.pdbx_seq_db_seq_num 
_struct_ref_seq_dif.details 
_struct_ref_seq_dif.pdbx_auth_seq_num 
_struct_ref_seq_dif.pdbx_ordinal 
1 3I71 MET A 1  ? UNP P76540 ? ? 'initiating methionine' 107 1  
1 3I71 LEU A 61 ? UNP P76540 ? ? 'expression tag'        167 2  
1 3I71 GLU A 62 ? UNP P76540 ? ? 'expression tag'        168 3  
1 3I71 HIS A 63 ? UNP P76540 ? ? 'expression tag'        169 4  
1 3I71 HIS A 64 ? UNP P76540 ? ? 'expression tag'        170 5  
1 3I71 HIS A 65 ? UNP P76540 ? ? 'expression tag'        171 6  
1 3I71 HIS A 66 ? UNP P76540 ? ? 'expression tag'        172 7  
1 3I71 HIS A 67 ? UNP P76540 ? ? 'expression tag'        173 8  
1 3I71 HIS A 68 ? UNP P76540 ? ? 'expression tag'        174 9  
2 3I71 MET B 1  ? UNP P76540 ? ? 'initiating methionine' 107 10 
2 3I71 LEU B 61 ? UNP P76540 ? ? 'expression tag'        167 11 
2 3I71 GLU B 62 ? UNP P76540 ? ? 'expression tag'        168 12 
2 3I71 HIS B 63 ? UNP P76540 ? ? 'expression tag'        169 13 
2 3I71 HIS B 64 ? UNP P76540 ? ? 'expression tag'        170 14 
2 3I71 HIS B 65 ? UNP P76540 ? ? 'expression tag'        171 15 
2 3I71 HIS B 66 ? UNP P76540 ? ? 'expression tag'        172 16 
2 3I71 HIS B 67 ? UNP P76540 ? ? 'expression tag'        173 17 
2 3I71 HIS B 68 ? UNP P76540 ? ? 'expression tag'        174 18 
# 
loop_
_pdbx_struct_assembly.id 
_pdbx_struct_assembly.details 
_pdbx_struct_assembly.method_details 
_pdbx_struct_assembly.oligomeric_details 
_pdbx_struct_assembly.oligomeric_count 
1 software_defined_assembly PISA tetrameric 4 
2 software_defined_assembly PISA dimeric    2 
3 software_defined_assembly PISA monomeric  1 
4 software_defined_assembly PISA dimeric    2 
# 
loop_
_pdbx_struct_assembly_prop.biol_id 
_pdbx_struct_assembly_prop.type 
_pdbx_struct_assembly_prop.value 
_pdbx_struct_assembly_prop.details 
1 'ABSA (A^2)' 7850  ? 
1 MORE         -41   ? 
1 'SSA (A^2)'  13180 ? 
2 'ABSA (A^2)' 2900  ? 
2 MORE         -8    ? 
2 'SSA (A^2)'  7620  ? 
4 'ABSA (A^2)' 1800  ? 
4 MORE         -20   ? 
4 'SSA (A^2)'  9160  ? 
# 
loop_
_pdbx_struct_assembly_gen.assembly_id 
_pdbx_struct_assembly_gen.oper_expression 
_pdbx_struct_assembly_gen.asym_id_list 
1 1,2 A,B,C,D,E,F 
2 1   A,B,C,D,E,F 
3 1   A,C,D,E     
4 1,2 B,F         
# 
loop_
_pdbx_struct_oper_list.id 
_pdbx_struct_oper_list.type 
_pdbx_struct_oper_list.name 
_pdbx_struct_oper_list.symmetry_operation 
_pdbx_struct_oper_list.matrix[1][1] 
_pdbx_struct_oper_list.matrix[1][2] 
_pdbx_struct_oper_list.matrix[1][3] 
_pdbx_struct_oper_list.vector[1] 
_pdbx_struct_oper_list.matrix[2][1] 
_pdbx_struct_oper_list.matrix[2][2] 
_pdbx_struct_oper_list.matrix[2][3] 
_pdbx_struct_oper_list.vector[2] 
_pdbx_struct_oper_list.matrix[3][1] 
_pdbx_struct_oper_list.matrix[3][2] 
_pdbx_struct_oper_list.matrix[3][3] 
_pdbx_struct_oper_list.vector[3] 
1 'identity operation'         1_555  x,y,z        1.0000000000  0.0000000000 0.0000000000  0.0000000000   0.0000000000 1.0000000000  0.0000000000  0.0000000000 0.0000000000  0.0000000000  1.0000000000 0.0000000000   
2 'crystal symmetry operation' 10_554 -y,-x,-z-1/6 -0.7577263945 0.1139595680 -0.6425448841 -35.5335577308 0.1139595680 -0.9463962114 -0.3022373701 5.3510426925 -0.6425448841 -0.3022373701 0.7041226059 -12.4489990267 
# 
_struct_biol.id        1 
_struct_biol.details   ? 
# 
loop_
_struct_conf.conf_type_id 
_struct_conf.id 
_struct_conf.pdbx_PDB_helix_id 
_struct_conf.beg_label_comp_id 
_struct_conf.beg_label_asym_id 
_struct_conf.beg_label_seq_id 
_struct_conf.pdbx_beg_PDB_ins_code 
_struct_conf.end_label_comp_id 
_struct_conf.end_label_asym_id 
_struct_conf.end_label_seq_id 
_struct_conf.pdbx_end_PDB_ins_code 
_struct_conf.beg_auth_comp_id 
_struct_conf.beg_auth_asym_id 
_struct_conf.beg_auth_seq_id 
_struct_conf.end_auth_comp_id 
_struct_conf.end_auth_asym_id 
_struct_conf.end_auth_seq_id 
_struct_conf.pdbx_PDB_helix_class 
_struct_conf.details 
_struct_conf.pdbx_PDB_helix_length 
HELX_P HELX_P1 1 ALA A 5  ? VAL A 15 ? ALA A 111 VAL A 121 1 ? 11 
HELX_P HELX_P2 2 THR A 20 ? GLY A 29 ? THR A 126 GLY A 135 1 ? 10 
HELX_P HELX_P3 3 PRO A 31 ? ALA A 45 ? PRO A 137 ALA A 151 1 ? 15 
HELX_P HELX_P4 4 ALA B 2  ? GLY B 18 ? ALA B 108 GLY B 124 1 ? 17 
HELX_P HELX_P5 5 THR B 20 ? GLY B 29 ? THR B 126 GLY B 135 1 ? 10 
HELX_P HELX_P6 6 PRO B 31 ? ALA B 45 ? PRO B 137 ALA B 151 1 ? 15 
# 
_struct_conf_type.id          HELX_P 
_struct_conf_type.criteria    ? 
_struct_conf_type.reference   ? 
# 
loop_
_struct_sheet.id 
_struct_sheet.type 
_struct_sheet.number_strands 
_struct_sheet.details 
A ? 2 ? 
B ? 2 ? 
# 
loop_
_struct_sheet_order.sheet_id 
_struct_sheet_order.range_id_1 
_struct_sheet_order.range_id_2 
_struct_sheet_order.offset 
_struct_sheet_order.sense 
A 1 2 ? anti-parallel 
B 1 2 ? anti-parallel 
# 
loop_
_struct_sheet_range.sheet_id 
_struct_sheet_range.id 
_struct_sheet_range.beg_label_comp_id 
_struct_sheet_range.beg_label_asym_id 
_struct_sheet_range.beg_label_seq_id 
_struct_sheet_range.pdbx_beg_PDB_ins_code 
_struct_sheet_range.end_label_comp_id 
_struct_sheet_range.end_label_asym_id 
_struct_sheet_range.end_label_seq_id 
_struct_sheet_range.pdbx_end_PDB_ins_code 
_struct_sheet_range.beg_auth_comp_id 
_struct_sheet_range.beg_auth_asym_id 
_struct_sheet_range.beg_auth_seq_id 
_struct_sheet_range.end_auth_comp_id 
_struct_sheet_range.end_auth_asym_id 
_struct_sheet_range.end_auth_seq_id 
A 1 LEU A 48 ? ARG A 51 ? LEU A 154 ARG A 157 
A 2 ARG B 54 ? LEU B 57 ? ARG B 160 LEU B 163 
B 1 ARG A 54 ? LEU A 57 ? ARG A 160 LEU A 163 
B 2 LEU B 48 ? ARG B 51 ? LEU B 154 ARG B 157 
# 
loop_
_pdbx_struct_sheet_hbond.sheet_id 
_pdbx_struct_sheet_hbond.range_id_1 
_pdbx_struct_sheet_hbond.range_id_2 
_pdbx_struct_sheet_hbond.range_1_label_atom_id 
_pdbx_struct_sheet_hbond.range_1_label_comp_id 
_pdbx_struct_sheet_hbond.range_1_label_asym_id 
_pdbx_struct_sheet_hbond.range_1_label_seq_id 
_pdbx_struct_sheet_hbond.range_1_PDB_ins_code 
_pdbx_struct_sheet_hbond.range_1_auth_atom_id 
_pdbx_struct_sheet_hbond.range_1_auth_comp_id 
_pdbx_struct_sheet_hbond.range_1_auth_asym_id 
_pdbx_struct_sheet_hbond.range_1_auth_seq_id 
_pdbx_struct_sheet_hbond.range_2_label_atom_id 
_pdbx_struct_sheet_hbond.range_2_label_comp_id 
_pdbx_struct_sheet_hbond.range_2_label_asym_id 
_pdbx_struct_sheet_hbond.range_2_label_seq_id 
_pdbx_struct_sheet_hbond.range_2_PDB_ins_code 
_pdbx_struct_sheet_hbond.range_2_auth_atom_id 
_pdbx_struct_sheet_hbond.range_2_auth_comp_id 
_pdbx_struct_sheet_hbond.range_2_auth_asym_id 
_pdbx_struct_sheet_hbond.range_2_auth_seq_id 
A 1 2 N ARG A 49 ? N ARG A 155 O ARG B 56 ? O ARG B 162 
B 1 2 N ARG A 56 ? N ARG A 162 O ARG B 49 ? O ARG B 155 
# 
loop_
_struct_site.id 
_struct_site.pdbx_evidence_code 
_struct_site.pdbx_auth_asym_id 
_struct_site.pdbx_auth_comp_id 
_struct_site.pdbx_auth_seq_id 
_struct_site.pdbx_auth_ins_code 
_struct_site.pdbx_num_residues 
_struct_site.details 
AC1 Software A FLC 1 ? 6 'BINDING SITE FOR RESIDUE FLC A 1' 
AC2 Software A FLC 2 ? 7 'BINDING SITE FOR RESIDUE FLC A 2' 
# 
loop_
_struct_site_gen.id 
_struct_site_gen.site_id 
_struct_site_gen.pdbx_num_res 
_struct_site_gen.label_comp_id 
_struct_site_gen.label_asym_id 
_struct_site_gen.label_seq_id 
_struct_site_gen.pdbx_auth_ins_code 
_struct_site_gen.auth_comp_id 
_struct_site_gen.auth_asym_id 
_struct_site_gen.auth_seq_id 
_struct_site_gen.label_atom_id 
_struct_site_gen.label_alt_id 
_struct_site_gen.symmetry 
_struct_site_gen.details 
1  AC1 6 HOH E .  ? HOH A 42  . ? 1_555  ? 
2  AC1 6 HOH E .  ? HOH A 53  . ? 1_555  ? 
3  AC1 6 LYS A 50 ? LYS A 156 . ? 1_555  ? 
4  AC1 6 SER A 53 ? SER A 159 . ? 1_555  ? 
5  AC1 6 HOH F .  ? HOH B 31  . ? 8_555  ? 
6  AC1 6 LYS B 50 ? LYS B 156 . ? 1_555  ? 
7  AC2 7 HOH E .  ? HOH A 23  . ? 1_555  ? 
8  AC2 7 GLY A 46 ? GLY A 152 . ? 12_545 ? 
9  AC2 7 LYS A 50 ? LYS A 156 . ? 1_555  ? 
10 AC2 7 ARG A 51 ? ARG A 157 . ? 1_555  ? 
11 AC2 7 SER A 52 ? SER A 158 . ? 1_555  ? 
12 AC2 7 ARG A 54 ? ARG A 160 . ? 1_555  ? 
13 AC2 7 LYS B 58 ? LYS B 164 . ? 12_545 ? 
# 
loop_
_pdbx_validate_torsion.id 
_pdbx_validate_torsion.PDB_model_num 
_pdbx_validate_torsion.auth_comp_id 
_pdbx_validate_torsion.auth_asym_id 
_pdbx_validate_torsion.auth_seq_id 
_pdbx_validate_torsion.PDB_ins_code 
_pdbx_validate_torsion.label_alt_id 
_pdbx_validate_torsion.phi 
_pdbx_validate_torsion.psi 
1 1 ALA A 111 ? ? -97.58 30.02 
2 1 VAL A 121 ? ? -69.74 91.39 
# 
_diffrn_reflns.diffrn_id                   1 
_diffrn_reflns.pdbx_d_res_high             2.350 
_diffrn_reflns.pdbx_d_res_low              80.000 
_diffrn_reflns.pdbx_number_obs             14853 
_diffrn_reflns.pdbx_Rmerge_I_obs           0.090 
_diffrn_reflns.pdbx_Rsym_value             ? 
_diffrn_reflns.pdbx_chi_squared            1.03 
_diffrn_reflns.av_sigmaI_over_netI         40.55 
_diffrn_reflns.pdbx_redundancy             20.80 
_diffrn_reflns.pdbx_percent_possible_obs   99.90 
_diffrn_reflns.number                      308327 
_diffrn_reflns.pdbx_observed_criterion     ? 
_diffrn_reflns.limit_h_max                 ? 
_diffrn_reflns.limit_h_min                 ? 
_diffrn_reflns.limit_k_max                 ? 
_diffrn_reflns.limit_k_min                 ? 
_diffrn_reflns.limit_l_max                 ? 
_diffrn_reflns.limit_l_min                 ? 
# 
loop_
_pdbx_diffrn_reflns_shell.diffrn_id 
_pdbx_diffrn_reflns_shell.d_res_high 
_pdbx_diffrn_reflns_shell.d_res_low 
_pdbx_diffrn_reflns_shell.number_obs 
_pdbx_diffrn_reflns_shell.rejects 
_pdbx_diffrn_reflns_shell.Rmerge_I_obs 
_pdbx_diffrn_reflns_shell.Rsym_value 
_pdbx_diffrn_reflns_shell.chi_squared 
_pdbx_diffrn_reflns_shell.redundancy 
_pdbx_diffrn_reflns_shell.percent_possible_obs 
1 5.06 80.00 ? ? 0.048 ? 1.017 21.90 99.40  
1 4.02 5.06  ? ? 0.059 ? 1.022 22.10 100.00 
1 3.51 4.02  ? ? 0.068 ? 0.979 21.10 100.00 
1 3.19 3.51  ? ? 0.087 ? 1.044 20.80 100.00 
1 2.96 3.19  ? ? 0.120 ? 1.059 20.60 100.00 
1 2.79 2.96  ? ? 0.157 ? 1.047 20.40 100.00 
1 2.65 2.79  ? ? 0.222 ? 1.033 20.30 100.00 
1 2.53 2.65  ? ? 0.309 ? 1.047 20.20 100.00 
1 2.43 2.53  ? ? 0.370 ? 1.045 20.10 100.00 
1 2.35 2.43  ? ? 0.480 ? 1.027 20.10 100.00 
# 
_pdbx_refine_tls.pdbx_refine_id   'X-RAY DIFFRACTION' 
_pdbx_refine_tls.id               1 
_pdbx_refine_tls.details          ? 
_pdbx_refine_tls.method           refined 
_pdbx_refine_tls.origin_x         -0.2749 
_pdbx_refine_tls.origin_y         -0.0721 
_pdbx_refine_tls.origin_z         0.3470 
_pdbx_refine_tls.T[1][1]          0.0477 
_pdbx_refine_tls.T[2][2]          0.0729 
_pdbx_refine_tls.T[3][3]          0.0201 
_pdbx_refine_tls.T[1][2]          0.0384 
_pdbx_refine_tls.T[1][3]          0.0066 
_pdbx_refine_tls.T[2][3]          -0.0119 
_pdbx_refine_tls.L[1][1]          1.8938 
_pdbx_refine_tls.L[2][2]          1.1213 
_pdbx_refine_tls.L[3][3]          0.8065 
_pdbx_refine_tls.L[1][2]          -0.3965 
_pdbx_refine_tls.L[1][3]          -0.0480 
_pdbx_refine_tls.L[2][3]          0.3879 
_pdbx_refine_tls.S[1][1]          -0.1341 
_pdbx_refine_tls.S[2][2]          0.1431 
_pdbx_refine_tls.S[3][3]          -0.0090 
_pdbx_refine_tls.S[1][2]          -0.0661 
_pdbx_refine_tls.S[1][3]          -0.0547 
_pdbx_refine_tls.S[2][3]          0.0628 
_pdbx_refine_tls.S[2][1]          0.0514 
_pdbx_refine_tls.S[3][1]          0.1109 
_pdbx_refine_tls.S[3][2]          0.1669 
# 
loop_
_pdbx_refine_tls_group.pdbx_refine_id 
_pdbx_refine_tls_group.id 
_pdbx_refine_tls_group.refine_tls_id 
_pdbx_refine_tls_group.beg_auth_asym_id 
_pdbx_refine_tls_group.beg_auth_seq_id 
_pdbx_refine_tls_group.end_auth_asym_id 
_pdbx_refine_tls_group.end_auth_seq_id 
_pdbx_refine_tls_group.selection_details 
_pdbx_refine_tls_group.beg_label_asym_id 
_pdbx_refine_tls_group.beg_label_seq_id 
_pdbx_refine_tls_group.end_label_asym_id 
_pdbx_refine_tls_group.end_label_seq_id 
_pdbx_refine_tls_group.selection 
'X-RAY DIFFRACTION' 1 1 A 109 A 165 ? . . . . ? 
'X-RAY DIFFRACTION' 2 1 B 108 B 165 ? . . . . ? 
# 
_pdbx_phasing_MAD_set.id                  1 
_pdbx_phasing_MAD_set.d_res_high          2.35 
_pdbx_phasing_MAD_set.d_res_low           20.00 
_pdbx_phasing_MAD_set.reflns_acentric     5227 
_pdbx_phasing_MAD_set.loc_acentric        15.000 
_pdbx_phasing_MAD_set.power_acentric      1.430 
_pdbx_phasing_MAD_set.R_cullis_acentric   0.880 
_pdbx_phasing_MAD_set.reflns_centric      1752 
_pdbx_phasing_MAD_set.loc_centric         24.400 
_pdbx_phasing_MAD_set.power_centric       1.170 
_pdbx_phasing_MAD_set.R_cullis_centric    0.930 
# 
loop_
_pdbx_phasing_MAD_set_shell.id 
_pdbx_phasing_MAD_set_shell.d_res_high 
_pdbx_phasing_MAD_set_shell.d_res_low 
_pdbx_phasing_MAD_set_shell.reflns_acentric 
_pdbx_phasing_MAD_set_shell.loc_acentric 
_pdbx_phasing_MAD_set_shell.power_acentric 
_pdbx_phasing_MAD_set_shell.R_cullis_acentric 
_pdbx_phasing_MAD_set_shell.reflns_centric 
_pdbx_phasing_MAD_set_shell.loc_centric 
_pdbx_phasing_MAD_set_shell.power_centric 
_pdbx_phasing_MAD_set_shell.R_cullis_centric 
1 10.32 20.00 41   49.800 1.980 1.090 93  64.300 1.420 1.470 
1 6.95  10.32 142  37.800 2.190 1.360 123 48.300 1.470 1.150 
1 5.24  6.95  298  28.400 2.170 1.130 170 34.900 1.640 0.940 
1 4.21  5.24  510  20.800 1.970 0.840 223 28.600 1.200 1.000 
1 3.51  4.21  793  17.700 1.450 0.760 274 22.400 1.100 0.690 
1 3.02  3.51  1131 14.300 1.150 0.800 316 17.800 0.790 0.790 
1 2.64  3.02  1510 10.100 0.890 0.860 381 12.700 0.660 0.820 
1 2.35  2.64  802  8.000  0.690 0.920 172 10.900 0.460 0.900 
# 
loop_
_pdbx_phasing_MAD_set_site.id 
_pdbx_phasing_MAD_set_site.atom_type_symbol 
_pdbx_phasing_MAD_set_site.fract_x 
_pdbx_phasing_MAD_set_site.fract_y 
_pdbx_phasing_MAD_set_site.fract_z 
_pdbx_phasing_MAD_set_site.b_iso 
_pdbx_phasing_MAD_set_site.occupancy 
1  I- 0.361 0.775 0.036 68.080 0.243 
2  I- 0.304 0.926 0.048 66.947 0.244 
3  I- 0.578 1.019 0.069 73.004 0.213 
4  I- 0.323 0.979 0.006 66.670 0.240 
5  I- 0.369 1.172 0.093 76.130 0.201 
6  I- 0.193 0.779 0.084 77.221 0.203 
7  I- 0.243 0.685 0.037 79.355 0.193 
8  I- 0.452 0.848 0.162 77.771 0.195 
9  I- 0.545 0.395 0.500 25.000 0.000 
10 I- 0.590 0.892 0.372 91.749 0.149 
11 I- 0.400 0.505 0.118 79.410 0.196 
# 
loop_
_pdbx_phasing_MAD_shell.d_res_high 
_pdbx_phasing_MAD_shell.d_res_low 
_pdbx_phasing_MAD_shell.reflns 
_pdbx_phasing_MAD_shell.fom 
_pdbx_phasing_MAD_shell.reflns_centric 
_pdbx_phasing_MAD_shell.fom_centric 
_pdbx_phasing_MAD_shell.reflns_acentric 
_pdbx_phasing_MAD_shell.fom_acentric 
10.32 20.00 134  0.425 93  0.394 41   0.498 
6.95  10.32 265  0.518 123 0.449 142  0.579 
5.24  6.95  468  0.543 170 0.545 298  0.542 
4.21  5.24  733  0.535 223 0.492 510  0.554 
3.51  4.21  1067 0.497 274 0.564 793  0.473 
3.02  3.51  1447 0.403 316 0.454 1131 0.389 
2.64  3.02  1891 0.311 381 0.389 1510 0.291 
2.35  2.64  974  0.228 172 0.324 802  0.207 
# 
_pdbx_phasing_dm.entry_id   3I71 
_pdbx_phasing_dm.method     'Solvent flattening  and Histogram matching' 
_pdbx_phasing_dm.reflns     6959 
# 
loop_
_pdbx_phasing_dm_shell.d_res_high 
_pdbx_phasing_dm_shell.d_res_low 
_pdbx_phasing_dm_shell.delta_phi_final 
_pdbx_phasing_dm_shell.delta_phi_initial 
_pdbx_phasing_dm_shell.fom_acentric 
_pdbx_phasing_dm_shell.fom_centric 
_pdbx_phasing_dm_shell.fom 
_pdbx_phasing_dm_shell.reflns_acentric 
_pdbx_phasing_dm_shell.reflns_centric 
_pdbx_phasing_dm_shell.reflns 
6.280 100.000 56.100 ? ? ? 0.783 ? ? 505 
4.920 6.280   49.200 ? ? ? 0.886 ? ? 506 
4.280 4.920   51.400 ? ? ? 0.914 ? ? 501 
3.860 4.280   43.400 ? ? ? 0.926 ? ? 509 
3.570 3.860   50.600 ? ? ? 0.907 ? ? 501 
3.350 3.570   54.000 ? ? ? 0.912 ? ? 501 
3.170 3.350   50.100 ? ? ? 0.790 ? ? 512 
3.030 3.170   58.700 ? ? ? 0.825 ? ? 505 
2.910 3.030   51.800 ? ? ? 0.847 ? ? 502 
2.810 2.910   67.300 ? ? ? 0.816 ? ? 503 
2.710 2.810   67.100 ? ? ? 0.793 ? ? 502 
2.630 2.710   67.500 ? ? ? 0.776 ? ? 511 
2.350 2.630   67.700 ? ? ? 0.697 ? ? 901 
# 
_phasing.method   SIRAS 
# 
_phasing_MAD.entry_id               3I71 
_phasing_MAD.pdbx_d_res_high        2.35 
_phasing_MAD.pdbx_d_res_low         20.00 
_phasing_MAD.pdbx_reflns            6979 
_phasing_MAD.pdbx_fom               0.396 
_phasing_MAD.pdbx_reflns_centric    1752 
_phasing_MAD.pdbx_fom_centric       0.455 
_phasing_MAD.pdbx_reflns_acentric   5227 
_phasing_MAD.pdbx_fom_acentric      0.376 
# 
loop_
_pdbx_unobs_or_zero_occ_residues.id 
_pdbx_unobs_or_zero_occ_residues.PDB_model_num 
_pdbx_unobs_or_zero_occ_residues.polymer_flag 
_pdbx_unobs_or_zero_occ_residues.occupancy_flag 
_pdbx_unobs_or_zero_occ_residues.auth_asym_id 
_pdbx_unobs_or_zero_occ_residues.auth_comp_id 
_pdbx_unobs_or_zero_occ_residues.auth_seq_id 
_pdbx_unobs_or_zero_occ_residues.PDB_ins_code 
_pdbx_unobs_or_zero_occ_residues.label_asym_id 
_pdbx_unobs_or_zero_occ_residues.label_comp_id 
_pdbx_unobs_or_zero_occ_residues.label_seq_id 
1  1 Y 1 A MET 107 ? A MET 1  
2  1 Y 1 A ALA 108 ? A ALA 2  
3  1 Y 1 A GLU 109 ? A GLU 3  
4  1 Y 1 A HIS 166 ? A HIS 60 
5  1 Y 1 A LEU 167 ? A LEU 61 
6  1 Y 1 A GLU 168 ? A GLU 62 
7  1 Y 1 A HIS 169 ? A HIS 63 
8  1 Y 1 A HIS 170 ? A HIS 64 
9  1 Y 1 A HIS 171 ? A HIS 65 
10 1 Y 1 A HIS 172 ? A HIS 66 
11 1 Y 1 A HIS 173 ? A HIS 67 
12 1 Y 1 A HIS 174 ? A HIS 68 
13 1 Y 1 B MET 107 ? B MET 1  
14 1 Y 1 B HIS 166 ? B HIS 60 
15 1 Y 1 B LEU 167 ? B LEU 61 
16 1 Y 1 B GLU 168 ? B GLU 62 
17 1 Y 1 B HIS 169 ? B HIS 63 
18 1 Y 1 B HIS 170 ? B HIS 64 
19 1 Y 1 B HIS 171 ? B HIS 65 
20 1 Y 1 B HIS 172 ? B HIS 66 
21 1 Y 1 B HIS 173 ? B HIS 67 
22 1 Y 1 B HIS 174 ? B HIS 68 
# 
loop_
_chem_comp_atom.comp_id 
_chem_comp_atom.atom_id 
_chem_comp_atom.type_symbol 
_chem_comp_atom.pdbx_aromatic_flag 
_chem_comp_atom.pdbx_stereo_config 
_chem_comp_atom.pdbx_ordinal 
ALA N    N N N 1   
ALA CA   C N S 2   
ALA C    C N N 3   
ALA O    O N N 4   
ALA CB   C N N 5   
ALA OXT  O N N 6   
ALA H    H N N 7   
ALA H2   H N N 8   
ALA HA   H N N 9   
ALA HB1  H N N 10  
ALA HB2  H N N 11  
ALA HB3  H N N 12  
ALA HXT  H N N 13  
ARG N    N N N 14  
ARG CA   C N S 15  
ARG C    C N N 16  
ARG O    O N N 17  
ARG CB   C N N 18  
ARG CG   C N N 19  
ARG CD   C N N 20  
ARG NE   N N N 21  
ARG CZ   C N N 22  
ARG NH1  N N N 23  
ARG NH2  N N N 24  
ARG OXT  O N N 25  
ARG H    H N N 26  
ARG H2   H N N 27  
ARG HA   H N N 28  
ARG HB2  H N N 29  
ARG HB3  H N N 30  
ARG HG2  H N N 31  
ARG HG3  H N N 32  
ARG HD2  H N N 33  
ARG HD3  H N N 34  
ARG HE   H N N 35  
ARG HH11 H N N 36  
ARG HH12 H N N 37  
ARG HH21 H N N 38  
ARG HH22 H N N 39  
ARG HXT  H N N 40  
ASN N    N N N 41  
ASN CA   C N S 42  
ASN C    C N N 43  
ASN O    O N N 44  
ASN CB   C N N 45  
ASN CG   C N N 46  
ASN OD1  O N N 47  
ASN ND2  N N N 48  
ASN OXT  O N N 49  
ASN H    H N N 50  
ASN H2   H N N 51  
ASN HA   H N N 52  
ASN HB2  H N N 53  
ASN HB3  H N N 54  
ASN HD21 H N N 55  
ASN HD22 H N N 56  
ASN HXT  H N N 57  
ASP N    N N N 58  
ASP CA   C N S 59  
ASP C    C N N 60  
ASP O    O N N 61  
ASP CB   C N N 62  
ASP CG   C N N 63  
ASP OD1  O N N 64  
ASP OD2  O N N 65  
ASP OXT  O N N 66  
ASP H    H N N 67  
ASP H2   H N N 68  
ASP HA   H N N 69  
ASP HB2  H N N 70  
ASP HB3  H N N 71  
ASP HD2  H N N 72  
ASP HXT  H N N 73  
FLC CAC  C N N 74  
FLC CA   C N N 75  
FLC CB   C N N 76  
FLC CBC  C N N 77  
FLC CG   C N N 78  
FLC CGC  C N N 79  
FLC OA1  O N N 80  
FLC OA2  O N N 81  
FLC OB1  O N N 82  
FLC OB2  O N N 83  
FLC OG1  O N N 84  
FLC OG2  O N N 85  
FLC OHB  O N N 86  
FLC HA1  H N N 87  
FLC HA2  H N N 88  
FLC HG1  H N N 89  
FLC HG2  H N N 90  
FLC HOB  H N N 91  
GLN N    N N N 92  
GLN CA   C N S 93  
GLN C    C N N 94  
GLN O    O N N 95  
GLN CB   C N N 96  
GLN CG   C N N 97  
GLN CD   C N N 98  
GLN OE1  O N N 99  
GLN NE2  N N N 100 
GLN OXT  O N N 101 
GLN H    H N N 102 
GLN H2   H N N 103 
GLN HA   H N N 104 
GLN HB2  H N N 105 
GLN HB3  H N N 106 
GLN HG2  H N N 107 
GLN HG3  H N N 108 
GLN HE21 H N N 109 
GLN HE22 H N N 110 
GLN HXT  H N N 111 
GLU N    N N N 112 
GLU CA   C N S 113 
GLU C    C N N 114 
GLU O    O N N 115 
GLU CB   C N N 116 
GLU CG   C N N 117 
GLU CD   C N N 118 
GLU OE1  O N N 119 
GLU OE2  O N N 120 
GLU OXT  O N N 121 
GLU H    H N N 122 
GLU H2   H N N 123 
GLU HA   H N N 124 
GLU HB2  H N N 125 
GLU HB3  H N N 126 
GLU HG2  H N N 127 
GLU HG3  H N N 128 
GLU HE2  H N N 129 
GLU HXT  H N N 130 
GLY N    N N N 131 
GLY CA   C N N 132 
GLY C    C N N 133 
GLY O    O N N 134 
GLY OXT  O N N 135 
GLY H    H N N 136 
GLY H2   H N N 137 
GLY HA2  H N N 138 
GLY HA3  H N N 139 
GLY HXT  H N N 140 
HIS N    N N N 141 
HIS CA   C N S 142 
HIS C    C N N 143 
HIS O    O N N 144 
HIS CB   C N N 145 
HIS CG   C Y N 146 
HIS ND1  N Y N 147 
HIS CD2  C Y N 148 
HIS CE1  C Y N 149 
HIS NE2  N Y N 150 
HIS OXT  O N N 151 
HIS H    H N N 152 
HIS H2   H N N 153 
HIS HA   H N N 154 
HIS HB2  H N N 155 
HIS HB3  H N N 156 
HIS HD1  H N N 157 
HIS HD2  H N N 158 
HIS HE1  H N N 159 
HIS HE2  H N N 160 
HIS HXT  H N N 161 
HOH O    O N N 162 
HOH H1   H N N 163 
HOH H2   H N N 164 
LEU N    N N N 165 
LEU CA   C N S 166 
LEU C    C N N 167 
LEU O    O N N 168 
LEU CB   C N N 169 
LEU CG   C N N 170 
LEU CD1  C N N 171 
LEU CD2  C N N 172 
LEU OXT  O N N 173 
LEU H    H N N 174 
LEU H2   H N N 175 
LEU HA   H N N 176 
LEU HB2  H N N 177 
LEU HB3  H N N 178 
LEU HG   H N N 179 
LEU HD11 H N N 180 
LEU HD12 H N N 181 
LEU HD13 H N N 182 
LEU HD21 H N N 183 
LEU HD22 H N N 184 
LEU HD23 H N N 185 
LEU HXT  H N N 186 
LYS N    N N N 187 
LYS CA   C N S 188 
LYS C    C N N 189 
LYS O    O N N 190 
LYS CB   C N N 191 
LYS CG   C N N 192 
LYS CD   C N N 193 
LYS CE   C N N 194 
LYS NZ   N N N 195 
LYS OXT  O N N 196 
LYS H    H N N 197 
LYS H2   H N N 198 
LYS HA   H N N 199 
LYS HB2  H N N 200 
LYS HB3  H N N 201 
LYS HG2  H N N 202 
LYS HG3  H N N 203 
LYS HD2  H N N 204 
LYS HD3  H N N 205 
LYS HE2  H N N 206 
LYS HE3  H N N 207 
LYS HZ1  H N N 208 
LYS HZ2  H N N 209 
LYS HZ3  H N N 210 
LYS HXT  H N N 211 
MET N    N N N 212 
MET CA   C N S 213 
MET C    C N N 214 
MET O    O N N 215 
MET CB   C N N 216 
MET CG   C N N 217 
MET SD   S N N 218 
MET CE   C N N 219 
MET OXT  O N N 220 
MET H    H N N 221 
MET H2   H N N 222 
MET HA   H N N 223 
MET HB2  H N N 224 
MET HB3  H N N 225 
MET HG2  H N N 226 
MET HG3  H N N 227 
MET HE1  H N N 228 
MET HE2  H N N 229 
MET HE3  H N N 230 
MET HXT  H N N 231 
PHE N    N N N 232 
PHE CA   C N S 233 
PHE C    C N N 234 
PHE O    O N N 235 
PHE CB   C N N 236 
PHE CG   C Y N 237 
PHE CD1  C Y N 238 
PHE CD2  C Y N 239 
PHE CE1  C Y N 240 
PHE CE2  C Y N 241 
PHE CZ   C Y N 242 
PHE OXT  O N N 243 
PHE H    H N N 244 
PHE H2   H N N 245 
PHE HA   H N N 246 
PHE HB2  H N N 247 
PHE HB3  H N N 248 
PHE HD1  H N N 249 
PHE HD2  H N N 250 
PHE HE1  H N N 251 
PHE HE2  H N N 252 
PHE HZ   H N N 253 
PHE HXT  H N N 254 
PRO N    N N N 255 
PRO CA   C N S 256 
PRO C    C N N 257 
PRO O    O N N 258 
PRO CB   C N N 259 
PRO CG   C N N 260 
PRO CD   C N N 261 
PRO OXT  O N N 262 
PRO H    H N N 263 
PRO HA   H N N 264 
PRO HB2  H N N 265 
PRO HB3  H N N 266 
PRO HG2  H N N 267 
PRO HG3  H N N 268 
PRO HD2  H N N 269 
PRO HD3  H N N 270 
PRO HXT  H N N 271 
SER N    N N N 272 
SER CA   C N S 273 
SER C    C N N 274 
SER O    O N N 275 
SER CB   C N N 276 
SER OG   O N N 277 
SER OXT  O N N 278 
SER H    H N N 279 
SER H2   H N N 280 
SER HA   H N N 281 
SER HB2  H N N 282 
SER HB3  H N N 283 
SER HG   H N N 284 
SER HXT  H N N 285 
THR N    N N N 286 
THR CA   C N S 287 
THR C    C N N 288 
THR O    O N N 289 
THR CB   C N R 290 
THR OG1  O N N 291 
THR CG2  C N N 292 
THR OXT  O N N 293 
THR H    H N N 294 
THR H2   H N N 295 
THR HA   H N N 296 
THR HB   H N N 297 
THR HG1  H N N 298 
THR HG21 H N N 299 
THR HG22 H N N 300 
THR HG23 H N N 301 
THR HXT  H N N 302 
TRP N    N N N 303 
TRP CA   C N S 304 
TRP C    C N N 305 
TRP O    O N N 306 
TRP CB   C N N 307 
TRP CG   C Y N 308 
TRP CD1  C Y N 309 
TRP CD2  C Y N 310 
TRP NE1  N Y N 311 
TRP CE2  C Y N 312 
TRP CE3  C Y N 313 
TRP CZ2  C Y N 314 
TRP CZ3  C Y N 315 
TRP CH2  C Y N 316 
TRP OXT  O N N 317 
TRP H    H N N 318 
TRP H2   H N N 319 
TRP HA   H N N 320 
TRP HB2  H N N 321 
TRP HB3  H N N 322 
TRP HD1  H N N 323 
TRP HE1  H N N 324 
TRP HE3  H N N 325 
TRP HZ2  H N N 326 
TRP HZ3  H N N 327 
TRP HH2  H N N 328 
TRP HXT  H N N 329 
TYR N    N N N 330 
TYR CA   C N S 331 
TYR C    C N N 332 
TYR O    O N N 333 
TYR CB   C N N 334 
TYR CG   C Y N 335 
TYR CD1  C Y N 336 
TYR CD2  C Y N 337 
TYR CE1  C Y N 338 
TYR CE2  C Y N 339 
TYR CZ   C Y N 340 
TYR OH   O N N 341 
TYR OXT  O N N 342 
TYR H    H N N 343 
TYR H2   H N N 344 
TYR HA   H N N 345 
TYR HB2  H N N 346 
TYR HB3  H N N 347 
TYR HD1  H N N 348 
TYR HD2  H N N 349 
TYR HE1  H N N 350 
TYR HE2  H N N 351 
TYR HH   H N N 352 
TYR HXT  H N N 353 
VAL N    N N N 354 
VAL CA   C N S 355 
VAL C    C N N 356 
VAL O    O N N 357 
VAL CB   C N N 358 
VAL CG1  C N N 359 
VAL CG2  C N N 360 
VAL OXT  O N N 361 
VAL H    H N N 362 
VAL H2   H N N 363 
VAL HA   H N N 364 
VAL HB   H N N 365 
VAL HG11 H N N 366 
VAL HG12 H N N 367 
VAL HG13 H N N 368 
VAL HG21 H N N 369 
VAL HG22 H N N 370 
VAL HG23 H N N 371 
VAL HXT  H N N 372 
# 
loop_
_chem_comp_bond.comp_id 
_chem_comp_bond.atom_id_1 
_chem_comp_bond.atom_id_2 
_chem_comp_bond.value_order 
_chem_comp_bond.pdbx_aromatic_flag 
_chem_comp_bond.pdbx_stereo_config 
_chem_comp_bond.pdbx_ordinal 
ALA N   CA   sing N N 1   
ALA N   H    sing N N 2   
ALA N   H2   sing N N 3   
ALA CA  C    sing N N 4   
ALA CA  CB   sing N N 5   
ALA CA  HA   sing N N 6   
ALA C   O    doub N N 7   
ALA C   OXT  sing N N 8   
ALA CB  HB1  sing N N 9   
ALA CB  HB2  sing N N 10  
ALA CB  HB3  sing N N 11  
ALA OXT HXT  sing N N 12  
ARG N   CA   sing N N 13  
ARG N   H    sing N N 14  
ARG N   H2   sing N N 15  
ARG CA  C    sing N N 16  
ARG CA  CB   sing N N 17  
ARG CA  HA   sing N N 18  
ARG C   O    doub N N 19  
ARG C   OXT  sing N N 20  
ARG CB  CG   sing N N 21  
ARG CB  HB2  sing N N 22  
ARG CB  HB3  sing N N 23  
ARG CG  CD   sing N N 24  
ARG CG  HG2  sing N N 25  
ARG CG  HG3  sing N N 26  
ARG CD  NE   sing N N 27  
ARG CD  HD2  sing N N 28  
ARG CD  HD3  sing N N 29  
ARG NE  CZ   sing N N 30  
ARG NE  HE   sing N N 31  
ARG CZ  NH1  sing N N 32  
ARG CZ  NH2  doub N N 33  
ARG NH1 HH11 sing N N 34  
ARG NH1 HH12 sing N N 35  
ARG NH2 HH21 sing N N 36  
ARG NH2 HH22 sing N N 37  
ARG OXT HXT  sing N N 38  
ASN N   CA   sing N N 39  
ASN N   H    sing N N 40  
ASN N   H2   sing N N 41  
ASN CA  C    sing N N 42  
ASN CA  CB   sing N N 43  
ASN CA  HA   sing N N 44  
ASN C   O    doub N N 45  
ASN C   OXT  sing N N 46  
ASN CB  CG   sing N N 47  
ASN CB  HB2  sing N N 48  
ASN CB  HB3  sing N N 49  
ASN CG  OD1  doub N N 50  
ASN CG  ND2  sing N N 51  
ASN ND2 HD21 sing N N 52  
ASN ND2 HD22 sing N N 53  
ASN OXT HXT  sing N N 54  
ASP N   CA   sing N N 55  
ASP N   H    sing N N 56  
ASP N   H2   sing N N 57  
ASP CA  C    sing N N 58  
ASP CA  CB   sing N N 59  
ASP CA  HA   sing N N 60  
ASP C   O    doub N N 61  
ASP C   OXT  sing N N 62  
ASP CB  CG   sing N N 63  
ASP CB  HB2  sing N N 64  
ASP CB  HB3  sing N N 65  
ASP CG  OD1  doub N N 66  
ASP CG  OD2  sing N N 67  
ASP OD2 HD2  sing N N 68  
ASP OXT HXT  sing N N 69  
FLC CAC CA   sing N N 70  
FLC CAC OA1  doub N N 71  
FLC CAC OA2  sing N N 72  
FLC CA  CB   sing N N 73  
FLC CA  HA1  sing N N 74  
FLC CA  HA2  sing N N 75  
FLC CB  CBC  sing N N 76  
FLC CB  CG   sing N N 77  
FLC CB  OHB  sing N N 78  
FLC CBC OB1  doub N N 79  
FLC CBC OB2  sing N N 80  
FLC CG  CGC  sing N N 81  
FLC CG  HG1  sing N N 82  
FLC CG  HG2  sing N N 83  
FLC CGC OG1  doub N N 84  
FLC CGC OG2  sing N N 85  
FLC OHB HOB  sing N N 86  
GLN N   CA   sing N N 87  
GLN N   H    sing N N 88  
GLN N   H2   sing N N 89  
GLN CA  C    sing N N 90  
GLN CA  CB   sing N N 91  
GLN CA  HA   sing N N 92  
GLN C   O    doub N N 93  
GLN C   OXT  sing N N 94  
GLN CB  CG   sing N N 95  
GLN CB  HB2  sing N N 96  
GLN CB  HB3  sing N N 97  
GLN CG  CD   sing N N 98  
GLN CG  HG2  sing N N 99  
GLN CG  HG3  sing N N 100 
GLN CD  OE1  doub N N 101 
GLN CD  NE2  sing N N 102 
GLN NE2 HE21 sing N N 103 
GLN NE2 HE22 sing N N 104 
GLN OXT HXT  sing N N 105 
GLU N   CA   sing N N 106 
GLU N   H    sing N N 107 
GLU N   H2   sing N N 108 
GLU CA  C    sing N N 109 
GLU CA  CB   sing N N 110 
GLU CA  HA   sing N N 111 
GLU C   O    doub N N 112 
GLU C   OXT  sing N N 113 
GLU CB  CG   sing N N 114 
GLU CB  HB2  sing N N 115 
GLU CB  HB3  sing N N 116 
GLU CG  CD   sing N N 117 
GLU CG  HG2  sing N N 118 
GLU CG  HG3  sing N N 119 
GLU CD  OE1  doub N N 120 
GLU CD  OE2  sing N N 121 
GLU OE2 HE2  sing N N 122 
GLU OXT HXT  sing N N 123 
GLY N   CA   sing N N 124 
GLY N   H    sing N N 125 
GLY N   H2   sing N N 126 
GLY CA  C    sing N N 127 
GLY CA  HA2  sing N N 128 
GLY CA  HA3  sing N N 129 
GLY C   O    doub N N 130 
GLY C   OXT  sing N N 131 
GLY OXT HXT  sing N N 132 
HIS N   CA   sing N N 133 
HIS N   H    sing N N 134 
HIS N   H2   sing N N 135 
HIS CA  C    sing N N 136 
HIS CA  CB   sing N N 137 
HIS CA  HA   sing N N 138 
HIS C   O    doub N N 139 
HIS C   OXT  sing N N 140 
HIS CB  CG   sing N N 141 
HIS CB  HB2  sing N N 142 
HIS CB  HB3  sing N N 143 
HIS CG  ND1  sing Y N 144 
HIS CG  CD2  doub Y N 145 
HIS ND1 CE1  doub Y N 146 
HIS ND1 HD1  sing N N 147 
HIS CD2 NE2  sing Y N 148 
HIS CD2 HD2  sing N N 149 
HIS CE1 NE2  sing Y N 150 
HIS CE1 HE1  sing N N 151 
HIS NE2 HE2  sing N N 152 
HIS OXT HXT  sing N N 153 
HOH O   H1   sing N N 154 
HOH O   H2   sing N N 155 
LEU N   CA   sing N N 156 
LEU N   H    sing N N 157 
LEU N   H2   sing N N 158 
LEU CA  C    sing N N 159 
LEU CA  CB   sing N N 160 
LEU CA  HA   sing N N 161 
LEU C   O    doub N N 162 
LEU C   OXT  sing N N 163 
LEU CB  CG   sing N N 164 
LEU CB  HB2  sing N N 165 
LEU CB  HB3  sing N N 166 
LEU CG  CD1  sing N N 167 
LEU CG  CD2  sing N N 168 
LEU CG  HG   sing N N 169 
LEU CD1 HD11 sing N N 170 
LEU CD1 HD12 sing N N 171 
LEU CD1 HD13 sing N N 172 
LEU CD2 HD21 sing N N 173 
LEU CD2 HD22 sing N N 174 
LEU CD2 HD23 sing N N 175 
LEU OXT HXT  sing N N 176 
LYS N   CA   sing N N 177 
LYS N   H    sing N N 178 
LYS N   H2   sing N N 179 
LYS CA  C    sing N N 180 
LYS CA  CB   sing N N 181 
LYS CA  HA   sing N N 182 
LYS C   O    doub N N 183 
LYS C   OXT  sing N N 184 
LYS CB  CG   sing N N 185 
LYS CB  HB2  sing N N 186 
LYS CB  HB3  sing N N 187 
LYS CG  CD   sing N N 188 
LYS CG  HG2  sing N N 189 
LYS CG  HG3  sing N N 190 
LYS CD  CE   sing N N 191 
LYS CD  HD2  sing N N 192 
LYS CD  HD3  sing N N 193 
LYS CE  NZ   sing N N 194 
LYS CE  HE2  sing N N 195 
LYS CE  HE3  sing N N 196 
LYS NZ  HZ1  sing N N 197 
LYS NZ  HZ2  sing N N 198 
LYS NZ  HZ3  sing N N 199 
LYS OXT HXT  sing N N 200 
MET N   CA   sing N N 201 
MET N   H    sing N N 202 
MET N   H2   sing N N 203 
MET CA  C    sing N N 204 
MET CA  CB   sing N N 205 
MET CA  HA   sing N N 206 
MET C   O    doub N N 207 
MET C   OXT  sing N N 208 
MET CB  CG   sing N N 209 
MET CB  HB2  sing N N 210 
MET CB  HB3  sing N N 211 
MET CG  SD   sing N N 212 
MET CG  HG2  sing N N 213 
MET CG  HG3  sing N N 214 
MET SD  CE   sing N N 215 
MET CE  HE1  sing N N 216 
MET CE  HE2  sing N N 217 
MET CE  HE3  sing N N 218 
MET OXT HXT  sing N N 219 
PHE N   CA   sing N N 220 
PHE N   H    sing N N 221 
PHE N   H2   sing N N 222 
PHE CA  C    sing N N 223 
PHE CA  CB   sing N N 224 
PHE CA  HA   sing N N 225 
PHE C   O    doub N N 226 
PHE C   OXT  sing N N 227 
PHE CB  CG   sing N N 228 
PHE CB  HB2  sing N N 229 
PHE CB  HB3  sing N N 230 
PHE CG  CD1  doub Y N 231 
PHE CG  CD2  sing Y N 232 
PHE CD1 CE1  sing Y N 233 
PHE CD1 HD1  sing N N 234 
PHE CD2 CE2  doub Y N 235 
PHE CD2 HD2  sing N N 236 
PHE CE1 CZ   doub Y N 237 
PHE CE1 HE1  sing N N 238 
PHE CE2 CZ   sing Y N 239 
PHE CE2 HE2  sing N N 240 
PHE CZ  HZ   sing N N 241 
PHE OXT HXT  sing N N 242 
PRO N   CA   sing N N 243 
PRO N   CD   sing N N 244 
PRO N   H    sing N N 245 
PRO CA  C    sing N N 246 
PRO CA  CB   sing N N 247 
PRO CA  HA   sing N N 248 
PRO C   O    doub N N 249 
PRO C   OXT  sing N N 250 
PRO CB  CG   sing N N 251 
PRO CB  HB2  sing N N 252 
PRO CB  HB3  sing N N 253 
PRO CG  CD   sing N N 254 
PRO CG  HG2  sing N N 255 
PRO CG  HG3  sing N N 256 
PRO CD  HD2  sing N N 257 
PRO CD  HD3  sing N N 258 
PRO OXT HXT  sing N N 259 
SER N   CA   sing N N 260 
SER N   H    sing N N 261 
SER N   H2   sing N N 262 
SER CA  C    sing N N 263 
SER CA  CB   sing N N 264 
SER CA  HA   sing N N 265 
SER C   O    doub N N 266 
SER C   OXT  sing N N 267 
SER CB  OG   sing N N 268 
SER CB  HB2  sing N N 269 
SER CB  HB3  sing N N 270 
SER OG  HG   sing N N 271 
SER OXT HXT  sing N N 272 
THR N   CA   sing N N 273 
THR N   H    sing N N 274 
THR N   H2   sing N N 275 
THR CA  C    sing N N 276 
THR CA  CB   sing N N 277 
THR CA  HA   sing N N 278 
THR C   O    doub N N 279 
THR C   OXT  sing N N 280 
THR CB  OG1  sing N N 281 
THR CB  CG2  sing N N 282 
THR CB  HB   sing N N 283 
THR OG1 HG1  sing N N 284 
THR CG2 HG21 sing N N 285 
THR CG2 HG22 sing N N 286 
THR CG2 HG23 sing N N 287 
THR OXT HXT  sing N N 288 
TRP N   CA   sing N N 289 
TRP N   H    sing N N 290 
TRP N   H2   sing N N 291 
TRP CA  C    sing N N 292 
TRP CA  CB   sing N N 293 
TRP CA  HA   sing N N 294 
TRP C   O    doub N N 295 
TRP C   OXT  sing N N 296 
TRP CB  CG   sing N N 297 
TRP CB  HB2  sing N N 298 
TRP CB  HB3  sing N N 299 
TRP CG  CD1  doub Y N 300 
TRP CG  CD2  sing Y N 301 
TRP CD1 NE1  sing Y N 302 
TRP CD1 HD1  sing N N 303 
TRP CD2 CE2  doub Y N 304 
TRP CD2 CE3  sing Y N 305 
TRP NE1 CE2  sing Y N 306 
TRP NE1 HE1  sing N N 307 
TRP CE2 CZ2  sing Y N 308 
TRP CE3 CZ3  doub Y N 309 
TRP CE3 HE3  sing N N 310 
TRP CZ2 CH2  doub Y N 311 
TRP CZ2 HZ2  sing N N 312 
TRP CZ3 CH2  sing Y N 313 
TRP CZ3 HZ3  sing N N 314 
TRP CH2 HH2  sing N N 315 
TRP OXT HXT  sing N N 316 
TYR N   CA   sing N N 317 
TYR N   H    sing N N 318 
TYR N   H2   sing N N 319 
TYR CA  C    sing N N 320 
TYR CA  CB   sing N N 321 
TYR CA  HA   sing N N 322 
TYR C   O    doub N N 323 
TYR C   OXT  sing N N 324 
TYR CB  CG   sing N N 325 
TYR CB  HB2  sing N N 326 
TYR CB  HB3  sing N N 327 
TYR CG  CD1  doub Y N 328 
TYR CG  CD2  sing Y N 329 
TYR CD1 CE1  sing Y N 330 
TYR CD1 HD1  sing N N 331 
TYR CD2 CE2  doub Y N 332 
TYR CD2 HD2  sing N N 333 
TYR CE1 CZ   doub Y N 334 
TYR CE1 HE1  sing N N 335 
TYR CE2 CZ   sing Y N 336 
TYR CE2 HE2  sing N N 337 
TYR CZ  OH   sing N N 338 
TYR OH  HH   sing N N 339 
TYR OXT HXT  sing N N 340 
VAL N   CA   sing N N 341 
VAL N   H    sing N N 342 
VAL N   H2   sing N N 343 
VAL CA  C    sing N N 344 
VAL CA  CB   sing N N 345 
VAL CA  HA   sing N N 346 
VAL C   O    doub N N 347 
VAL C   OXT  sing N N 348 
VAL CB  CG1  sing N N 349 
VAL CB  CG2  sing N N 350 
VAL CB  HB   sing N N 351 
VAL CG1 HG11 sing N N 352 
VAL CG1 HG12 sing N N 353 
VAL CG1 HG13 sing N N 354 
VAL CG2 HG21 sing N N 355 
VAL CG2 HG22 sing N N 356 
VAL CG2 HG23 sing N N 357 
VAL OXT HXT  sing N N 358 
# 
_atom_sites.entry_id                    3I71 
_atom_sites.fract_transf_matrix[1][1]   0.00738291 
_atom_sites.fract_transf_matrix[1][2]   0.01553950 
_atom_sites.fract_transf_matrix[1][3]   -0.00403183 
_atom_sites.fract_transf_matrix[2][1]   0.00123284 
_atom_sites.fract_transf_matrix[2][2]   0.01264721 
_atom_sites.fract_transf_matrix[2][3]   0.01227976 
_atom_sites.fract_transf_matrix[3][1]   0.00609228 
_atom_sites.fract_transf_matrix[3][2]   -0.00240935 
_atom_sites.fract_transf_matrix[3][3]   0.00186980 
_atom_sites.fract_transf_vector[1]      0.328389 
_atom_sites.fract_transf_vector[2]      -0.199396 
_atom_sites.fract_transf_vector[3]      0.042995 
# 
loop_
_atom_type.symbol 
C 
N 
O 
S 
# 
loop_
_atom_site.group_PDB 
_atom_site.id 
_atom_site.type_symbol 
_atom_site.label_atom_id 
_atom_site.label_alt_id 
_atom_site.label_comp_id 
_atom_site.label_asym_id 
_atom_site.label_entity_id 
_atom_site.label_seq_id 
_atom_site.pdbx_PDB_ins_code 
_atom_site.Cartn_x 
_atom_site.Cartn_y 
_atom_site.Cartn_z 
_atom_site.occupancy 
_atom_site.B_iso_or_equiv 
_atom_site.pdbx_formal_charge 
_atom_site.auth_seq_id 
_atom_site.auth_comp_id 
_atom_site.auth_asym_id 
_atom_site.auth_atom_id 
_atom_site.pdbx_PDB_model_num 
ATOM   1   N N   . SER A 1 4  ? 24.289  -0.868  1.522   1.00 59.49 ? 110 SER A N   1 
ATOM   2   C CA  . SER A 1 4  ? 23.506  -2.144  1.451   1.00 60.60 ? 110 SER A CA  1 
ATOM   3   C C   . SER A 1 4  ? 22.360  -2.229  2.484   1.00 60.56 ? 110 SER A C   1 
ATOM   4   O O   . SER A 1 4  ? 22.348  -1.519  3.505   1.00 61.65 ? 110 SER A O   1 
ATOM   5   C CB  . SER A 1 4  ? 24.439  -3.342  1.616   1.00 60.38 ? 110 SER A CB  1 
ATOM   6   O OG  . SER A 1 4  ? 24.832  -3.479  2.969   1.00 61.85 ? 110 SER A OG  1 
ATOM   7   N N   . ALA A 1 5  ? 21.405  -3.122  2.200   1.00 59.21 ? 111 ALA A N   1 
ATOM   8   C CA  . ALA A 1 5  ? 20.164  -3.262  2.988   1.00 57.47 ? 111 ALA A CA  1 
ATOM   9   C C   . ALA A 1 5  ? 20.253  -4.406  4.024   1.00 54.90 ? 111 ALA A C   1 
ATOM   10  O O   . ALA A 1 5  ? 19.247  -5.032  4.376   1.00 53.54 ? 111 ALA A O   1 
ATOM   11  C CB  . ALA A 1 5  ? 18.968  -3.482  2.037   1.00 56.53 ? 111 ALA A CB  1 
ATOM   12  N N   . ASP A 1 6  ? 21.462  -4.669  4.513   1.00 53.00 ? 112 ASP A N   1 
ATOM   13  C CA  . ASP A 1 6  ? 21.698  -5.768  5.461   1.00 52.54 ? 112 ASP A CA  1 
ATOM   14  C C   . ASP A 1 6  ? 20.904  -5.553  6.763   1.00 49.36 ? 112 ASP A C   1 
ATOM   15  O O   . ASP A 1 6  ? 20.336  -6.484  7.330   1.00 45.83 ? 112 ASP A O   1 
ATOM   16  C CB  . ASP A 1 6  ? 23.207  -5.910  5.783   1.00 52.87 ? 112 ASP A CB  1 
ATOM   17  C CG  . ASP A 1 6  ? 24.035  -6.432  4.595   1.00 60.21 ? 112 ASP A CG  1 
ATOM   18  O OD1 . ASP A 1 6  ? 25.223  -6.036  4.485   1.00 68.01 ? 112 ASP A OD1 1 
ATOM   19  O OD2 . ASP A 1 6  ? 23.524  -7.248  3.784   1.00 63.47 ? 112 ASP A OD2 1 
ATOM   20  N N   . GLU A 1 7  ? 20.853  -4.312  7.222   1.00 48.24 ? 113 GLU A N   1 
ATOM   21  C CA  . GLU A 1 7  ? 20.186  -4.015  8.495   1.00 46.91 ? 113 GLU A CA  1 
ATOM   22  C C   . GLU A 1 7  ? 18.675  -4.187  8.288   1.00 41.07 ? 113 GLU A C   1 
ATOM   23  O O   . GLU A 1 7  ? 17.984  -4.809  9.100   1.00 36.04 ? 113 GLU A O   1 
ATOM   24  C CB  . GLU A 1 7  ? 20.494  -2.590  8.992   1.00 48.57 ? 113 GLU A CB  1 
ATOM   25  C CG  . GLU A 1 7  ? 21.831  -1.958  8.555   1.00 54.42 ? 113 GLU A CG  1 
ATOM   26  C CD  . GLU A 1 7  ? 21.792  -0.434  8.662   1.00 60.61 ? 113 GLU A CD  1 
ATOM   27  O OE1 . GLU A 1 7  ? 21.784  0.086   9.805   1.00 60.13 ? 113 GLU A OE1 1 
ATOM   28  O OE2 . GLU A 1 7  ? 21.750  0.232   7.596   1.00 64.16 ? 113 GLU A OE2 1 
ATOM   29  N N   . LEU A 1 8  ? 18.177  -3.653  7.173   1.00 39.36 ? 114 LEU A N   1 
ATOM   30  C CA  . LEU A 1 8  ? 16.741  -3.658  6.900   1.00 37.34 ? 114 LEU A CA  1 
ATOM   31  C C   . LEU A 1 8  ? 16.209  -5.096  6.833   1.00 38.38 ? 114 LEU A C   1 
ATOM   32  O O   . LEU A 1 8  ? 15.191  -5.426  7.436   1.00 36.81 ? 114 LEU A O   1 
ATOM   33  C CB  . LEU A 1 8  ? 16.468  -2.913  5.600   1.00 36.88 ? 114 LEU A CB  1 
ATOM   34  C CG  . LEU A 1 8  ? 15.013  -2.802  5.172   1.00 34.17 ? 114 LEU A CG  1 
ATOM   35  C CD1 . LEU A 1 8  ? 14.063  -2.399  6.314   1.00 31.90 ? 114 LEU A CD1 1 
ATOM   36  C CD2 . LEU A 1 8  ? 14.984  -1.798  4.066   1.00 37.04 ? 114 LEU A CD2 1 
ATOM   37  N N   . LEU A 1 9  ? 16.926  -5.959  6.116   1.00 39.92 ? 115 LEU A N   1 
ATOM   38  C CA  . LEU A 1 9  ? 16.485  -7.347  5.935   1.00 40.89 ? 115 LEU A CA  1 
ATOM   39  C C   . LEU A 1 9  ? 16.492  -8.117  7.254   1.00 40.76 ? 115 LEU A C   1 
ATOM   40  O O   . LEU A 1 9  ? 15.567  -8.872  7.530   1.00 39.63 ? 115 LEU A O   1 
ATOM   41  C CB  . LEU A 1 9  ? 17.327  -8.057  4.873   1.00 40.94 ? 115 LEU A CB  1 
ATOM   42  C CG  . LEU A 1 9  ? 16.743  -8.133  3.449   1.00 44.29 ? 115 LEU A CG  1 
ATOM   43  C CD1 . LEU A 1 9  ? 15.672  -7.118  3.186   1.00 41.65 ? 115 LEU A CD1 1 
ATOM   44  C CD2 . LEU A 1 9  ? 17.880  -8.075  2.381   1.00 45.96 ? 115 LEU A CD2 1 
ATOM   45  N N   . ALA A 1 10 ? 17.513  -7.892  8.072   1.00 41.87 ? 116 ALA A N   1 
ATOM   46  C CA  . ALA A 1 10 ? 17.583  -8.485  9.428   1.00 43.28 ? 116 ALA A CA  1 
ATOM   47  C C   . ALA A 1 10 ? 16.386  -8.083  10.270  1.00 43.47 ? 116 ALA A C   1 
ATOM   48  O O   . ALA A 1 10 ? 15.744  -8.928  10.879  1.00 43.53 ? 116 ALA A O   1 
ATOM   49  C CB  . ALA A 1 10 ? 18.874  -8.071  10.136  1.00 42.60 ? 116 ALA A CB  1 
ATOM   50  N N   . LEU A 1 11 ? 16.096  -6.786  10.307  1.00 43.93 ? 117 LEU A N   1 
ATOM   51  C CA  . LEU A 1 11 ? 14.902  -6.298  10.994  1.00 45.33 ? 117 LEU A CA  1 
ATOM   52  C C   . LEU A 1 11 ? 13.630  -6.995  10.505  1.00 47.06 ? 117 LEU A C   1 
ATOM   53  O O   . LEU A 1 11 ? 12.823  -7.458  11.318  1.00 47.73 ? 117 LEU A O   1 
ATOM   54  C CB  . LEU A 1 11 ? 14.754  -4.788  10.790  1.00 45.25 ? 117 LEU A CB  1 
ATOM   55  C CG  . LEU A 1 11 ? 13.465  -4.143  11.310  1.00 46.24 ? 117 LEU A CG  1 
ATOM   56  C CD1 . LEU A 1 11 ? 13.260  -4.486  12.775  1.00 48.52 ? 117 LEU A CD1 1 
ATOM   57  C CD2 . LEU A 1 11 ? 13.475  -2.614  11.080  1.00 40.76 ? 117 LEU A CD2 1 
ATOM   58  N N   . LEU A 1 12 ? 13.446  -7.033  9.184   1.00 46.98 ? 118 LEU A N   1 
ATOM   59  C CA  . LEU A 1 12 ? 12.252  -7.626  8.589   1.00 47.35 ? 118 LEU A CA  1 
ATOM   60  C C   . LEU A 1 12 ? 12.207  -9.149  8.810   1.00 51.34 ? 118 LEU A C   1 
ATOM   61  O O   . LEU A 1 12 ? 11.132  -9.743  8.783   1.00 50.90 ? 118 LEU A O   1 
ATOM   62  C CB  . LEU A 1 12 ? 12.147  -7.282  7.086   1.00 44.60 ? 118 LEU A CB  1 
ATOM   63  C CG  . LEU A 1 12 ? 11.891  -5.826  6.697   1.00 36.98 ? 118 LEU A CG  1 
ATOM   64  C CD1 . LEU A 1 12 ? 11.947  -5.619  5.166   1.00 34.29 ? 118 LEU A CD1 1 
ATOM   65  C CD2 . LEU A 1 12 ? 10.534  -5.372  7.234   1.00 37.08 ? 118 LEU A CD2 1 
ATOM   66  N N   . THR A 1 13 ? 13.365  -9.780  9.027   1.00 56.81 ? 119 THR A N   1 
ATOM   67  C CA  . THR A 1 13 ? 13.419  -11.211 9.372   1.00 60.01 ? 119 THR A CA  1 
ATOM   68  C C   . THR A 1 13 ? 12.638  -11.528 10.652  1.00 63.01 ? 119 THR A C   1 
ATOM   69  O O   . THR A 1 13 ? 11.954  -12.541 10.710  1.00 63.85 ? 119 THR A O   1 
ATOM   70  C CB  . THR A 1 13 ? 14.867  -11.720 9.521   1.00 60.55 ? 119 THR A CB  1 
ATOM   71  O OG1 . THR A 1 13 ? 15.507  -11.712 8.237   1.00 59.18 ? 119 THR A OG1 1 
ATOM   72  C CG2 . THR A 1 13 ? 14.903  -13.149 10.112  1.00 61.17 ? 119 THR A CG2 1 
ATOM   73  N N   . SER A 1 14 ? 12.728  -10.657 11.659  1.00 66.09 ? 120 SER A N   1 
ATOM   74  C CA  . SER A 1 14 ? 11.944  -10.813 12.893  1.00 68.06 ? 120 SER A CA  1 
ATOM   75  C C   . SER A 1 14 ? 10.472  -10.561 12.642  1.00 69.54 ? 120 SER A C   1 
ATOM   76  O O   . SER A 1 14 ? 9.639   -11.461 12.777  1.00 71.22 ? 120 SER A O   1 
ATOM   77  C CB  . SER A 1 14 ? 12.407  -9.839  13.980  1.00 68.20 ? 120 SER A CB  1 
ATOM   78  O OG  . SER A 1 14 ? 13.813  -9.868  14.131  1.00 71.92 ? 120 SER A OG  1 
ATOM   79  N N   . VAL A 1 15 ? 10.163  -9.325  12.263  1.00 69.89 ? 121 VAL A N   1 
ATOM   80  C CA  . VAL A 1 15 ? 8.787   -8.870  12.158  1.00 69.75 ? 121 VAL A CA  1 
ATOM   81  C C   . VAL A 1 15 ? 8.108   -9.564  10.975  1.00 70.51 ? 121 VAL A C   1 
ATOM   82  O O   . VAL A 1 15 ? 8.149   -9.089  9.832   1.00 70.32 ? 121 VAL A O   1 
ATOM   83  C CB  . VAL A 1 15 ? 8.721   -7.344  12.016  1.00 69.87 ? 121 VAL A CB  1 
ATOM   84  C CG1 . VAL A 1 15 ? 7.287   -6.865  12.211  1.00 68.63 ? 121 VAL A CG1 1 
ATOM   85  C CG2 . VAL A 1 15 ? 9.678   -6.680  13.015  1.00 68.10 ? 121 VAL A CG2 1 
ATOM   86  N N   . ARG A 1 16 ? 7.484   -10.699 11.280  1.00 70.32 ? 122 ARG A N   1 
ATOM   87  C CA  . ARG A 1 16 ? 7.006   -11.651 10.276  1.00 70.20 ? 122 ARG A CA  1 
ATOM   88  C C   . ARG A 1 16 ? 5.763   -11.152 9.526   1.00 66.85 ? 122 ARG A C   1 
ATOM   89  O O   . ARG A 1 16 ? 5.526   -11.530 8.371   1.00 65.90 ? 122 ARG A O   1 
ATOM   90  C CB  . ARG A 1 16 ? 6.739   -13.008 10.955  1.00 71.80 ? 122 ARG A CB  1 
ATOM   91  C CG  . ARG A 1 16 ? 6.612   -14.214 10.018  1.00 76.69 ? 122 ARG A CG  1 
ATOM   92  C CD  . ARG A 1 16 ? 6.546   -15.521 10.822  1.00 81.77 ? 122 ARG A CD  1 
ATOM   93  N NE  . ARG A 1 16 ? 5.786   -16.566 10.132  1.00 86.65 ? 122 ARG A NE  1 
ATOM   94  C CZ  . ARG A 1 16 ? 5.391   -17.719 10.682  1.00 90.14 ? 122 ARG A CZ  1 
ATOM   95  N NH1 . ARG A 1 16 ? 5.675   -18.010 11.951  1.00 89.89 ? 122 ARG A NH1 1 
ATOM   96  N NH2 . ARG A 1 16 ? 4.704   -18.596 9.954   1.00 90.91 ? 122 ARG A NH2 1 
ATOM   97  N N   . GLN A 1 17 ? 4.982   -10.297 10.180  1.00 62.95 ? 123 GLN A N   1 
ATOM   98  C CA  . GLN A 1 17 ? 3.802   -9.687  9.546   1.00 59.42 ? 123 GLN A CA  1 
ATOM   99  C C   . GLN A 1 17 ? 4.185   -8.500  8.606   1.00 53.61 ? 123 GLN A C   1 
ATOM   100 O O   . GLN A 1 17 ? 3.403   -8.081  7.739   1.00 51.84 ? 123 GLN A O   1 
ATOM   101 C CB  . GLN A 1 17 ? 2.782   -9.305  10.642  1.00 61.66 ? 123 GLN A CB  1 
ATOM   102 C CG  . GLN A 1 17 ? 1.954   -8.028  10.419  1.00 68.24 ? 123 GLN A CG  1 
ATOM   103 C CD  . GLN A 1 17 ? 0.830   -8.176  9.389   1.00 76.61 ? 123 GLN A CD  1 
ATOM   104 O OE1 . GLN A 1 17 ? -0.226  -7.542  9.520   1.00 81.92 ? 123 GLN A OE1 1 
ATOM   105 N NE2 . GLN A 1 17 ? 1.050   -9.003  8.364   1.00 79.49 ? 123 GLN A NE2 1 
ATOM   106 N N   . GLY A 1 18 ? 5.394   -7.982  8.763   1.00 46.03 ? 124 GLY A N   1 
ATOM   107 C CA  . GLY A 1 18 ? 5.892   -6.944  7.879   1.00 42.80 ? 124 GLY A CA  1 
ATOM   108 C C   . GLY A 1 18 ? 5.794   -5.582  8.530   1.00 38.88 ? 124 GLY A C   1 
ATOM   109 O O   . GLY A 1 18 ? 5.280   -5.452  9.625   1.00 37.86 ? 124 GLY A O   1 
ATOM   110 N N   . MET A 1 19 ? 6.325   -4.576  7.854   1.00 33.09 ? 125 MET A N   1 
ATOM   111 C CA  . MET A 1 19 ? 6.466   -3.254  8.406   1.00 29.37 ? 125 MET A CA  1 
ATOM   112 C C   . MET A 1 19 ? 6.121   -2.210  7.350   1.00 26.91 ? 125 MET A C   1 
ATOM   113 O O   . MET A 1 19 ? 6.285   -2.458  6.147   1.00 24.77 ? 125 MET A O   1 
ATOM   114 C CB  . MET A 1 19 ? 7.902   -3.060  8.833   1.00 28.70 ? 125 MET A CB  1 
ATOM   115 C CG  . MET A 1 19 ? 8.281   -3.885  10.055  1.00 34.30 ? 125 MET A CG  1 
ATOM   116 S SD  . MET A 1 19 ? 9.955   -3.482  10.568  1.00 36.57 ? 125 MET A SD  1 
ATOM   117 C CE  . MET A 1 19 ? 9.661   -1.975  11.496  1.00 31.91 ? 125 MET A CE  1 
ATOM   118 N N   . THR A 1 20 ? 5.655   -1.050  7.790   1.00 24.41 ? 126 THR A N   1 
ATOM   119 C CA  . THR A 1 20 ? 5.323   0.020   6.856   1.00 23.99 ? 126 THR A CA  1 
ATOM   120 C C   . THR A 1 20 ? 6.592   0.827   6.680   1.00 23.78 ? 126 THR A C   1 
ATOM   121 O O   . THR A 1 20 ? 7.514   0.697   7.493   1.00 23.67 ? 126 THR A O   1 
ATOM   122 C CB  . THR A 1 20 ? 4.255   0.928   7.411   1.00 24.83 ? 126 THR A CB  1 
ATOM   123 O OG1 . THR A 1 20 ? 4.773   1.558   8.572   1.00 21.31 ? 126 THR A OG1 1 
ATOM   124 C CG2 . THR A 1 20 ? 2.948   0.142   7.757   1.00 23.66 ? 126 THR A CG2 1 
ATOM   125 N N   . ALA A 1 21 ? 6.653   1.678   5.652   1.00 24.06 ? 127 ALA A N   1 
ATOM   126 C CA  . ALA A 1 21 ? 7.800   2.577   5.480   1.00 23.40 ? 127 ALA A CA  1 
ATOM   127 C C   . ALA A 1 21 ? 7.992   3.489   6.701   1.00 22.87 ? 127 ALA A C   1 
ATOM   128 O O   . ALA A 1 21 ? 9.122   3.754   7.126   1.00 24.99 ? 127 ALA A O   1 
ATOM   129 C CB  . ALA A 1 21 ? 7.668   3.422   4.196   1.00 22.59 ? 127 ALA A CB  1 
ATOM   130 N N   . GLY A 1 22 ? 6.897   3.948   7.271   1.00 24.48 ? 128 GLY A N   1 
ATOM   131 C CA  . GLY A 1 22 ? 6.960   4.798   8.458   1.00 26.26 ? 128 GLY A CA  1 
ATOM   132 C C   . GLY A 1 22 ? 7.570   4.075   9.646   1.00 26.79 ? 128 GLY A C   1 
ATOM   133 O O   . GLY A 1 22 ? 8.365   4.642   10.372  1.00 27.78 ? 128 GLY A O   1 
ATOM   134 N N   . GLU A 1 23 ? 7.194   2.816   9.838   1.00 28.64 ? 129 GLU A N   1 
ATOM   135 C CA  . GLU A 1 23 ? 7.753   2.022   10.940  1.00 27.48 ? 129 GLU A CA  1 
ATOM   136 C C   . GLU A 1 23 ? 9.250   1.785   10.751  1.00 25.96 ? 129 GLU A C   1 
ATOM   137 O O   . GLU A 1 23 ? 10.036  1.833   11.707  1.00 24.85 ? 129 GLU A O   1 
ATOM   138 C CB  . GLU A 1 23 ? 7.004   0.688   11.057  1.00 28.65 ? 129 GLU A CB  1 
ATOM   139 C CG  . GLU A 1 23 ? 5.607   0.788   11.690  1.00 30.51 ? 129 GLU A CG  1 
ATOM   140 C CD  . GLU A 1 23 ? 4.677   -0.414  11.361  1.00 33.18 ? 129 GLU A CD  1 
ATOM   141 O OE1 . GLU A 1 23 ? 5.057   -1.384  10.670  1.00 30.65 ? 129 GLU A OE1 1 
ATOM   142 O OE2 . GLU A 1 23 ? 3.534   -0.392  11.808  1.00 41.63 ? 129 GLU A OE2 1 
ATOM   143 N N   . VAL A 1 24 ? 9.658   1.575   9.499   1.00 24.57 ? 130 VAL A N   1 
ATOM   144 C CA  . VAL A 1 24 ? 11.066  1.398   9.150   1.00 21.27 ? 130 VAL A CA  1 
ATOM   145 C C   . VAL A 1 24 ? 11.858  2.683   9.359   1.00 23.34 ? 130 VAL A C   1 
ATOM   146 O O   . VAL A 1 24 ? 12.950  2.646   9.962   1.00 22.45 ? 130 VAL A O   1 
ATOM   147 C CB  . VAL A 1 24 ? 11.234  0.844   7.706   1.00 23.35 ? 130 VAL A CB  1 
ATOM   148 C CG1 . VAL A 1 24 ? 12.689  0.891   7.262   1.00 24.37 ? 130 VAL A CG1 1 
ATOM   149 C CG2 . VAL A 1 24 ? 10.705  -0.588  7.619   1.00 21.99 ? 130 VAL A CG2 1 
ATOM   150 N N   . ALA A 1 25 ? 11.302  3.812   8.916   1.00 22.51 ? 131 ALA A N   1 
ATOM   151 C CA  . ALA A 1 25 ? 11.944  5.118   9.086   1.00 25.50 ? 131 ALA A CA  1 
ATOM   152 C C   . ALA A 1 25 ? 12.146  5.439   10.578  1.00 26.77 ? 131 ALA A C   1 
ATOM   153 O O   . ALA A 1 25 ? 13.218  5.903   10.976  1.00 27.13 ? 131 ALA A O   1 
ATOM   154 C CB  . ALA A 1 25 ? 11.101  6.232   8.459   1.00 23.44 ? 131 ALA A CB  1 
ATOM   155 N N   . ALA A 1 26 ? 11.112  5.192   11.376  1.00 27.00 ? 132 ALA A N   1 
ATOM   156 C CA  . ALA A 1 26 ? 11.172  5.430   12.828  1.00 28.09 ? 132 ALA A CA  1 
ATOM   157 C C   . ALA A 1 26 ? 12.236  4.547   13.488  1.00 31.92 ? 132 ALA A C   1 
ATOM   158 O O   . ALA A 1 26 ? 13.010  5.012   14.298  1.00 32.23 ? 132 ALA A O   1 
ATOM   159 C CB  . ALA A 1 26 ? 9.799   5.161   13.472  1.00 26.12 ? 132 ALA A CB  1 
ATOM   160 N N   . HIS A 1 27 ? 12.275  3.269   13.128  1.00 33.89 ? 133 HIS A N   1 
ATOM   161 C CA  . HIS A 1 27 ? 13.212  2.332   13.720  1.00 34.75 ? 133 HIS A CA  1 
ATOM   162 C C   . HIS A 1 27 ? 14.646  2.738   13.475  1.00 35.94 ? 133 HIS A C   1 
ATOM   163 O O   . HIS A 1 27 ? 15.438  2.742   14.395  1.00 36.25 ? 133 HIS A O   1 
ATOM   164 C CB  . HIS A 1 27 ? 13.010  0.926   13.157  1.00 35.14 ? 133 HIS A CB  1 
ATOM   165 C CG  . HIS A 1 27 ? 13.898  -0.107  13.779  1.00 36.76 ? 133 HIS A CG  1 
ATOM   166 N ND1 . HIS A 1 27 ? 15.101  -0.493  13.220  1.00 45.55 ? 133 HIS A ND1 1 
ATOM   167 C CD2 . HIS A 1 27 ? 13.762  -0.829  14.917  1.00 37.51 ? 133 HIS A CD2 1 
ATOM   168 C CE1 . HIS A 1 27 ? 15.670  -1.407  13.990  1.00 42.92 ? 133 HIS A CE1 1 
ATOM   169 N NE2 . HIS A 1 27 ? 14.876  -1.630  15.024  1.00 42.65 ? 133 HIS A NE2 1 
ATOM   170 N N   . PHE A 1 28 ? 14.987  3.064   12.240  1.00 35.80 ? 134 PHE A N   1 
ATOM   171 C CA  . PHE A 1 28 ? 16.367  3.394   11.902  1.00 35.71 ? 134 PHE A CA  1 
ATOM   172 C C   . PHE A 1 28 ? 16.693  4.868   12.035  1.00 36.15 ? 134 PHE A C   1 
ATOM   173 O O   . PHE A 1 28 ? 17.863  5.252   11.987  1.00 33.83 ? 134 PHE A O   1 
ATOM   174 C CB  . PHE A 1 28 ? 16.686  2.976   10.474  1.00 36.84 ? 134 PHE A CB  1 
ATOM   175 C CG  . PHE A 1 28 ? 16.790  1.515   10.298  1.00 37.45 ? 134 PHE A CG  1 
ATOM   176 C CD1 . PHE A 1 28 ? 15.800  0.810   9.656   1.00 35.20 ? 134 PHE A CD1 1 
ATOM   177 C CD2 . PHE A 1 28 ? 17.884  0.827   10.806  1.00 42.54 ? 134 PHE A CD2 1 
ATOM   178 C CE1 . PHE A 1 28 ? 15.893  -0.566  9.501   1.00 37.81 ? 134 PHE A CE1 1 
ATOM   179 C CE2 . PHE A 1 28 ? 17.991  -0.544  10.654  1.00 41.55 ? 134 PHE A CE2 1 
ATOM   180 C CZ  . PHE A 1 28 ? 16.994  -1.245  9.997   1.00 42.22 ? 134 PHE A CZ  1 
ATOM   181 N N   . GLY A 1 29 ? 15.677  5.703   12.181  1.00 35.18 ? 135 GLY A N   1 
ATOM   182 C CA  . GLY A 1 29 ? 15.911  7.136   12.195  1.00 35.69 ? 135 GLY A CA  1 
ATOM   183 C C   . GLY A 1 29 ? 16.296  7.615   10.809  1.00 35.91 ? 135 GLY A C   1 
ATOM   184 O O   . GLY A 1 29 ? 17.074  8.558   10.672  1.00 35.44 ? 135 GLY A O   1 
ATOM   185 N N   . TRP A 1 30 ? 15.733  6.969   9.781   1.00 33.55 ? 136 TRP A N   1 
ATOM   186 C CA  . TRP A 1 30 ? 15.954  7.366   8.403   1.00 31.90 ? 136 TRP A CA  1 
ATOM   187 C C   . TRP A 1 30 ? 14.873  8.315   7.950   1.00 30.19 ? 136 TRP A C   1 
ATOM   188 O O   . TRP A 1 30 ? 13.703  8.154   8.323   1.00 28.45 ? 136 TRP A O   1 
ATOM   189 C CB  . TRP A 1 30 ? 15.874  6.171   7.439   1.00 33.08 ? 136 TRP A CB  1 
ATOM   190 C CG  . TRP A 1 30 ? 16.967  5.167   7.524   1.00 35.19 ? 136 TRP A CG  1 
ATOM   191 C CD1 . TRP A 1 30 ? 18.187  5.315   8.104   1.00 41.49 ? 136 TRP A CD1 1 
ATOM   192 C CD2 . TRP A 1 30 ? 16.949  3.849   6.960   1.00 36.44 ? 136 TRP A CD2 1 
ATOM   193 N NE1 . TRP A 1 30 ? 18.917  4.160   7.967   1.00 36.07 ? 136 TRP A NE1 1 
ATOM   194 C CE2 . TRP A 1 30 ? 18.185  3.247   7.264   1.00 39.47 ? 136 TRP A CE2 1 
ATOM   195 C CE3 . TRP A 1 30 ? 16.000  3.119   6.229   1.00 35.40 ? 136 TRP A CE3 1 
ATOM   196 C CZ2 . TRP A 1 30 ? 18.513  1.947   6.851   1.00 39.12 ? 136 TRP A CZ2 1 
ATOM   197 C CZ3 . TRP A 1 30 ? 16.301  1.821   5.860   1.00 40.08 ? 136 TRP A CZ3 1 
ATOM   198 C CH2 . TRP A 1 30 ? 17.558  1.245   6.176   1.00 37.68 ? 136 TRP A CH2 1 
ATOM   199 N N   . PRO A 1 31 ? 15.226  9.247   7.057   1.00 29.20 ? 137 PRO A N   1 
ATOM   200 C CA  . PRO A 1 31 ? 14.175  10.016  6.417   1.00 28.68 ? 137 PRO A CA  1 
ATOM   201 C C   . PRO A 1 31 ? 13.163  9.094   5.729   1.00 30.21 ? 137 PRO A C   1 
ATOM   202 O O   . PRO A 1 31 ? 13.514  8.011   5.224   1.00 28.96 ? 137 PRO A O   1 
ATOM   203 C CB  . PRO A 1 31 ? 14.917  10.849  5.366   1.00 29.85 ? 137 PRO A CB  1 
ATOM   204 C CG  . PRO A 1 31 ? 16.330  10.833  5.767   1.00 32.16 ? 137 PRO A CG  1 
ATOM   205 C CD  . PRO A 1 31 ? 16.559  9.568   6.527   1.00 30.73 ? 137 PRO A CD  1 
ATOM   206 N N   . LEU A 1 32 ? 11.933  9.537   5.702   1.00 28.60 ? 138 LEU A N   1 
ATOM   207 C CA  . LEU A 1 32 ? 10.829  8.757   5.176   1.00 30.99 ? 138 LEU A CA  1 
ATOM   208 C C   . LEU A 1 32 ? 11.097  8.367   3.729   1.00 30.31 ? 138 LEU A C   1 
ATOM   209 O O   . LEU A 1 32 ? 10.865  7.228   3.340   1.00 28.36 ? 138 LEU A O   1 
ATOM   210 C CB  . LEU A 1 32 ? 9.569   9.610   5.243   1.00 32.11 ? 138 LEU A CB  1 
ATOM   211 C CG  . LEU A 1 32 ? 8.235   9.116   5.798   1.00 41.72 ? 138 LEU A CG  1 
ATOM   212 C CD1 . LEU A 1 32 ? 8.240   7.840   6.666   1.00 41.41 ? 138 LEU A CD1 1 
ATOM   213 C CD2 . LEU A 1 32 ? 7.641   10.315  6.556   1.00 41.13 ? 138 LEU A CD2 1 
ATOM   214 N N   . GLU A 1 33 ? 11.628  9.296   2.947   1.00 31.06 ? 139 GLU A N   1 
ATOM   215 C CA  . GLU A 1 33 ? 11.906  9.028   1.544   1.00 34.56 ? 139 GLU A CA  1 
ATOM   216 C C   . GLU A 1 33 ? 12.917  7.927   1.383   1.00 32.12 ? 139 GLU A C   1 
ATOM   217 O O   . GLU A 1 33 ? 12.807  7.106   0.477   1.00 33.40 ? 139 GLU A O   1 
ATOM   218 C CB  . GLU A 1 33 ? 12.390  10.305  0.838   1.00 38.25 ? 139 GLU A CB  1 
ATOM   219 C CG  . GLU A 1 33 ? 11.212  11.308  0.573   1.00 48.31 ? 139 GLU A CG  1 
ATOM   220 C CD  . GLU A 1 33 ? 9.987   10.638  -0.091  1.00 56.32 ? 139 GLU A CD  1 
ATOM   221 O OE1 . GLU A 1 33 ? 10.098  10.200  -1.270  1.00 63.72 ? 139 GLU A OE1 1 
ATOM   222 O OE2 . GLU A 1 33 ? 8.926   10.530  0.577   1.00 53.92 ? 139 GLU A OE2 1 
ATOM   223 N N   . LYS A 1 34 ? 13.913  7.920   2.249   1.00 31.66 ? 140 LYS A N   1 
ATOM   224 C CA  . LYS A 1 34 ? 14.934  6.889   2.232   1.00 32.05 ? 140 LYS A CA  1 
ATOM   225 C C   . LYS A 1 34 ? 14.347  5.512   2.566   1.00 32.61 ? 140 LYS A C   1 
ATOM   226 O O   . LYS A 1 34 ? 14.656  4.527   1.869   1.00 28.53 ? 140 LYS A O   1 
ATOM   227 C CB  . LYS A 1 34 ? 16.075  7.226   3.199   1.00 33.20 ? 140 LYS A CB  1 
ATOM   228 C CG  . LYS A 1 34 ? 17.183  6.145   3.247   1.00 39.50 ? 140 LYS A CG  1 
ATOM   229 C CD  . LYS A 1 34 ? 18.353  6.498   4.165   1.00 43.85 ? 140 LYS A CD  1 
ATOM   230 C CE  . LYS A 1 34 ? 19.305  5.300   4.288   1.00 49.43 ? 140 LYS A CE  1 
ATOM   231 N NZ  . LYS A 1 34 ? 20.482  5.582   5.137   1.00 50.92 ? 140 LYS A NZ  1 
ATOM   232 N N   . ALA A 1 35 ? 13.528  5.438   3.629   1.00 27.26 ? 141 ALA A N   1 
ATOM   233 C CA  . ALA A 1 35 ? 12.827  4.204   3.968   1.00 25.77 ? 141 ALA A CA  1 
ATOM   234 C C   . ALA A 1 35 ? 11.945  3.697   2.811   1.00 25.42 ? 141 ALA A C   1 
ATOM   235 O O   . ALA A 1 35 ? 11.973  2.499   2.469   1.00 23.24 ? 141 ALA A O   1 
ATOM   236 C CB  . ALA A 1 35 ? 11.961  4.400   5.270   1.00 25.59 ? 141 ALA A CB  1 
ATOM   237 N N   . ARG A 1 36 ? 11.170  4.584   2.207   1.00 23.73 ? 142 ARG A N   1 
ATOM   238 C CA  . ARG A 1 36 ? 10.240  4.188   1.168   1.00 26.31 ? 142 ARG A CA  1 
ATOM   239 C C   . ARG A 1 36 ? 10.998  3.680   -0.059  1.00 25.76 ? 142 ARG A C   1 
ATOM   240 O O   . ARG A 1 36 ? 10.620  2.652   -0.654  1.00 24.22 ? 142 ARG A O   1 
ATOM   241 C CB  . ARG A 1 36 ? 9.369   5.353   0.706   1.00 26.04 ? 142 ARG A CB  1 
ATOM   242 C CG  . ARG A 1 36 ? 8.325   5.720   1.675   1.00 33.95 ? 142 ARG A CG  1 
ATOM   243 C CD  . ARG A 1 36 ? 7.772   7.089   1.349   1.00 37.88 ? 142 ARG A CD  1 
ATOM   244 N NE  . ARG A 1 36 ? 6.646   7.350   2.217   1.00 43.05 ? 142 ARG A NE  1 
ATOM   245 C CZ  . ARG A 1 36 ? 6.211   8.561   2.527   1.00 44.63 ? 142 ARG A CZ  1 
ATOM   246 N NH1 . ARG A 1 36 ? 6.831   9.637   2.061   1.00 40.65 ? 142 ARG A NH1 1 
ATOM   247 N NH2 . ARG A 1 36 ? 5.154   8.691   3.314   1.00 48.74 ? 142 ARG A NH2 1 
ATOM   248 N N   . ASN A 1 37 ? 12.032  4.416   -0.458  1.00 24.23 ? 143 ASN A N   1 
ATOM   249 C CA  . ASN A 1 37 ? 12.855  3.999   -1.605  1.00 26.28 ? 143 ASN A CA  1 
ATOM   250 C C   . ASN A 1 37 ? 13.575  2.651   -1.378  1.00 27.34 ? 143 ASN A C   1 
ATOM   251 O O   . ASN A 1 37 ? 13.611  1.819   -2.276  1.00 25.44 ? 143 ASN A O   1 
ATOM   252 C CB  . ASN A 1 37 ? 13.874  5.067   -1.958  1.00 30.79 ? 143 ASN A CB  1 
ATOM   253 C CG  . ASN A 1 37 ? 13.258  6.273   -2.666  1.00 36.13 ? 143 ASN A CG  1 
ATOM   254 O OD1 . ASN A 1 37 ? 13.943  7.280   -2.875  1.00 53.90 ? 143 ASN A OD1 1 
ATOM   255 N ND2 . ASN A 1 37 ? 11.981  6.196   -3.012  1.00 44.17 ? 143 ASN A ND2 1 
ATOM   256 N N   . ALA A 1 38 ? 14.098  2.415   -0.175  1.00 26.05 ? 144 ALA A N   1 
ATOM   257 C CA  . ALA A 1 38 ? 14.770  1.152   0.143   1.00 26.74 ? 144 ALA A CA  1 
ATOM   258 C C   . ALA A 1 38 ? 13.808  -0.030  0.119   1.00 26.56 ? 144 ALA A C   1 
ATOM   259 O O   . ALA A 1 38 ? 14.113  -1.079  -0.461  1.00 23.25 ? 144 ALA A O   1 
ATOM   260 C CB  . ALA A 1 38 ? 15.481  1.243   1.516   1.00 27.85 ? 144 ALA A CB  1 
ATOM   261 N N   . LEU A 1 39 ? 12.620  0.138   0.701   1.00 24.35 ? 145 LEU A N   1 
ATOM   262 C CA  . LEU A 1 39 ? 11.628  -0.932  0.647   1.00 24.59 ? 145 LEU A CA  1 
ATOM   263 C C   . LEU A 1 39 ? 11.128  -1.201  -0.787  1.00 24.16 ? 145 LEU A C   1 
ATOM   264 O O   . LEU A 1 39 ? 10.944  -2.356  -1.180  1.00 26.45 ? 145 LEU A O   1 
ATOM   265 C CB  . LEU A 1 39 ? 10.454  -0.624  1.584   1.00 26.22 ? 145 LEU A CB  1 
ATOM   266 C CG  . LEU A 1 39 ? 10.783  -0.644  3.086   1.00 23.15 ? 145 LEU A CG  1 
ATOM   267 C CD1 . LEU A 1 39 ? 9.732   0.154   3.826   1.00 23.75 ? 145 LEU A CD1 1 
ATOM   268 C CD2 . LEU A 1 39 ? 10.909  -2.099  3.635   1.00 22.53 ? 145 LEU A CD2 1 
ATOM   269 N N   . GLU A 1 40 ? 10.833  -0.147  -1.539  1.00 24.41 ? 146 GLU A N   1 
ATOM   270 C CA  . GLU A 1 40 ? 10.372  -0.285  -2.919  1.00 27.13 ? 146 GLU A CA  1 
ATOM   271 C C   . GLU A 1 40 ? 11.427  -0.955  -3.805  1.00 25.97 ? 146 GLU A C   1 
ATOM   272 O O   . GLU A 1 40 ? 11.079  -1.782  -4.639  1.00 24.62 ? 146 GLU A O   1 
ATOM   273 C CB  . GLU A 1 40 ? 9.980   1.063   -3.542  1.00 28.76 ? 146 GLU A CB  1 
ATOM   274 C CG  . GLU A 1 40 ? 8.577   1.517   -3.201  1.00 31.57 ? 146 GLU A CG  1 
ATOM   275 C CD  . GLU A 1 40 ? 7.524   0.576   -3.779  1.00 33.98 ? 146 GLU A CD  1 
ATOM   276 O OE1 . GLU A 1 40 ? 7.426   0.492   -5.012  1.00 31.81 ? 146 GLU A OE1 1 
ATOM   277 O OE2 . GLU A 1 40 ? 6.791   -0.071  -2.995  1.00 36.04 ? 146 GLU A OE2 1 
ATOM   278 N N   . GLN A 1 41 ? 12.693  -0.599  -3.609  1.00 25.94 ? 147 GLN A N   1 
ATOM   279 C CA  . GLN A 1 41 ? 13.822  -1.243  -4.300  1.00 28.64 ? 147 GLN A CA  1 
ATOM   280 C C   . GLN A 1 41 ? 13.856  -2.754  -4.029  1.00 28.03 ? 147 GLN A C   1 
ATOM   281 O O   . GLN A 1 41 ? 14.078  -3.573  -4.942  1.00 25.82 ? 147 GLN A O   1 
ATOM   282 C CB  . GLN A 1 41 ? 15.148  -0.686  -3.785  1.00 32.69 ? 147 GLN A CB  1 
ATOM   283 C CG  . GLN A 1 41 ? 15.981  0.192   -4.718  1.00 44.83 ? 147 GLN A CG  1 
ATOM   284 C CD  . GLN A 1 41 ? 17.525  0.005   -4.476  1.00 50.56 ? 147 GLN A CD  1 
ATOM   285 O OE1 . GLN A 1 41 ? 18.325  0.096   -5.404  1.00 52.59 ? 147 GLN A OE1 1 
ATOM   286 N NE2 . GLN A 1 41 ? 17.913  -0.269  -3.228  1.00 50.52 ? 147 GLN A NE2 1 
ATOM   287 N N   . LEU A 1 42 ? 13.702  -3.120  -2.757  1.00 25.41 ? 148 LEU A N   1 
ATOM   288 C CA  . LEU A 1 42 ? 13.794  -4.531  -2.359  1.00 22.97 ? 148 LEU A CA  1 
ATOM   289 C C   . LEU A 1 42 ? 12.580  -5.302  -2.839  1.00 22.22 ? 148 LEU A C   1 
ATOM   290 O O   . LEU A 1 42 ? 12.694  -6.464  -3.201  1.00 20.92 ? 148 LEU A O   1 
ATOM   291 C CB  . LEU A 1 42 ? 13.953  -4.674  -0.850  1.00 24.27 ? 148 LEU A CB  1 
ATOM   292 C CG  . LEU A 1 42 ? 15.307  -4.232  -0.314  1.00 24.51 ? 148 LEU A CG  1 
ATOM   293 C CD1 . LEU A 1 42 ? 15.269  -4.073  1.185   1.00 27.15 ? 148 LEU A CD1 1 
ATOM   294 C CD2 . LEU A 1 42 ? 16.380  -5.252  -0.725  1.00 30.11 ? 148 LEU A CD2 1 
ATOM   295 N N   . PHE A 1 43 ? 11.416  -4.644  -2.876  1.00 22.78 ? 149 PHE A N   1 
ATOM   296 C CA  . PHE A 1 43 ? 10.205  -5.220  -3.477  1.00 22.42 ? 149 PHE A CA  1 
ATOM   297 C C   . PHE A 1 43 ? 10.378  -5.446  -4.977  1.00 21.63 ? 149 PHE A C   1 
ATOM   298 O O   . PHE A 1 43 ? 10.090  -6.533  -5.454  1.00 23.08 ? 149 PHE A O   1 
ATOM   299 C CB  . PHE A 1 43 ? 9.016   -4.323  -3.176  1.00 23.32 ? 149 PHE A CB  1 
ATOM   300 C CG  . PHE A 1 43 ? 7.766   -4.665  -3.906  1.00 24.09 ? 149 PHE A CG  1 
ATOM   301 C CD1 . PHE A 1 43 ? 7.121   -5.863  -3.687  1.00 28.08 ? 149 PHE A CD1 1 
ATOM   302 C CD2 . PHE A 1 43 ? 7.189   -3.751  -4.755  1.00 31.01 ? 149 PHE A CD2 1 
ATOM   303 C CE1 . PHE A 1 43 ? 5.947   -6.167  -4.331  1.00 32.31 ? 149 PHE A CE1 1 
ATOM   304 C CE2 . PHE A 1 43 ? 5.982   -4.050  -5.389  1.00 31.51 ? 149 PHE A CE2 1 
ATOM   305 C CZ  . PHE A 1 43 ? 5.374   -5.255  -5.174  1.00 34.81 ? 149 PHE A CZ  1 
ATOM   306 N N   . SER A 1 44 ? 10.876  -4.441  -5.706  1.00 22.39 ? 150 SER A N   1 
ATOM   307 C CA  . SER A 1 44 ? 11.114  -4.579  -7.155  1.00 23.29 ? 150 SER A CA  1 
ATOM   308 C C   . SER A 1 44 ? 12.137  -5.692  -7.456  1.00 24.11 ? 150 SER A C   1 
ATOM   309 O O   . SER A 1 44 ? 11.987  -6.391  -8.428  1.00 23.15 ? 150 SER A O   1 
ATOM   310 C CB  . SER A 1 44 ? 11.615  -3.265  -7.796  1.00 24.71 ? 150 SER A CB  1 
ATOM   311 O OG  . SER A 1 44 ? 11.718  -3.419  -9.217  1.00 25.58 ? 150 SER A OG  1 
ATOM   312 N N   . ALA A 1 45 ? 13.141  -5.851  -6.592  1.00 23.03 ? 151 ALA A N   1 
ATOM   313 C CA  . ALA A 1 45 ? 14.148  -6.910  -6.718  1.00 22.52 ? 151 ALA A CA  1 
ATOM   314 C C   . ALA A 1 45 ? 13.631  -8.349  -6.418  1.00 21.45 ? 151 ALA A C   1 
ATOM   315 O O   . ALA A 1 45 ? 14.329  -9.324  -6.687  1.00 24.52 ? 151 ALA A O   1 
ATOM   316 C CB  . ALA A 1 45 ? 15.346  -6.586  -5.778  1.00 21.58 ? 151 ALA A CB  1 
ATOM   317 N N   . GLY A 1 46 ? 12.447  -8.462  -5.842  1.00 21.98 ? 152 GLY A N   1 
ATOM   318 C CA  . GLY A 1 46 ? 11.853  -9.747  -5.492  1.00 23.32 ? 152 GLY A CA  1 
ATOM   319 C C   . GLY A 1 46 ? 12.253  -10.226 -4.097  1.00 25.23 ? 152 GLY A C   1 
ATOM   320 O O   . GLY A 1 46 ? 11.954  -11.356 -3.755  1.00 27.55 ? 152 GLY A O   1 
ATOM   321 N N   . THR A 1 47 ? 12.920  -9.383  -3.300  1.00 23.71 ? 153 THR A N   1 
ATOM   322 C CA  . THR A 1 47 ? 13.367  -9.767  -1.955  1.00 24.90 ? 153 THR A CA  1 
ATOM   323 C C   . THR A 1 47 ? 12.183  -9.675  -0.989  1.00 27.03 ? 153 THR A C   1 
ATOM   324 O O   . THR A 1 47 ? 12.058  -10.465 -0.044  1.00 25.97 ? 153 THR A O   1 
ATOM   325 C CB  . THR A 1 47 ? 14.510  -8.853  -1.484  1.00 27.02 ? 153 THR A CB  1 
ATOM   326 O OG1 . THR A 1 47 ? 15.595  -8.923  -2.425  1.00 28.06 ? 153 THR A OG1 1 
ATOM   327 C CG2 . THR A 1 47 ? 15.012  -9.231  -0.084  1.00 22.47 ? 153 THR A CG2 1 
ATOM   328 N N   . LEU A 1 48 ? 11.303  -8.704  -1.212  1.00 26.49 ? 154 LEU A N   1 
ATOM   329 C CA  . LEU A 1 48 ? 10.176  -8.489  -0.309  1.00 28.99 ? 154 LEU A CA  1 
ATOM   330 C C   . LEU A 1 48 ? 8.849   -8.648  -1.062  1.00 30.30 ? 154 LEU A C   1 
ATOM   331 O O   . LEU A 1 48 ? 8.807   -8.526  -2.278  1.00 31.91 ? 154 LEU A O   1 
ATOM   332 C CB  . LEU A 1 48 ? 10.228  -7.084  0.293   1.00 26.40 ? 154 LEU A CB  1 
ATOM   333 C CG  . LEU A 1 48 ? 11.480  -6.665  1.035   1.00 28.12 ? 154 LEU A CG  1 
ATOM   334 C CD1 . LEU A 1 48 ? 11.313  -5.214  1.504   1.00 25.45 ? 154 LEU A CD1 1 
ATOM   335 C CD2 . LEU A 1 48 ? 11.746  -7.568  2.205   1.00 25.48 ? 154 LEU A CD2 1 
ATOM   336 N N   . ARG A 1 49 ? 7.793   -8.950  -0.317  1.00 32.21 ? 155 ARG A N   1 
ATOM   337 C CA  . ARG A 1 49 ? 6.416   -8.873  -0.785  1.00 33.07 ? 155 ARG A CA  1 
ATOM   338 C C   . ARG A 1 49 ? 5.802   -7.631  -0.174  1.00 29.74 ? 155 ARG A C   1 
ATOM   339 O O   . ARG A 1 49 ? 6.248   -7.188  0.871   1.00 28.89 ? 155 ARG A O   1 
ATOM   340 C CB  . ARG A 1 49 ? 5.617   -10.072 -0.266  1.00 38.30 ? 155 ARG A CB  1 
ATOM   341 C CG  . ARG A 1 49 ? 5.576   -11.291 -1.180  1.00 50.93 ? 155 ARG A CG  1 
ATOM   342 C CD  . ARG A 1 49 ? 5.257   -12.557 -0.335  1.00 66.77 ? 155 ARG A CD  1 
ATOM   343 N NE  . ARG A 1 49 ? 4.166   -13.399 -0.854  1.00 80.12 ? 155 ARG A NE  1 
ATOM   344 C CZ  . ARG A 1 49 ? 3.537   -14.354 -0.151  1.00 88.57 ? 155 ARG A CZ  1 
ATOM   345 N NH1 . ARG A 1 49 ? 3.869   -14.617 1.120   1.00 90.65 ? 155 ARG A NH1 1 
ATOM   346 N NH2 . ARG A 1 49 ? 2.556   -15.057 -0.717  1.00 91.68 ? 155 ARG A NH2 1 
ATOM   347 N N   . LYS A 1 50 ? 4.751   -7.122  -0.806  1.00 28.98 ? 156 LYS A N   1 
ATOM   348 C CA  . LYS A 1 50 ? 4.136   -5.834  -0.468  1.00 31.47 ? 156 LYS A CA  1 
ATOM   349 C C   . LYS A 1 50 ? 2.615   -6.019  -0.489  1.00 31.60 ? 156 LYS A C   1 
ATOM   350 O O   . LYS A 1 50 ? 2.037   -6.488  -1.478  1.00 32.03 ? 156 LYS A O   1 
ATOM   351 C CB  . LYS A 1 50 ? 4.533   -4.773  -1.513  1.00 28.52 ? 156 LYS A CB  1 
ATOM   352 C CG  . LYS A 1 50 ? 3.982   -3.357  -1.296  1.00 30.77 ? 156 LYS A CG  1 
ATOM   353 C CD  . LYS A 1 50 ? 4.204   -2.472  -2.537  1.00 29.85 ? 156 LYS A CD  1 
ATOM   354 C CE  . LYS A 1 50 ? 3.783   -1.027  -2.311  1.00 34.24 ? 156 LYS A CE  1 
ATOM   355 N NZ  . LYS A 1 50 ? 4.111   -0.126  -3.455  1.00 30.28 ? 156 LYS A NZ  1 
ATOM   356 N N   . ARG A 1 51 ? 1.981   -5.675  0.612   1.00 31.33 ? 157 ARG A N   1 
ATOM   357 C CA  . ARG A 1 51 ? 0.528   -5.537  0.628   1.00 32.26 ? 157 ARG A CA  1 
ATOM   358 C C   . ARG A 1 51 ? 0.257   -4.056  0.367   1.00 31.90 ? 157 ARG A C   1 
ATOM   359 O O   . ARG A 1 51 ? 0.630   -3.221  1.180   1.00 27.96 ? 157 ARG A O   1 
ATOM   360 C CB  . ARG A 1 51 ? -0.001  -5.972  1.994   1.00 35.98 ? 157 ARG A CB  1 
ATOM   361 C CG  . ARG A 1 51 ? -1.454  -6.484  1.980   1.00 49.29 ? 157 ARG A CG  1 
ATOM   362 C CD  . ARG A 1 51 ? -1.895  -6.991  3.355   1.00 59.94 ? 157 ARG A CD  1 
ATOM   363 N NE  . ARG A 1 51 ? -1.800  -5.934  4.371   1.00 65.66 ? 157 ARG A NE  1 
ATOM   364 C CZ  . ARG A 1 51 ? -1.257  -6.062  5.588   1.00 71.05 ? 157 ARG A CZ  1 
ATOM   365 N NH1 . ARG A 1 51 ? -0.758  -7.225  6.013   1.00 74.86 ? 157 ARG A NH1 1 
ATOM   366 N NH2 . ARG A 1 51 ? -1.228  -5.013  6.405   1.00 70.59 ? 157 ARG A NH2 1 
ATOM   367 N N   . SER A 1 52 ? -0.360  -3.720  -0.762  1.00 29.66 ? 158 SER A N   1 
ATOM   368 C CA  . SER A 1 52 ? -0.612  -2.313  -1.131  1.00 33.30 ? 158 SER A CA  1 
ATOM   369 C C   . SER A 1 52 ? -1.605  -1.607  -0.173  1.00 31.07 ? 158 SER A C   1 
ATOM   370 O O   . SER A 1 52 ? -2.484  -2.228  0.424   1.00 31.59 ? 158 SER A O   1 
ATOM   371 C CB  . SER A 1 52 ? -1.072  -2.193  -2.616  1.00 36.36 ? 158 SER A CB  1 
ATOM   372 O OG  . SER A 1 52 ? 0.047   -1.948  -3.505  1.00 41.75 ? 158 SER A OG  1 
ATOM   373 N N   . SER A 1 53 ? -1.390  -0.316  0.026   1.00 27.76 ? 159 SER A N   1 
ATOM   374 C CA  . SER A 1 53 ? -2.274  0.535   0.804   1.00 28.46 ? 159 SER A CA  1 
ATOM   375 C C   . SER A 1 53 ? -3.718  0.326   0.342   1.00 25.49 ? 159 SER A C   1 
ATOM   376 O O   . SER A 1 53 ? -3.969  0.360   -0.857  1.00 26.37 ? 159 SER A O   1 
ATOM   377 C CB  . SER A 1 53 ? -1.883  1.995   0.550   1.00 26.85 ? 159 SER A CB  1 
ATOM   378 O OG  . SER A 1 53 ? -0.674  2.330   1.200   1.00 27.84 ? 159 SER A OG  1 
ATOM   379 N N   . ARG A 1 54 ? -4.626  0.100   1.275   1.00 25.03 ? 160 ARG A N   1 
ATOM   380 C CA  . ARG A 1 54 ? -6.063  0.022   0.961   1.00 27.39 ? 160 ARG A CA  1 
ATOM   381 C C   . ARG A 1 54 ? -6.840  1.081   1.723   1.00 24.86 ? 160 ARG A C   1 
ATOM   382 O O   . ARG A 1 54 ? -6.602  1.296   2.905   1.00 25.75 ? 160 ARG A O   1 
ATOM   383 C CB  . ARG A 1 54 ? -6.611  -1.382  1.277   1.00 27.03 ? 160 ARG A CB  1 
ATOM   384 C CG  . ARG A 1 54 ? -6.149  -2.429  0.252   1.00 34.30 ? 160 ARG A CG  1 
ATOM   385 C CD  . ARG A 1 54 ? -6.724  -3.860  0.391   1.00 37.95 ? 160 ARG A CD  1 
ATOM   386 N NE  . ARG A 1 54 ? -6.173  -4.685  -0.710  1.00 42.68 ? 160 ARG A NE  1 
ATOM   387 C CZ  . ARG A 1 54 ? -6.691  -4.829  -1.944  1.00 48.72 ? 160 ARG A CZ  1 
ATOM   388 N NH1 . ARG A 1 54 ? -7.858  -4.258  -2.319  1.00 43.95 ? 160 ARG A NH1 1 
ATOM   389 N NH2 . ARG A 1 54 ? -6.037  -5.586  -2.822  1.00 48.29 ? 160 ARG A NH2 1 
ATOM   390 N N   . TYR A 1 55 ? -7.811  1.681   1.049   1.00 26.79 ? 161 TYR A N   1 
ATOM   391 C CA  . TYR A 1 55 ? -8.673  2.705   1.634   1.00 25.41 ? 161 TYR A CA  1 
ATOM   392 C C   . TYR A 1 55 ? -10.086 2.199   1.683   1.00 26.09 ? 161 TYR A C   1 
ATOM   393 O O   . TYR A 1 55 ? -10.559 1.619   0.713   1.00 27.77 ? 161 TYR A O   1 
ATOM   394 C CB  . TYR A 1 55 ? -8.678  3.925   0.741   1.00 22.30 ? 161 TYR A CB  1 
ATOM   395 C CG  . TYR A 1 55 ? -7.309  4.521   0.434   1.00 24.94 ? 161 TYR A CG  1 
ATOM   396 C CD1 . TYR A 1 55 ? -6.461  3.953   -0.512  1.00 25.30 ? 161 TYR A CD1 1 
ATOM   397 C CD2 . TYR A 1 55 ? -6.917  5.702   1.021   1.00 21.86 ? 161 TYR A CD2 1 
ATOM   398 C CE1 . TYR A 1 55 ? -5.199  4.537   -0.782  1.00 25.84 ? 161 TYR A CE1 1 
ATOM   399 C CE2 . TYR A 1 55 ? -5.702  6.296   0.731   1.00 23.19 ? 161 TYR A CE2 1 
ATOM   400 C CZ  . TYR A 1 55 ? -4.867  5.716   -0.153  1.00 25.59 ? 161 TYR A CZ  1 
ATOM   401 O OH  . TYR A 1 55 ? -3.714  6.329   -0.387  1.00 29.05 ? 161 TYR A OH  1 
ATOM   402 N N   . ARG A 1 56 ? -10.788 2.424   2.790   1.00 26.08 ? 162 ARG A N   1 
ATOM   403 C CA  . ARG A 1 56 ? -12.172 1.953   2.864   1.00 28.63 ? 162 ARG A CA  1 
ATOM   404 C C   . ARG A 1 56 ? -13.094 3.027   3.442   1.00 28.03 ? 162 ARG A C   1 
ATOM   405 O O   . ARG A 1 56 ? -12.670 3.938   4.181   1.00 24.61 ? 162 ARG A O   1 
ATOM   406 C CB  . ARG A 1 56 ? -12.280 0.633   3.656   1.00 25.78 ? 162 ARG A CB  1 
ATOM   407 C CG  . ARG A 1 56 ? -12.000 0.770   5.124   1.00 31.28 ? 162 ARG A CG  1 
ATOM   408 C CD  . ARG A 1 56 ? -11.774 -0.569  5.860   1.00 36.32 ? 162 ARG A CD  1 
ATOM   409 N NE  . ARG A 1 56 ? -11.544 -0.296  7.288   1.00 40.37 ? 162 ARG A NE  1 
ATOM   410 C CZ  . ARG A 1 56 ? -10.393 0.143   7.821   1.00 45.85 ? 162 ARG A CZ  1 
ATOM   411 N NH1 . ARG A 1 56 ? -9.308  0.334   7.079   1.00 35.57 ? 162 ARG A NH1 1 
ATOM   412 N NH2 . ARG A 1 56 ? -10.312 0.377   9.130   1.00 49.22 ? 162 ARG A NH2 1 
ATOM   413 N N   . LEU A 1 57 ? -14.352 2.915   3.103   1.00 29.79 ? 163 LEU A N   1 
ATOM   414 C CA  . LEU A 1 57 ? -15.365 3.820   3.637   1.00 33.55 ? 163 LEU A CA  1 
ATOM   415 C C   . LEU A 1 57 ? -15.482 3.727   5.163   1.00 36.81 ? 163 LEU A C   1 
ATOM   416 O O   . LEU A 1 57 ? -15.367 2.648   5.746   1.00 35.34 ? 163 LEU A O   1 
ATOM   417 C CB  . LEU A 1 57 ? -16.726 3.490   3.030   1.00 35.54 ? 163 LEU A CB  1 
ATOM   418 C CG  . LEU A 1 57 ? -17.190 4.234   1.779   1.00 42.02 ? 163 LEU A CG  1 
ATOM   419 C CD1 . LEU A 1 57 ? -18.681 3.869   1.504   1.00 45.53 ? 163 LEU A CD1 1 
ATOM   420 C CD2 . LEU A 1 57 ? -17.025 5.756   1.907   1.00 42.97 ? 163 LEU A CD2 1 
ATOM   421 N N   . LYS A 1 58 ? -15.688 4.851   5.835   1.00 41.00 ? 164 LYS A N   1 
ATOM   422 C CA  . LYS A 1 58 ? -16.084 4.772   7.242   1.00 45.12 ? 164 LYS A CA  1 
ATOM   423 C C   . LYS A 1 58 ? -17.512 4.273   7.344   1.00 50.59 ? 164 LYS A C   1 
ATOM   424 O O   . LYS A 1 58 ? -18.352 4.640   6.533   1.00 52.06 ? 164 LYS A O   1 
ATOM   425 C CB  . LYS A 1 58 ? -15.985 6.112   7.923   1.00 44.59 ? 164 LYS A CB  1 
ATOM   426 C CG  . LYS A 1 58 ? -14.577 6.604   7.935   1.00 39.86 ? 164 LYS A CG  1 
ATOM   427 C CD  . LYS A 1 58 ? -14.359 7.566   9.078   1.00 40.74 ? 164 LYS A CD  1 
ATOM   428 C CE  . LYS A 1 58 ? -12.923 8.079   9.080   1.00 43.02 ? 164 LYS A CE  1 
ATOM   429 N NZ  . LYS A 1 58 ? -12.857 9.357   9.799   1.00 42.49 ? 164 LYS A NZ  1 
ATOM   430 N N   . PRO A 1 59 ? -17.785 3.408   8.327   1.00 55.35 ? 165 PRO A N   1 
ATOM   431 C CA  . PRO A 1 59 ? -19.160 2.998   8.599   1.00 58.34 ? 165 PRO A CA  1 
ATOM   432 C C   . PRO A 1 59 ? -19.896 4.058   9.392   1.00 59.00 ? 165 PRO A C   1 
ATOM   433 O O   . PRO A 1 59 ? -21.064 4.304   9.109   1.00 64.14 ? 165 PRO A O   1 
ATOM   434 C CB  . PRO A 1 59 ? -18.990 1.732   9.437   1.00 59.09 ? 165 PRO A CB  1 
ATOM   435 C CG  . PRO A 1 59 ? -17.706 1.956   10.179  1.00 59.57 ? 165 PRO A CG  1 
ATOM   436 C CD  . PRO A 1 59 ? -16.823 2.773   9.245   1.00 56.75 ? 165 PRO A CD  1 
ATOM   437 N N   . ALA B 1 2  ? -20.582 -12.116 -18.782 1.00 51.68 ? 108 ALA B N   1 
ATOM   438 C CA  . ALA B 1 2  ? -21.259 -11.278 -17.754 1.00 52.40 ? 108 ALA B CA  1 
ATOM   439 C C   . ALA B 1 2  ? -20.202 -10.553 -16.906 1.00 51.84 ? 108 ALA B C   1 
ATOM   440 O O   . ALA B 1 2  ? -20.292 -10.505 -15.673 1.00 53.93 ? 108 ALA B O   1 
ATOM   441 C CB  . ALA B 1 2  ? -22.207 -12.135 -16.874 1.00 53.40 ? 108 ALA B CB  1 
ATOM   442 N N   . GLU B 1 3  ? -19.216 -9.976  -17.597 1.00 48.51 ? 109 GLU B N   1 
ATOM   443 C CA  . GLU B 1 3  ? -18.150 -9.181  -16.997 1.00 45.08 ? 109 GLU B CA  1 
ATOM   444 C C   . GLU B 1 3  ? -18.656 -7.991  -16.168 1.00 36.71 ? 109 GLU B C   1 
ATOM   445 O O   . GLU B 1 3  ? -18.189 -7.768  -15.052 1.00 30.78 ? 109 GLU B O   1 
ATOM   446 C CB  . GLU B 1 3  ? -17.215 -8.652  -18.105 1.00 46.89 ? 109 GLU B CB  1 
ATOM   447 C CG  . GLU B 1 3  ? -16.183 -9.645  -18.576 1.00 53.39 ? 109 GLU B CG  1 
ATOM   448 C CD  . GLU B 1 3  ? -14.811 -9.397  -17.958 1.00 58.91 ? 109 GLU B CD  1 
ATOM   449 O OE1 . GLU B 1 3  ? -14.727 -9.087  -16.745 1.00 58.40 ? 109 GLU B OE1 1 
ATOM   450 O OE2 . GLU B 1 3  ? -13.817 -9.511  -18.704 1.00 64.06 ? 109 GLU B OE2 1 
ATOM   451 N N   . SER B 1 4  ? -19.587 -7.209  -16.699 1.00 33.08 ? 110 SER B N   1 
ATOM   452 C CA  . SER B 1 4  ? -19.878 -5.909  -16.043 1.00 29.79 ? 110 SER B CA  1 
ATOM   453 C C   . SER B 1 4  ? -20.442 -6.048  -14.610 1.00 24.00 ? 110 SER B C   1 
ATOM   454 O O   . SER B 1 4  ? -20.045 -5.337  -13.731 1.00 22.94 ? 110 SER B O   1 
ATOM   455 C CB  . SER B 1 4  ? -20.743 -4.978  -16.924 1.00 31.21 ? 110 SER B CB  1 
ATOM   456 O OG  . SER B 1 4  ? -22.087 -5.396  -17.076 1.00 34.00 ? 110 SER B OG  1 
ATOM   457 N N   . ALA B 1 5  ? -21.355 -6.988  -14.390 1.00 22.84 ? 111 ALA B N   1 
ATOM   458 C CA  . ALA B 1 5  ? -21.872 -7.246  -13.042 1.00 20.79 ? 111 ALA B CA  1 
ATOM   459 C C   . ALA B 1 5  ? -20.696 -7.588  -12.130 1.00 19.23 ? 111 ALA B C   1 
ATOM   460 O O   . ALA B 1 5  ? -20.599 -7.085  -11.025 1.00 19.25 ? 111 ALA B O   1 
ATOM   461 C CB  . ALA B 1 5  ? -22.977 -8.398  -13.083 1.00 19.48 ? 111 ALA B CB  1 
ATOM   462 N N   . ASP B 1 6  ? -19.764 -8.404  -12.621 1.00 20.68 ? 112 ASP B N   1 
ATOM   463 C CA  . ASP B 1 6  ? -18.604 -8.805  -11.835 1.00 20.79 ? 112 ASP B CA  1 
ATOM   464 C C   . ASP B 1 6  ? -17.655 -7.657  -11.564 1.00 23.56 ? 112 ASP B C   1 
ATOM   465 O O   . ASP B 1 6  ? -17.135 -7.533  -10.450 1.00 22.25 ? 112 ASP B O   1 
ATOM   466 C CB  . ASP B 1 6  ? -17.877 -9.982  -12.515 1.00 22.78 ? 112 ASP B CB  1 
ATOM   467 C CG  . ASP B 1 6  ? -18.718 -11.253 -12.503 1.00 26.55 ? 112 ASP B CG  1 
ATOM   468 O OD1 . ASP B 1 6  ? -19.410 -11.482 -11.477 1.00 26.29 ? 112 ASP B OD1 1 
ATOM   469 O OD2 . ASP B 1 6  ? -18.731 -11.998 -13.496 1.00 23.64 ? 112 ASP B OD2 1 
ATOM   470 N N   . GLU B 1 7  ? -17.422 -6.800  -12.550 1.00 23.19 ? 113 GLU B N   1 
ATOM   471 C CA  . GLU B 1 7  ? -16.619 -5.595  -12.276 1.00 26.94 ? 113 GLU B CA  1 
ATOM   472 C C   . GLU B 1 7  ? -17.279 -4.670  -11.272 1.00 23.51 ? 113 GLU B C   1 
ATOM   473 O O   . GLU B 1 7  ? -16.611 -4.160  -10.367 1.00 22.47 ? 113 GLU B O   1 
ATOM   474 C CB  . GLU B 1 7  ? -16.361 -4.780  -13.541 1.00 28.94 ? 113 GLU B CB  1 
ATOM   475 C CG  . GLU B 1 7  ? -15.559 -5.487  -14.602 1.00 40.75 ? 113 GLU B CG  1 
ATOM   476 C CD  . GLU B 1 7  ? -15.360 -4.596  -15.824 1.00 48.44 ? 113 GLU B CD  1 
ATOM   477 O OE1 . GLU B 1 7  ? -15.728 -5.023  -16.951 1.00 48.45 ? 113 GLU B OE1 1 
ATOM   478 O OE2 . GLU B 1 7  ? -14.884 -3.447  -15.616 1.00 46.00 ? 113 GLU B OE2 1 
ATOM   479 N N   . LEU B 1 8  ? -18.587 -4.423  -11.426 1.00 22.61 ? 114 LEU B N   1 
ATOM   480 C CA  . LEU B 1 8  ? -19.276 -3.548  -10.479 1.00 19.88 ? 114 LEU B CA  1 
ATOM   481 C C   . LEU B 1 8  ? -19.244 -4.167  -9.085  1.00 20.10 ? 114 LEU B C   1 
ATOM   482 O O   . LEU B 1 8  ? -19.026 -3.474  -8.091  1.00 19.11 ? 114 LEU B O   1 
ATOM   483 C CB  . LEU B 1 8  ? -20.735 -3.303  -10.946 1.00 20.59 ? 114 LEU B CB  1 
ATOM   484 C CG  . LEU B 1 8  ? -21.607 -2.404  -10.073 1.00 21.14 ? 114 LEU B CG  1 
ATOM   485 C CD1 . LEU B 1 8  ? -20.971 -1.014  -9.858  1.00 24.04 ? 114 LEU B CD1 1 
ATOM   486 C CD2 . LEU B 1 8  ? -23.008 -2.307  -10.700 1.00 20.33 ? 114 LEU B CD2 1 
ATOM   487 N N   . LEU B 1 9  ? -19.450 -5.490  -8.994  1.00 18.63 ? 115 LEU B N   1 
ATOM   488 C CA  . LEU B 1 9  ? -19.475 -6.135  -7.675  1.00 18.53 ? 115 LEU B CA  1 
ATOM   489 C C   . LEU B 1 9  ? -18.083 -5.987  -7.006  1.00 19.31 ? 115 LEU B C   1 
ATOM   490 O O   . LEU B 1 9  ? -17.998 -5.749  -5.807  1.00 18.72 ? 115 LEU B O   1 
ATOM   491 C CB  . LEU B 1 9  ? -19.848 -7.622  -7.778  1.00 15.01 ? 115 LEU B CB  1 
ATOM   492 C CG  . LEU B 1 9  ? -19.919 -8.366  -6.440  1.00 18.39 ? 115 LEU B CG  1 
ATOM   493 C CD1 . LEU B 1 9  ? -20.881 -7.706  -5.456  1.00 18.40 ? 115 LEU B CD1 1 
ATOM   494 C CD2 . LEU B 1 9  ? -20.316 -9.838  -6.696  1.00 16.28 ? 115 LEU B CD2 1 
ATOM   495 N N   . ALA B 1 10 ? -17.011 -6.115  -7.789  1.00 21.73 ? 116 ALA B N   1 
ATOM   496 C CA  . ALA B 1 10 ? -15.621 -5.960  -7.267  1.00 25.11 ? 116 ALA B CA  1 
ATOM   497 C C   . ALA B 1 10 ? -15.417 -4.541  -6.678  1.00 26.01 ? 116 ALA B C   1 
ATOM   498 O O   . ALA B 1 10 ? -14.903 -4.357  -5.559  1.00 25.48 ? 116 ALA B O   1 
ATOM   499 C CB  . ALA B 1 10 ? -14.564 -6.229  -8.411  1.00 26.33 ? 116 ALA B CB  1 
ATOM   500 N N   . LEU B 1 11 ? -15.888 -3.547  -7.404  1.00 25.45 ? 117 LEU B N   1 
ATOM   501 C CA  . LEU B 1 11 ? -15.808 -2.171  -6.902  1.00 25.01 ? 117 LEU B CA  1 
ATOM   502 C C   . LEU B 1 11 ? -16.615 -2.009  -5.628  1.00 24.84 ? 117 LEU B C   1 
ATOM   503 O O   . LEU B 1 11 ? -16.101 -1.531  -4.626  1.00 24.14 ? 117 LEU B O   1 
ATOM   504 C CB  . LEU B 1 11 ? -16.257 -1.181  -7.966  1.00 26.45 ? 117 LEU B CB  1 
ATOM   505 C CG  . LEU B 1 11 ? -16.359 0.225   -7.339  1.00 31.41 ? 117 LEU B CG  1 
ATOM   506 C CD1 . LEU B 1 11 ? -14.917 0.836   -7.101  1.00 32.19 ? 117 LEU B CD1 1 
ATOM   507 C CD2 . LEU B 1 11 ? -17.274 1.071   -8.153  1.00 40.70 ? 117 LEU B CD2 1 
ATOM   508 N N   . LEU B 1 12 ? -17.878 -2.444  -5.641  1.00 23.96 ? 118 LEU B N   1 
ATOM   509 C CA  . LEU B 1 12 ? -18.715 -2.259  -4.484  1.00 24.10 ? 118 LEU B CA  1 
ATOM   510 C C   . LEU B 1 12 ? -18.180 -2.967  -3.250  1.00 26.28 ? 118 LEU B C   1 
ATOM   511 O O   . LEU B 1 12 ? -18.318 -2.460  -2.138  1.00 28.88 ? 118 LEU B O   1 
ATOM   512 C CB  . LEU B 1 12 ? -20.132 -2.714  -4.778  1.00 21.62 ? 118 LEU B CB  1 
ATOM   513 C CG  . LEU B 1 12 ? -20.828 -1.919  -5.882  1.00 23.04 ? 118 LEU B CG  1 
ATOM   514 C CD1 . LEU B 1 12 ? -22.163 -2.589  -6.210  1.00 20.66 ? 118 LEU B CD1 1 
ATOM   515 C CD2 . LEU B 1 12 ? -20.964 -0.462  -5.494  1.00 29.30 ? 118 LEU B CD2 1 
ATOM   516 N N   . THR B 1 13 ? -17.594 -4.142  -3.447  1.00 26.51 ? 119 THR B N   1 
ATOM   517 C CA  . THR B 1 13 ? -17.040 -4.927  -2.339  1.00 27.25 ? 119 THR B CA  1 
ATOM   518 C C   . THR B 1 13 ? -15.829 -4.182  -1.725  1.00 28.97 ? 119 THR B C   1 
ATOM   519 O O   . THR B 1 13 ? -15.713 -4.069  -0.502  1.00 30.45 ? 119 THR B O   1 
ATOM   520 C CB  . THR B 1 13 ? -16.639 -6.354  -2.813  1.00 27.45 ? 119 THR B CB  1 
ATOM   521 O OG1 . THR B 1 13 ? -17.815 -7.059  -3.257  1.00 28.19 ? 119 THR B OG1 1 
ATOM   522 C CG2 . THR B 1 13 ? -15.949 -7.150  -1.684  1.00 32.79 ? 119 THR B CG2 1 
ATOM   523 N N   . SER B 1 14 ? -14.971 -3.657  -2.590  1.00 24.45 ? 120 SER B N   1 
ATOM   524 C CA  . SER B 1 14 ? -13.785 -2.901  -2.176  1.00 31.73 ? 120 SER B CA  1 
ATOM   525 C C   . SER B 1 14 ? -14.061 -1.619  -1.421  1.00 32.73 ? 120 SER B C   1 
ATOM   526 O O   . SER B 1 14 ? -13.260 -1.217  -0.577  1.00 31.44 ? 120 SER B O   1 
ATOM   527 C CB  . SER B 1 14 ? -12.983 -2.497  -3.412  1.00 32.07 ? 120 SER B CB  1 
ATOM   528 O OG  . SER B 1 14 ? -13.575 -1.341  -3.955  1.00 35.70 ? 120 SER B OG  1 
ATOM   529 N N   . VAL B 1 15 ? -15.155 -0.932  -1.767  1.00 32.07 ? 121 VAL B N   1 
ATOM   530 C CA  . VAL B 1 15 ? -15.503 0.321   -1.117  1.00 32.74 ? 121 VAL B CA  1 
ATOM   531 C C   . VAL B 1 15 ? -15.621 0.070   0.362   1.00 33.79 ? 121 VAL B C   1 
ATOM   532 O O   . VAL B 1 15 ? -15.191 0.875   1.209   1.00 33.81 ? 121 VAL B O   1 
ATOM   533 C CB  . VAL B 1 15 ? -16.861 0.885   -1.714  1.00 35.17 ? 121 VAL B CB  1 
ATOM   534 C CG1 . VAL B 1 15 ? -17.451 1.920   -0.834  1.00 40.25 ? 121 VAL B CG1 1 
ATOM   535 C CG2 . VAL B 1 15 ? -16.602 1.447   -3.079  1.00 32.82 ? 121 VAL B CG2 1 
ATOM   536 N N   . ARG B 1 16 ? -16.172 -1.086  0.681   1.00 32.86 ? 122 ARG B N   1 
ATOM   537 C CA  . ARG B 1 16 ? -16.344 -1.508  2.062   1.00 36.55 ? 122 ARG B CA  1 
ATOM   538 C C   . ARG B 1 16 ? -15.127 -2.207  2.650   1.00 34.73 ? 122 ARG B C   1 
ATOM   539 O O   . ARG B 1 16 ? -14.737 -1.954  3.792   1.00 34.06 ? 122 ARG B O   1 
ATOM   540 C CB  . ARG B 1 16 ? -17.560 -2.451  2.137   1.00 40.16 ? 122 ARG B CB  1 
ATOM   541 C CG  . ARG B 1 16 ? -17.682 -3.285  3.415   1.00 48.35 ? 122 ARG B CG  1 
ATOM   542 C CD  . ARG B 1 16 ? -18.994 -4.118  3.431   1.00 57.99 ? 122 ARG B CD  1 
ATOM   543 N NE  . ARG B 1 16 ? -19.136 -4.950  2.222   1.00 63.70 ? 122 ARG B NE  1 
ATOM   544 C CZ  . ARG B 1 16 ? -18.614 -6.167  2.055   1.00 67.97 ? 122 ARG B CZ  1 
ATOM   545 N NH1 . ARG B 1 16 ? -17.905 -6.746  3.024   1.00 69.67 ? 122 ARG B NH1 1 
ATOM   546 N NH2 . ARG B 1 16 ? -18.810 -6.824  0.911   1.00 69.97 ? 122 ARG B NH2 1 
ATOM   547 N N   . GLN B 1 17 ? -14.532 -3.123  1.901   1.00 32.48 ? 123 GLN B N   1 
ATOM   548 C CA  . GLN B 1 17 ? -13.452 -3.951  2.447   1.00 34.44 ? 123 GLN B CA  1 
ATOM   549 C C   . GLN B 1 17 ? -12.059 -3.330  2.261   1.00 33.56 ? 123 GLN B C   1 
ATOM   550 O O   . GLN B 1 17 ? -11.120 -3.670  2.973   1.00 35.64 ? 123 GLN B O   1 
ATOM   551 C CB  . GLN B 1 17 ? -13.456 -5.329  1.769   1.00 37.40 ? 123 GLN B CB  1 
ATOM   552 C CG  . GLN B 1 17 ? -14.713 -6.141  2.037   1.00 44.44 ? 123 GLN B CG  1 
ATOM   553 C CD  . GLN B 1 17 ? -14.763 -6.641  3.466   1.00 53.14 ? 123 GLN B CD  1 
ATOM   554 O OE1 . GLN B 1 17 ? -15.641 -6.260  4.234   1.00 61.77 ? 123 GLN B OE1 1 
ATOM   555 N NE2 . GLN B 1 17 ? -13.808 -7.484  3.835   1.00 58.39 ? 123 GLN B NE2 1 
ATOM   556 N N   . GLY B 1 18 ? -11.918 -2.467  1.265   1.00 29.72 ? 124 GLY B N   1 
ATOM   557 C CA  . GLY B 1 18 ? -10.666 -1.773  1.016   1.00 30.43 ? 124 GLY B CA  1 
ATOM   558 C C   . GLY B 1 18 ? -10.312 -1.766  -0.446  1.00 28.80 ? 124 GLY B C   1 
ATOM   559 O O   . GLY B 1 18 ? -10.348 -2.796  -1.108  1.00 28.17 ? 124 GLY B O   1 
ATOM   560 N N   . MET B 1 19 ? -9.959  -0.600  -0.951  1.00 26.48 ? 125 MET B N   1 
ATOM   561 C CA  . MET B 1 19 ? -9.588  -0.458  -2.345  1.00 27.50 ? 125 MET B CA  1 
ATOM   562 C C   . MET B 1 19 ? -8.222  0.182   -2.465  1.00 25.58 ? 125 MET B C   1 
ATOM   563 O O   . MET B 1 19 ? -7.822  0.962   -1.614  1.00 25.60 ? 125 MET B O   1 
ATOM   564 C CB  . MET B 1 19 ? -10.625 0.401   -3.076  1.00 27.95 ? 125 MET B CB  1 
ATOM   565 C CG  . MET B 1 19 ? -10.714 1.827   -2.649  1.00 29.93 ? 125 MET B CG  1 
ATOM   566 S SD  . MET B 1 19 ? -12.276 2.697   -3.212  1.00 34.92 ? 125 MET B SD  1 
ATOM   567 C CE  . MET B 1 19 ? -12.803 3.325   -1.619  1.00 38.78 ? 125 MET B CE  1 
ATOM   568 N N   . THR B 1 20 ? -7.542  -0.128  -3.546  1.00 26.89 ? 126 THR B N   1 
ATOM   569 C CA  . THR B 1 20 ? -6.196  0.329   -3.792  1.00 25.50 ? 126 THR B CA  1 
ATOM   570 C C   . THR B 1 20 ? -6.280  1.372   -4.861  1.00 26.44 ? 126 THR B C   1 
ATOM   571 O O   . THR B 1 20 ? -7.259  1.432   -5.606  1.00 23.39 ? 126 THR B O   1 
ATOM   572 C CB  . THR B 1 20 ? -5.257  -0.831  -4.261  1.00 28.57 ? 126 THR B CB  1 
ATOM   573 O OG1 . THR B 1 20 ? -5.677  -1.335  -5.539  1.00 25.28 ? 126 THR B OG1 1 
ATOM   574 C CG2 . THR B 1 20 ? -5.228  -1.980  -3.247  1.00 26.97 ? 126 THR B CG2 1 
ATOM   575 N N   . ALA B 1 21 ? -5.245  2.214   -4.936  1.00 23.91 ? 127 ALA B N   1 
ATOM   576 C CA  . ALA B 1 21 ? -5.127  3.189   -5.999  1.00 25.79 ? 127 ALA B CA  1 
ATOM   577 C C   . ALA B 1 21 ? -5.109  2.510   -7.393  1.00 27.62 ? 127 ALA B C   1 
ATOM   578 O O   . ALA B 1 21 ? -5.669  3.026   -8.375  1.00 27.28 ? 127 ALA B O   1 
ATOM   579 C CB  . ALA B 1 21 ? -3.869  4.009   -5.787  1.00 26.95 ? 127 ALA B CB  1 
ATOM   580 N N   . GLY B 1 22 ? -4.448  1.359   -7.471  1.00 27.83 ? 128 GLY B N   1 
ATOM   581 C CA  . GLY B 1 22 ? -4.427  0.586   -8.697  1.00 27.37 ? 128 GLY B CA  1 
ATOM   582 C C   . GLY B 1 22 ? -5.826  0.196   -9.129  1.00 26.72 ? 128 GLY B C   1 
ATOM   583 O O   . GLY B 1 22 ? -6.181  0.325   -10.293 1.00 27.16 ? 128 GLY B O   1 
ATOM   584 N N   . GLU B 1 23 ? -6.626  -0.309  -8.190  1.00 28.99 ? 129 GLU B N   1 
ATOM   585 C CA  . GLU B 1 23 ? -8.005  -0.707  -8.522  1.00 28.71 ? 129 GLU B CA  1 
ATOM   586 C C   . GLU B 1 23 ? -8.848  0.470   -8.940  1.00 28.19 ? 129 GLU B C   1 
ATOM   587 O O   . GLU B 1 23 ? -9.634  0.378   -9.896  1.00 30.04 ? 129 GLU B O   1 
ATOM   588 C CB  . GLU B 1 23 ? -8.674  -1.395  -7.320  1.00 30.01 ? 129 GLU B CB  1 
ATOM   589 C CG  . GLU B 1 23 ? -8.175  -2.789  -7.060  1.00 33.68 ? 129 GLU B CG  1 
ATOM   590 C CD  . GLU B 1 23 ? -8.418  -3.247  -5.614  1.00 42.17 ? 129 GLU B CD  1 
ATOM   591 O OE1 . GLU B 1 23 ? -8.989  -2.466  -4.810  1.00 43.84 ? 129 GLU B OE1 1 
ATOM   592 O OE2 . GLU B 1 23 ? -8.041  -4.392  -5.281  1.00 47.22 ? 129 GLU B OE2 1 
ATOM   593 N N   . VAL B 1 24 ? -8.747  1.575   -8.200  1.00 26.16 ? 130 VAL B N   1 
ATOM   594 C CA  . VAL B 1 24 ? -9.481  2.796   -8.568  1.00 27.68 ? 130 VAL B CA  1 
ATOM   595 C C   . VAL B 1 24 ? -9.063  3.309   -9.957  1.00 30.51 ? 130 VAL B C   1 
ATOM   596 O O   . VAL B 1 24 ? -9.947  3.675   -10.798 1.00 29.12 ? 130 VAL B O   1 
ATOM   597 C CB  . VAL B 1 24 ? -9.353  3.936   -7.501  1.00 27.86 ? 130 VAL B CB  1 
ATOM   598 C CG1 . VAL B 1 24 ? -9.925  5.214   -8.026  1.00 27.40 ? 130 VAL B CG1 1 
ATOM   599 C CG2 . VAL B 1 24 ? -10.065 3.518   -6.217  1.00 28.48 ? 130 VAL B CG2 1 
ATOM   600 N N   . ALA B 1 25 ? -7.758  3.300   -10.231 1.00 27.73 ? 131 ALA B N   1 
ATOM   601 C CA  . ALA B 1 25 ? -7.267  3.726   -11.547 1.00 29.09 ? 131 ALA B CA  1 
ATOM   602 C C   . ALA B 1 25 ? -7.878  2.859   -12.652 1.00 29.52 ? 131 ALA B C   1 
ATOM   603 O O   . ALA B 1 25 ? -8.316  3.364   -13.669 1.00 31.98 ? 131 ALA B O   1 
ATOM   604 C CB  . ALA B 1 25 ? -5.721  3.652   -11.621 1.00 31.88 ? 131 ALA B CB  1 
ATOM   605 N N   . ALA B 1 26 ? -7.930  1.546   -12.428 1.00 31.32 ? 132 ALA B N   1 
ATOM   606 C CA  . ALA B 1 26 ? -8.416  0.616   -13.436 1.00 34.21 ? 132 ALA B CA  1 
ATOM   607 C C   . ALA B 1 26 ? -9.933  0.801   -13.696 1.00 36.59 ? 132 ALA B C   1 
ATOM   608 O O   . ALA B 1 26 ? -10.353 0.806   -14.840 1.00 38.15 ? 132 ALA B O   1 
ATOM   609 C CB  . ALA B 1 26 ? -8.109  -0.824  -13.027 1.00 33.74 ? 132 ALA B CB  1 
ATOM   610 N N   . HIS B 1 27 ? -10.736 0.957   -12.637 1.00 34.14 ? 133 HIS B N   1 
ATOM   611 C CA  . HIS B 1 27 ? -12.180 1.133   -12.786 1.00 34.65 ? 133 HIS B CA  1 
ATOM   612 C C   . HIS B 1 27 ? -12.569 2.457   -13.437 1.00 34.39 ? 133 HIS B C   1 
ATOM   613 O O   . HIS B 1 27 ? -13.508 2.522   -14.215 1.00 34.65 ? 133 HIS B O   1 
ATOM   614 C CB  . HIS B 1 27 ? -12.873 1.061   -11.429 1.00 34.90 ? 133 HIS B CB  1 
ATOM   615 C CG  . HIS B 1 27 ? -12.930 -0.313  -10.859 1.00 34.63 ? 133 HIS B CG  1 
ATOM   616 N ND1 . HIS B 1 27 ? -12.520 -0.599  -9.573  1.00 40.78 ? 133 HIS B ND1 1 
ATOM   617 C CD2 . HIS B 1 27 ? -13.339 -1.484  -11.394 1.00 37.11 ? 133 HIS B CD2 1 
ATOM   618 C CE1 . HIS B 1 27 ? -12.670 -1.894  -9.343  1.00 38.40 ? 133 HIS B CE1 1 
ATOM   619 N NE2 . HIS B 1 27 ? -13.151 -2.456  -10.437 1.00 42.35 ? 133 HIS B NE2 1 
ATOM   620 N N   . PHE B 1 28 ? -11.897 3.525   -13.055 1.00 35.41 ? 134 PHE B N   1 
ATOM   621 C CA  . PHE B 1 28 ? -12.209 4.856   -13.580 1.00 36.98 ? 134 PHE B CA  1 
ATOM   622 C C   . PHE B 1 28 ? -11.508 5.165   -14.887 1.00 37.20 ? 134 PHE B C   1 
ATOM   623 O O   . PHE B 1 28 ? -11.762 6.207   -15.465 1.00 35.97 ? 134 PHE B O   1 
ATOM   624 C CB  . PHE B 1 28 ? -11.792 5.949   -12.585 1.00 40.29 ? 134 PHE B CB  1 
ATOM   625 C CG  . PHE B 1 28 ? -12.811 6.230   -11.526 1.00 47.35 ? 134 PHE B CG  1 
ATOM   626 C CD1 . PHE B 1 28 ? -12.849 5.477   -10.357 1.00 45.22 ? 134 PHE B CD1 1 
ATOM   627 C CD2 . PHE B 1 28 ? -13.767 7.231   -11.720 1.00 55.15 ? 134 PHE B CD2 1 
ATOM   628 C CE1 . PHE B 1 28 ? -13.802 5.723   -9.393  1.00 50.65 ? 134 PHE B CE1 1 
ATOM   629 C CE2 . PHE B 1 28 ? -14.728 7.485   -10.761 1.00 51.73 ? 134 PHE B CE2 1 
ATOM   630 C CZ  . PHE B 1 28 ? -14.748 6.729   -9.593  1.00 51.91 ? 134 PHE B CZ  1 
ATOM   631 N N   . GLY B 1 29 ? -10.588 4.316   -15.323 1.00 35.94 ? 135 GLY B N   1 
ATOM   632 C CA  . GLY B 1 29 ? -9.710  4.678   -16.453 1.00 36.02 ? 135 GLY B CA  1 
ATOM   633 C C   . GLY B 1 29 ? -8.904  5.934   -16.167 1.00 34.28 ? 135 GLY B C   1 
ATOM   634 O O   . GLY B 1 29 ? -8.832  6.827   -16.997 1.00 34.80 ? 135 GLY B O   1 
ATOM   635 N N   . TRP B 1 30 ? -8.311  6.031   -14.977 1.00 33.64 ? 136 TRP B N   1 
ATOM   636 C CA  . TRP B 1 30 ? -7.468  7.187   -14.648 1.00 33.26 ? 136 TRP B CA  1 
ATOM   637 C C   . TRP B 1 30 ? -6.024  6.737   -14.542 1.00 31.27 ? 136 TRP B C   1 
ATOM   638 O O   . TRP B 1 30 ? -5.789  5.586   -14.221 1.00 32.09 ? 136 TRP B O   1 
ATOM   639 C CB  . TRP B 1 30 ? -7.824  7.751   -13.268 1.00 34.69 ? 136 TRP B CB  1 
ATOM   640 C CG  . TRP B 1 30 ? -9.162  8.363   -13.118 1.00 40.17 ? 136 TRP B CG  1 
ATOM   641 C CD1 . TRP B 1 30 ? -9.995  8.824   -14.116 1.00 45.82 ? 136 TRP B CD1 1 
ATOM   642 C CD2 . TRP B 1 30 ? -9.824  8.645   -11.882 1.00 37.26 ? 136 TRP B CD2 1 
ATOM   643 N NE1 . TRP B 1 30 ? -11.148 9.332   -13.565 1.00 42.01 ? 136 TRP B NE1 1 
ATOM   644 C CE2 . TRP B 1 30 ? -11.061 9.247   -12.196 1.00 43.18 ? 136 TRP B CE2 1 
ATOM   645 C CE3 . TRP B 1 30 ? -9.498  8.434   -10.542 1.00 34.88 ? 136 TRP B CE3 1 
ATOM   646 C CZ2 . TRP B 1 30 ? -11.971 9.639   -11.207 1.00 43.22 ? 136 TRP B CZ2 1 
ATOM   647 C CZ3 . TRP B 1 30 ? -10.409 8.813   -9.560  1.00 38.33 ? 136 TRP B CZ3 1 
ATOM   648 C CH2 . TRP B 1 30 ? -11.630 9.415   -9.902  1.00 39.93 ? 136 TRP B CH2 1 
ATOM   649 N N   . PRO B 1 31 ? -5.057  7.662   -14.717 1.00 30.18 ? 137 PRO B N   1 
ATOM   650 C CA  . PRO B 1 31 ? -3.674  7.347   -14.335 1.00 32.19 ? 137 PRO B CA  1 
ATOM   651 C C   . PRO B 1 31 ? -3.522  7.140   -12.842 1.00 32.30 ? 137 PRO B C   1 
ATOM   652 O O   . PRO B 1 31 ? -4.270  7.730   -12.026 1.00 29.55 ? 137 PRO B O   1 
ATOM   653 C CB  . PRO B 1 31 ? -2.850  8.569   -14.775 1.00 33.73 ? 137 PRO B CB  1 
ATOM   654 C CG  . PRO B 1 31 ? -3.800  9.536   -15.375 1.00 34.12 ? 137 PRO B CG  1 
ATOM   655 C CD  . PRO B 1 31 ? -5.212  9.006   -15.276 1.00 31.91 ? 137 PRO B CD  1 
ATOM   656 N N   . LEU B 1 32 ? -2.550  6.313   -12.492 1.00 31.13 ? 138 LEU B N   1 
ATOM   657 C CA  . LEU B 1 32 ? -2.305  5.927   -11.132 1.00 33.13 ? 138 LEU B CA  1 
ATOM   658 C C   . LEU B 1 32 ? -2.177  7.117   -10.160 1.00 33.40 ? 138 LEU B C   1 
ATOM   659 O O   . LEU B 1 32 ? -2.737  7.084   -9.055  1.00 29.03 ? 138 LEU B O   1 
ATOM   660 C CB  . LEU B 1 32 ? -1.057  5.051   -11.088 1.00 33.16 ? 138 LEU B CB  1 
ATOM   661 C CG  . LEU B 1 32 ? -1.000  4.289   -9.779  1.00 42.02 ? 138 LEU B CG  1 
ATOM   662 C CD1 . LEU B 1 32 ? -2.015  3.133   -9.840  1.00 46.21 ? 138 LEU B CD1 1 
ATOM   663 C CD2 . LEU B 1 32 ? 0.453   3.806   -9.535  1.00 46.31 ? 138 LEU B CD2 1 
ATOM   664 N N   . GLU B 1 33 ? -1.459  8.160   -10.565 1.00 34.32 ? 139 GLU B N   1 
ATOM   665 C CA  . GLU B 1 33 ? -1.196  9.316   -9.684  1.00 38.66 ? 139 GLU B CA  1 
ATOM   666 C C   . GLU B 1 33 ? -2.491  10.060  -9.367  1.00 37.49 ? 139 GLU B C   1 
ATOM   667 O O   . GLU B 1 33 ? -2.669  10.585  -8.264  1.00 34.01 ? 139 GLU B O   1 
ATOM   668 C CB  . GLU B 1 33 ? -0.192  10.302  -10.319 1.00 41.69 ? 139 GLU B CB  1 
ATOM   669 C CG  . GLU B 1 33 ? 0.571   11.161  -9.282  1.00 51.38 ? 139 GLU B CG  1 
ATOM   670 C CD  . GLU B 1 33 ? 1.166   12.481  -9.846  1.00 65.12 ? 139 GLU B CD  1 
ATOM   671 O OE1 . GLU B 1 33 ? 1.083   12.741  -11.072 1.00 68.88 ? 139 GLU B OE1 1 
ATOM   672 O OE2 . GLU B 1 33 ? 1.718   13.276  -9.044  1.00 73.87 ? 139 GLU B OE2 1 
ATOM   673 N N   . LYS B 1 34 ? -3.392  10.098  -10.342 1.00 34.61 ? 140 LYS B N   1 
ATOM   674 C CA  . LYS B 1 34 ? -4.681  10.766  -10.169 1.00 35.33 ? 140 LYS B CA  1 
ATOM   675 C C   . LYS B 1 34 ? -5.603  9.981   -9.206  1.00 32.56 ? 140 LYS B C   1 
ATOM   676 O O   . LYS B 1 34 ? -6.304  10.574  -8.372  1.00 28.40 ? 140 LYS B O   1 
ATOM   677 C CB  . LYS B 1 34 ? -5.319  10.949  -11.548 1.00 36.74 ? 140 LYS B CB  1 
ATOM   678 C CG  . LYS B 1 34 ? -6.652  11.682  -11.613 1.00 42.85 ? 140 LYS B CG  1 
ATOM   679 C CD  . LYS B 1 34 ? -7.063  11.820  -13.113 1.00 50.42 ? 140 LYS B CD  1 
ATOM   680 C CE  . LYS B 1 34 ? -8.317  12.668  -13.346 1.00 56.58 ? 140 LYS B CE  1 
ATOM   681 N NZ  . LYS B 1 34 ? -9.539  11.815  -13.489 1.00 65.44 ? 140 LYS B NZ  1 
ATOM   682 N N   . ALA B 1 35 ? -5.592  8.655   -9.323  1.00 27.86 ? 141 ALA B N   1 
ATOM   683 C CA  . ALA B 1 35 ? -6.319  7.769   -8.399  1.00 29.90 ? 141 ALA B CA  1 
ATOM   684 C C   . ALA B 1 35 ? -5.769  7.935   -6.977  1.00 28.15 ? 141 ALA B C   1 
ATOM   685 O O   . ALA B 1 35 ? -6.545  8.065   -6.028  1.00 26.78 ? 141 ALA B O   1 
ATOM   686 C CB  . ALA B 1 35 ? -6.264  6.270   -8.860  1.00 24.62 ? 141 ALA B CB  1 
ATOM   687 N N   . ARG B 1 36 ? -4.447  7.938   -6.850  1.00 28.08 ? 142 ARG B N   1 
ATOM   688 C CA  . ARG B 1 36 ? -3.783  8.035   -5.561  1.00 30.45 ? 142 ARG B CA  1 
ATOM   689 C C   . ARG B 1 36 ? -4.134  9.352   -4.887  1.00 29.47 ? 142 ARG B C   1 
ATOM   690 O O   . ARG B 1 36 ? -4.467  9.392   -3.718  1.00 26.88 ? 142 ARG B O   1 
ATOM   691 C CB  . ARG B 1 36 ? -2.279  8.047   -5.708  1.00 31.12 ? 142 ARG B CB  1 
ATOM   692 C CG  . ARG B 1 36 ? -1.615  6.735   -5.817  1.00 46.89 ? 142 ARG B CG  1 
ATOM   693 C CD  . ARG B 1 36 ? -0.123  6.943   -5.480  1.00 59.64 ? 142 ARG B CD  1 
ATOM   694 N NE  . ARG B 1 36 ? 0.677   5.735   -5.644  1.00 68.67 ? 142 ARG B NE  1 
ATOM   695 C CZ  . ARG B 1 36 ? 1.458   5.461   -6.686  1.00 73.33 ? 142 ARG B CZ  1 
ATOM   696 N NH1 . ARG B 1 36 ? 1.567   6.300   -7.720  1.00 73.42 ? 142 ARG B NH1 1 
ATOM   697 N NH2 . ARG B 1 36 ? 2.148   4.326   -6.680  1.00 76.55 ? 142 ARG B NH2 1 
ATOM   698 N N   . ASN B 1 37 ? -4.015  10.431  -5.642  1.00 29.89 ? 143 ASN B N   1 
ATOM   699 C CA  . ASN B 1 37 ? -4.436  11.752  -5.171  1.00 32.86 ? 143 ASN B CA  1 
ATOM   700 C C   . ASN B 1 37 ? -5.878  11.853  -4.702  1.00 32.07 ? 143 ASN B C   1 
ATOM   701 O O   . ASN B 1 37 ? -6.152  12.465  -3.667  1.00 28.53 ? 143 ASN B O   1 
ATOM   702 C CB  . ASN B 1 37 ? -4.255  12.774  -6.258  1.00 36.56 ? 143 ASN B CB  1 
ATOM   703 C CG  . ASN B 1 37 ? -3.199  13.708  -5.927  1.00 49.01 ? 143 ASN B CG  1 
ATOM   704 O OD1 . ASN B 1 37 ? -3.481  14.832  -5.493  1.00 59.90 ? 143 ASN B OD1 1 
ATOM   705 N ND2 . ASN B 1 37 ? -1.952  13.236  -6.003  1.00 48.66 ? 143 ASN B ND2 1 
ATOM   706 N N   . ALA B 1 38 ? -6.789  11.267  -5.476  1.00 27.63 ? 144 ALA B N   1 
ATOM   707 C CA  . ALA B 1 38 ? -8.201  11.220  -5.106  1.00 27.62 ? 144 ALA B CA  1 
ATOM   708 C C   . ALA B 1 38 ? -8.381  10.563  -3.761  1.00 24.69 ? 144 ALA B C   1 
ATOM   709 O O   . ALA B 1 38 ? -9.026  11.105  -2.880  1.00 27.16 ? 144 ALA B O   1 
ATOM   710 C CB  . ALA B 1 38 ? -9.004  10.454  -6.149  1.00 24.86 ? 144 ALA B CB  1 
ATOM   711 N N   . LEU B 1 39 ? -7.793  9.375   -3.627  1.00 24.86 ? 145 LEU B N   1 
ATOM   712 C CA  . LEU B 1 39 ? -7.910  8.587   -2.422  1.00 23.25 ? 145 LEU B CA  1 
ATOM   713 C C   . LEU B 1 39 ? -7.247  9.292   -1.245  1.00 23.70 ? 145 LEU B C   1 
ATOM   714 O O   . LEU B 1 39 ? -7.816  9.324   -0.159  1.00 24.64 ? 145 LEU B O   1 
ATOM   715 C CB  . LEU B 1 39 ? -7.318  7.216   -2.618  1.00 23.13 ? 145 LEU B CB  1 
ATOM   716 C CG  . LEU B 1 39 ? -8.140  6.248   -3.467  1.00 21.66 ? 145 LEU B CG  1 
ATOM   717 C CD1 . LEU B 1 39 ? -7.210  5.115   -3.997  1.00 23.34 ? 145 LEU B CD1 1 
ATOM   718 C CD2 . LEU B 1 39 ? -9.343  5.699   -2.685  1.00 21.33 ? 145 LEU B CD2 1 
ATOM   719 N N   . GLU B 1 40 ? -6.076  9.881   -1.461  1.00 25.20 ? 146 GLU B N   1 
ATOM   720 C CA  . GLU B 1 40 ? -5.351  10.589  -0.368  1.00 26.70 ? 146 GLU B CA  1 
ATOM   721 C C   . GLU B 1 40 ? -6.129  11.815  0.101   1.00 25.37 ? 146 GLU B C   1 
ATOM   722 O O   . GLU B 1 40 ? -6.229  12.082  1.297   1.00 22.19 ? 146 GLU B O   1 
ATOM   723 C CB  . GLU B 1 40 ? -3.936  10.984  -0.807  1.00 27.76 ? 146 GLU B CB  1 
ATOM   724 C CG  . GLU B 1 40 ? -2.973  9.815   -0.859  1.00 29.88 ? 146 GLU B CG  1 
ATOM   725 C CD  . GLU B 1 40 ? -2.648  9.322   0.541   1.00 35.88 ? 146 GLU B CD  1 
ATOM   726 O OE1 . GLU B 1 40 ? -2.891  8.146   0.886   1.00 33.89 ? 146 GLU B OE1 1 
ATOM   727 O OE2 . GLU B 1 40 ? -2.161  10.141  1.319   1.00 29.28 ? 146 GLU B OE2 1 
ATOM   728 N N   . GLN B 1 41 ? -6.749  12.534  -0.826  1.00 25.75 ? 147 GLN B N   1 
ATOM   729 C CA  . GLN B 1 41 ? -7.538  13.708  -0.458  1.00 25.52 ? 147 GLN B CA  1 
ATOM   730 C C   . GLN B 1 41 ? -8.800  13.327  0.349   1.00 25.74 ? 147 GLN B C   1 
ATOM   731 O O   . GLN B 1 41 ? -9.165  14.005  1.309   1.00 24.99 ? 147 GLN B O   1 
ATOM   732 C CB  . GLN B 1 41 ? -7.926  14.541  -1.689  1.00 29.42 ? 147 GLN B CB  1 
ATOM   733 C CG  . GLN B 1 41 ? -6.762  15.402  -2.254  1.00 39.34 ? 147 GLN B CG  1 
ATOM   734 C CD  . GLN B 1 41 ? -7.114  16.125  -3.583  1.00 53.56 ? 147 GLN B CD  1 
ATOM   735 O OE1 . GLN B 1 41 ? -8.263  16.536  -3.817  1.00 57.46 ? 147 GLN B OE1 1 
ATOM   736 N NE2 . GLN B 1 41 ? -6.099  16.323  -4.428  1.00 58.10 ? 147 GLN B NE2 1 
ATOM   737 N N   . LEU B 1 42 ? -9.480  12.265  -0.046  1.00 22.62 ? 148 LEU B N   1 
ATOM   738 C CA  . LEU B 1 42 ? -10.653 11.804  0.685   1.00 23.04 ? 148 LEU B CA  1 
ATOM   739 C C   . LEU B 1 42 ? -10.306 11.177  2.032   1.00 23.33 ? 148 LEU B C   1 
ATOM   740 O O   . LEU B 1 42 ? -11.079 11.297  2.999   1.00 26.29 ? 148 LEU B O   1 
ATOM   741 C CB  . LEU B 1 42 ? -11.500 10.859  -0.175  1.00 23.43 ? 148 LEU B CB  1 
ATOM   742 C CG  . LEU B 1 42 ? -12.161 11.488  -1.400  1.00 25.37 ? 148 LEU B CG  1 
ATOM   743 C CD1 . LEU B 1 42 ? -13.170 10.499  -1.985  1.00 25.27 ? 148 LEU B CD1 1 
ATOM   744 C CD2 . LEU B 1 42 ? -12.827 12.822  -1.084  1.00 21.83 ? 148 LEU B CD2 1 
ATOM   745 N N   . PHE B 1 43 ? -9.135  10.545  2.126   1.00 22.77 ? 149 PHE B N   1 
ATOM   746 C CA  . PHE B 1 43 ? -8.609  10.081  3.405   1.00 21.18 ? 149 PHE B CA  1 
ATOM   747 C C   . PHE B 1 43 ? -8.365  11.308  4.340   1.00 21.93 ? 149 PHE B C   1 
ATOM   748 O O   . PHE B 1 43 ? -8.834  11.363  5.476   1.00 20.01 ? 149 PHE B O   1 
ATOM   749 C CB  . PHE B 1 43 ? -7.338  9.269   3.115   1.00 24.76 ? 149 PHE B CB  1 
ATOM   750 C CG  . PHE B 1 43 ? -6.577  8.819   4.323   1.00 22.22 ? 149 PHE B CG  1 
ATOM   751 C CD1 . PHE B 1 43 ? -7.188  8.121   5.337   1.00 23.41 ? 149 PHE B CD1 1 
ATOM   752 C CD2 . PHE B 1 43 ? -5.218  9.074   4.419   1.00 31.41 ? 149 PHE B CD2 1 
ATOM   753 C CE1 . PHE B 1 43 ? -6.472  7.698   6.436   1.00 31.00 ? 149 PHE B CE1 1 
ATOM   754 C CE2 . PHE B 1 43 ? -4.495  8.651   5.531   1.00 28.93 ? 149 PHE B CE2 1 
ATOM   755 C CZ  . PHE B 1 43 ? -5.123  7.969   6.529   1.00 25.18 ? 149 PHE B CZ  1 
ATOM   756 N N   . SER B 1 44 ? -7.667  12.316  3.839   1.00 20.41 ? 150 SER B N   1 
ATOM   757 C CA  . SER B 1 44 ? -7.476  13.565  4.586   1.00 19.53 ? 150 SER B CA  1 
ATOM   758 C C   . SER B 1 44 ? -8.774  14.191  5.040   1.00 21.51 ? 150 SER B C   1 
ATOM   759 O O   . SER B 1 44 ? -8.861  14.711  6.169   1.00 21.42 ? 150 SER B O   1 
ATOM   760 C CB  . SER B 1 44 ? -6.646  14.575  3.756   1.00 22.35 ? 150 SER B CB  1 
ATOM   761 O OG  . SER B 1 44 ? -6.282  15.673  4.581   1.00 25.73 ? 150 SER B OG  1 
ATOM   762 N N   . ALA B 1 45 ? -9.803  14.110  4.193   1.00 20.98 ? 151 ALA B N   1 
ATOM   763 C CA  . ALA B 1 45 ? -11.090 14.768  4.459   1.00 20.58 ? 151 ALA B CA  1 
ATOM   764 C C   . ALA B 1 45 ? -11.945 13.994  5.462   1.00 22.05 ? 151 ALA B C   1 
ATOM   765 O O   . ALA B 1 45 ? -12.944 14.518  5.963   1.00 22.42 ? 151 ALA B O   1 
ATOM   766 C CB  . ALA B 1 45 ? -11.870 14.947  3.164   1.00 22.71 ? 151 ALA B CB  1 
ATOM   767 N N   . GLY B 1 46 ? -11.535 12.771  5.770   1.00 21.05 ? 152 GLY B N   1 
ATOM   768 C CA  . GLY B 1 46 ? -12.217 11.951  6.773   1.00 23.42 ? 152 GLY B CA  1 
ATOM   769 C C   . GLY B 1 46 ? -13.265 11.012  6.195   1.00 23.70 ? 152 GLY B C   1 
ATOM   770 O O   . GLY B 1 46 ? -13.988 10.382  6.941   1.00 23.73 ? 152 GLY B O   1 
ATOM   771 N N   . THR B 1 47 ? -13.333 10.933  4.877   1.00 23.82 ? 153 THR B N   1 
ATOM   772 C CA  . THR B 1 47 ? -14.267 10.060  4.167   1.00 26.66 ? 153 THR B CA  1 
ATOM   773 C C   . THR B 1 47 ? -13.833 8.608   4.206   1.00 27.74 ? 153 THR B C   1 
ATOM   774 O O   . THR B 1 47 ? -14.647 7.714   4.302   1.00 26.94 ? 153 THR B O   1 
ATOM   775 C CB  . THR B 1 47 ? -14.300 10.463  2.683   1.00 28.10 ? 153 THR B CB  1 
ATOM   776 O OG1 . THR B 1 47 ? -14.563 11.856  2.608   1.00 29.98 ? 153 THR B OG1 1 
ATOM   777 C CG2 . THR B 1 47 ? -15.385 9.667   1.877   1.00 31.56 ? 153 THR B CG2 1 
ATOM   778 N N   . LEU B 1 48 ? -12.521 8.382   4.135   1.00 26.34 ? 154 LEU B N   1 
ATOM   779 C CA  . LEU B 1 48 ? -11.983 7.051   4.059   1.00 27.04 ? 154 LEU B CA  1 
ATOM   780 C C   . LEU B 1 48 ? -11.044 6.787   5.248   1.00 28.06 ? 154 LEU B C   1 
ATOM   781 O O   . LEU B 1 48 ? -10.489 7.736   5.805   1.00 26.89 ? 154 LEU B O   1 
ATOM   782 C CB  . LEU B 1 48 ? -11.176 6.947   2.759   1.00 24.34 ? 154 LEU B CB  1 
ATOM   783 C CG  . LEU B 1 48 ? -11.962 7.126   1.475   1.00 24.83 ? 154 LEU B CG  1 
ATOM   784 C CD1 . LEU B 1 48 ? -10.986 7.158   0.263   1.00 23.10 ? 154 LEU B CD1 1 
ATOM   785 C CD2 . LEU B 1 48 ? -13.017 5.988   1.324   1.00 27.75 ? 154 LEU B CD2 1 
ATOM   786 N N   . ARG B 1 49 ? -10.868 5.514   5.593   1.00 24.87 ? 155 ARG B N   1 
ATOM   787 C CA  . ARG B 1 49 ? -9.777  5.046   6.434   1.00 27.37 ? 155 ARG B CA  1 
ATOM   788 C C   . ARG B 1 49 ? -8.747  4.364   5.541   1.00 26.65 ? 155 ARG B C   1 
ATOM   789 O O   . ARG B 1 49 ? -9.094  3.901   4.463   1.00 25.63 ? 155 ARG B O   1 
ATOM   790 C CB  . ARG B 1 49 ? -10.282 3.987   7.415   1.00 30.24 ? 155 ARG B CB  1 
ATOM   791 C CG  . ARG B 1 49 ? -11.297 4.450   8.424   1.00 36.99 ? 155 ARG B CG  1 
ATOM   792 C CD  . ARG B 1 49 ? -11.800 3.231   9.239   1.00 49.09 ? 155 ARG B CD  1 
ATOM   793 N NE  . ARG B 1 49 ? -12.959 3.536   10.079  1.00 60.45 ? 155 ARG B NE  1 
ATOM   794 C CZ  . ARG B 1 49 ? -12.947 4.336   11.146  1.00 63.72 ? 155 ARG B CZ  1 
ATOM   795 N NH1 . ARG B 1 49 ? -11.835 4.958   11.542  1.00 66.92 ? 155 ARG B NH1 1 
ATOM   796 N NH2 . ARG B 1 49 ? -14.071 4.533   11.816  1.00 66.05 ? 155 ARG B NH2 1 
ATOM   797 N N   . LYS B 1 50 ? -7.493  4.272   5.999   1.00 24.22 ? 156 LYS B N   1 
ATOM   798 C CA  . LYS B 1 50 ? -6.402  3.746   5.152   1.00 26.65 ? 156 LYS B CA  1 
ATOM   799 C C   . LYS B 1 50 ? -5.584  2.766   5.960   1.00 26.27 ? 156 LYS B C   1 
ATOM   800 O O   . LYS B 1 50 ? -5.325  2.991   7.123   1.00 24.86 ? 156 LYS B O   1 
ATOM   801 C CB  . LYS B 1 50 ? -5.475  4.868   4.684   1.00 22.93 ? 156 LYS B CB  1 
ATOM   802 C CG  . LYS B 1 50 ? -4.271  4.429   3.836   1.00 23.92 ? 156 LYS B CG  1 
ATOM   803 C CD  . LYS B 1 50 ? -3.353  5.643   3.570   1.00 24.03 ? 156 LYS B CD  1 
ATOM   804 C CE  . LYS B 1 50 ? -2.212  5.358   2.624   1.00 26.32 ? 156 LYS B CE  1 
ATOM   805 N NZ  . LYS B 1 50 ? -1.305  6.549   2.417   1.00 24.17 ? 156 LYS B NZ  1 
ATOM   806 N N   . ARG B 1 51 ? -5.209  1.665   5.346   1.00 26.95 ? 157 ARG B N   1 
ATOM   807 C CA  . ARG B 1 51 ? -4.242  0.756   5.936   1.00 27.35 ? 157 ARG B CA  1 
ATOM   808 C C   . ARG B 1 51 ? -3.007  0.922   5.066   1.00 27.10 ? 157 ARG B C   1 
ATOM   809 O O   . ARG B 1 51 ? -3.076  0.675   3.888   1.00 25.14 ? 157 ARG B O   1 
ATOM   810 C CB  . ARG B 1 51 ? -4.761  -0.668  5.884   1.00 30.61 ? 157 ARG B CB  1 
ATOM   811 C CG  . ARG B 1 51 ? -5.869  -0.911  6.905   1.00 39.73 ? 157 ARG B CG  1 
ATOM   812 C CD  . ARG B 1 51 ? -6.162  -2.396  7.143   1.00 48.80 ? 157 ARG B CD  1 
ATOM   813 N NE  . ARG B 1 51 ? -7.128  -2.508  8.246   1.00 57.94 ? 157 ARG B NE  1 
ATOM   814 C CZ  . ARG B 1 51 ? -8.403  -2.891  8.130   1.00 65.42 ? 157 ARG B CZ  1 
ATOM   815 N NH1 . ARG B 1 51 ? -8.919  -3.247  6.949   1.00 64.32 ? 157 ARG B NH1 1 
ATOM   816 N NH2 . ARG B 1 51 ? -9.174  -2.936  9.218   1.00 69.09 ? 157 ARG B NH2 1 
ATOM   817 N N   . SER B 1 52 ? -1.918  1.427   5.636   1.00 27.30 ? 158 SER B N   1 
ATOM   818 C CA  . SER B 1 52 ? -0.722  1.733   4.843   1.00 29.93 ? 158 SER B CA  1 
ATOM   819 C C   . SER B 1 52 ? -0.038  0.455   4.363   1.00 29.99 ? 158 SER B C   1 
ATOM   820 O O   . SER B 1 52 ? -0.146  -0.604  4.968   1.00 30.24 ? 158 SER B O   1 
ATOM   821 C CB  . SER B 1 52 ? 0.253   2.627   5.628   1.00 31.97 ? 158 SER B CB  1 
ATOM   822 O OG  . SER B 1 52 ? -0.215  3.985   5.673   1.00 30.24 ? 158 SER B OG  1 
ATOM   823 N N   . SER B 1 53 ? 0.683   0.569   3.265   1.00 28.10 ? 159 SER B N   1 
ATOM   824 C CA  . SER B 1 53 ? 1.328   -0.579  2.662   1.00 29.97 ? 159 SER B CA  1 
ATOM   825 C C   . SER B 1 53 ? 2.338   -1.184  3.611   1.00 27.78 ? 159 SER B C   1 
ATOM   826 O O   . SER B 1 53 ? 3.013   -0.462  4.340   1.00 24.76 ? 159 SER B O   1 
ATOM   827 C CB  . SER B 1 53 ? 1.995   -0.158  1.347   1.00 31.11 ? 159 SER B CB  1 
ATOM   828 O OG  . SER B 1 53 ? 2.987   0.796   1.621   1.00 39.42 ? 159 SER B OG  1 
ATOM   829 N N   . ARG B 1 54 ? 2.413   -2.513  3.625   1.00 25.53 ? 160 ARG B N   1 
ATOM   830 C CA  . ARG B 1 54 ? 3.318   -3.219  4.514   1.00 27.50 ? 160 ARG B CA  1 
ATOM   831 C C   . ARG B 1 54 ? 4.192   -4.145  3.692   1.00 27.00 ? 160 ARG B C   1 
ATOM   832 O O   . ARG B 1 54 ? 3.700   -4.855  2.791   1.00 25.63 ? 160 ARG B O   1 
ATOM   833 C CB  . ARG B 1 54 ? 2.481   -4.006  5.508   1.00 31.24 ? 160 ARG B CB  1 
ATOM   834 C CG  . ARG B 1 54 ? 3.136   -4.437  6.760   1.00 38.84 ? 160 ARG B CG  1 
ATOM   835 C CD  . ARG B 1 54 ? 2.044   -4.859  7.833   1.00 44.04 ? 160 ARG B CD  1 
ATOM   836 N NE  . ARG B 1 54 ? 1.384   -3.704  8.448   1.00 44.48 ? 160 ARG B NE  1 
ATOM   837 C CZ  . ARG B 1 54 ? 1.889   -2.972  9.449   1.00 44.17 ? 160 ARG B CZ  1 
ATOM   838 N NH1 . ARG B 1 54 ? 3.080   -3.243  9.986   1.00 45.09 ? 160 ARG B NH1 1 
ATOM   839 N NH2 . ARG B 1 54 ? 1.217   -1.934  9.905   1.00 45.21 ? 160 ARG B NH2 1 
ATOM   840 N N   . TYR B 1 55 ? 5.482   -4.150  4.022   1.00 25.89 ? 161 TYR B N   1 
ATOM   841 C CA  . TYR B 1 55 ? 6.454   -4.960  3.316   1.00 25.47 ? 161 TYR B CA  1 
ATOM   842 C C   . TYR B 1 55 ? 6.976   -6.068  4.225   1.00 26.11 ? 161 TYR B C   1 
ATOM   843 O O   . TYR B 1 55 ? 7.269   -5.823  5.383   1.00 27.31 ? 161 TYR B O   1 
ATOM   844 C CB  . TYR B 1 55 ? 7.630   -4.105  2.964   1.00 24.22 ? 161 TYR B CB  1 
ATOM   845 C CG  . TYR B 1 55 ? 7.324   -2.968  2.042   1.00 25.63 ? 161 TYR B CG  1 
ATOM   846 C CD1 . TYR B 1 55 ? 6.753   -1.798  2.516   1.00 24.65 ? 161 TYR B CD1 1 
ATOM   847 C CD2 . TYR B 1 55 ? 7.632   -3.046  0.694   1.00 25.30 ? 161 TYR B CD2 1 
ATOM   848 C CE1 . TYR B 1 55 ? 6.500   -0.705  1.645   1.00 25.86 ? 161 TYR B CE1 1 
ATOM   849 C CE2 . TYR B 1 55 ? 7.375   -1.971  -0.184  1.00 28.38 ? 161 TYR B CE2 1 
ATOM   850 C CZ  . TYR B 1 55 ? 6.817   -0.818  0.294   1.00 27.20 ? 161 TYR B CZ  1 
ATOM   851 O OH  . TYR B 1 55 ? 6.583   0.217   -0.575  1.00 31.46 ? 161 TYR B OH  1 
ATOM   852 N N   . ARG B 1 56 ? 7.104   -7.273  3.693   1.00 26.16 ? 162 ARG B N   1 
ATOM   853 C CA  . ARG B 1 56 ? 7.620   -8.388  4.472   1.00 31.05 ? 162 ARG B CA  1 
ATOM   854 C C   . ARG B 1 56 ? 8.533   -9.260  3.620   1.00 32.47 ? 162 ARG B C   1 
ATOM   855 O O   . ARG B 1 56 ? 8.490   -9.186  2.383   1.00 31.47 ? 162 ARG B O   1 
ATOM   856 C CB  . ARG B 1 56 ? 6.453   -9.209  5.021   1.00 30.49 ? 162 ARG B CB  1 
ATOM   857 C CG  . ARG B 1 56 ? 5.627   -9.911  3.973   1.00 40.31 ? 162 ARG B CG  1 
ATOM   858 C CD  . ARG B 1 56 ? 4.281   -10.410 4.554   1.00 46.01 ? 162 ARG B CD  1 
ATOM   859 N NE  . ARG B 1 56 ? 3.625   -11.378 3.668   1.00 51.97 ? 162 ARG B NE  1 
ATOM   860 C CZ  . ARG B 1 56 ? 2.862   -11.085 2.603   1.00 59.82 ? 162 ARG B CZ  1 
ATOM   861 N NH1 . ARG B 1 56 ? 2.612   -9.823  2.216   1.00 59.16 ? 162 ARG B NH1 1 
ATOM   862 N NH2 . ARG B 1 56 ? 2.333   -12.080 1.902   1.00 61.14 ? 162 ARG B NH2 1 
ATOM   863 N N   . LEU B 1 57 ? 9.332   -10.101 4.265   1.00 34.14 ? 163 LEU B N   1 
ATOM   864 C CA  . LEU B 1 57 ? 10.207  -11.043 3.533   1.00 39.52 ? 163 LEU B CA  1 
ATOM   865 C C   . LEU B 1 57 ? 9.461   -12.024 2.625   1.00 43.78 ? 163 LEU B C   1 
ATOM   866 O O   . LEU B 1 57 ? 8.423   -12.533 3.018   1.00 44.14 ? 163 LEU B O   1 
ATOM   867 C CB  . LEU B 1 57 ? 11.054  -11.856 4.509   1.00 38.99 ? 163 LEU B CB  1 
ATOM   868 C CG  . LEU B 1 57 ? 12.493  -11.372 4.716   1.00 45.26 ? 163 LEU B CG  1 
ATOM   869 C CD1 . LEU B 1 57 ? 13.349  -11.638 3.475   1.00 45.18 ? 163 LEU B CD1 1 
ATOM   870 C CD2 . LEU B 1 57 ? 12.521  -9.905  5.085   1.00 47.82 ? 163 LEU B CD2 1 
ATOM   871 N N   . LYS B 1 58 ? 9.966   -12.283 1.409   1.00 48.15 ? 164 LYS B N   1 
ATOM   872 C CA  . LYS B 1 58 ? 9.479   -13.451 0.644   1.00 55.42 ? 164 LYS B CA  1 
ATOM   873 C C   . LYS B 1 58 ? 9.896   -14.754 1.370   1.00 58.81 ? 164 LYS B C   1 
ATOM   874 O O   . LYS B 1 58 ? 10.901  -14.756 2.094   1.00 60.13 ? 164 LYS B O   1 
ATOM   875 C CB  . LYS B 1 58 ? 10.001  -13.467 -0.809  1.00 57.37 ? 164 LYS B CB  1 
ATOM   876 C CG  . LYS B 1 58 ? 9.123   -12.707 -1.805  1.00 58.24 ? 164 LYS B CG  1 
ATOM   877 C CD  . LYS B 1 58 ? 9.255   -13.229 -3.244  1.00 62.59 ? 164 LYS B CD  1 
ATOM   878 C CE  . LYS B 1 58 ? 8.482   -12.336 -4.211  1.00 60.68 ? 164 LYS B CE  1 
ATOM   879 N NZ  . LYS B 1 58 ? 8.681   -12.716 -5.638  1.00 66.89 ? 164 LYS B NZ  1 
ATOM   880 N N   . PRO B 1 59 ? 9.113   -15.853 1.213   1.00 62.68 ? 165 PRO B N   1 
ATOM   881 C CA  . PRO B 1 59 ? 9.566   -17.159 1.765   1.00 63.34 ? 165 PRO B CA  1 
ATOM   882 C C   . PRO B 1 59 ? 10.657  -17.844 0.921   1.00 63.80 ? 165 PRO B C   1 
ATOM   883 O O   . PRO B 1 59 ? 10.568  -17.864 -0.311  1.00 64.07 ? 165 PRO B O   1 
ATOM   884 C CB  . PRO B 1 59 ? 8.284   -18.016 1.795   1.00 63.61 ? 165 PRO B CB  1 
ATOM   885 C CG  . PRO B 1 59 ? 7.140   -17.101 1.402   1.00 64.55 ? 165 PRO B CG  1 
ATOM   886 C CD  . PRO B 1 59 ? 7.733   -15.915 0.690   1.00 63.02 ? 165 PRO B CD  1 
HETATM 887 C CAC . FLC C 2 .  ? 1.695   5.146   0.054   1.00 91.15 ? 1   FLC A CAC 1 
HETATM 888 C CA  . FLC C 2 .  ? 2.530   5.646   -1.117  1.00 91.39 ? 1   FLC A CA  1 
HETATM 889 C CB  . FLC C 2 .  ? 3.511   4.584   -1.657  1.00 92.21 ? 1   FLC A CB  1 
HETATM 890 C CBC . FLC C 2 .  ? 2.775   3.268   -1.904  1.00 91.01 ? 1   FLC A CBC 1 
HETATM 891 C CG  . FLC C 2 .  ? 4.168   5.088   -2.963  1.00 93.24 ? 1   FLC A CG  1 
HETATM 892 C CGC . FLC C 2 .  ? 5.558   4.526   -3.274  1.00 92.19 ? 1   FLC A CGC 1 
HETATM 893 O OA1 . FLC C 2 .  ? 0.461   5.332   0.077   1.00 83.92 ? 1   FLC A OA1 1 
HETATM 894 O OA2 . FLC C 2 .  ? 2.272   4.538   0.977   1.00 95.21 ? 1   FLC A OA2 1 
HETATM 895 O OB1 . FLC C 2 .  ? 3.418   2.199   -2.027  1.00 79.29 ? 1   FLC A OB1 1 
HETATM 896 O OB2 . FLC C 2 .  ? 1.523   3.291   -1.973  1.00 90.58 ? 1   FLC A OB2 1 
HETATM 897 O OG1 . FLC C 2 .  ? 5.703   4.001   -4.403  1.00 88.88 ? 1   FLC A OG1 1 
HETATM 898 O OG2 . FLC C 2 .  ? 6.512   4.618   -2.441  1.00 85.21 ? 1   FLC A OG2 1 
HETATM 899 O OHB . FLC C 2 .  ? 4.526   4.414   -0.652  1.00 91.16 ? 1   FLC A OHB 1 
HETATM 900 C CAC . FLC D 2 .  ? -4.524  -8.025  -0.263  1.00 88.98 ? 2   FLC A CAC 1 
HETATM 901 C CA  . FLC D 2 .  ? -3.513  -8.866  -1.028  1.00 88.43 ? 2   FLC A CA  1 
HETATM 902 C CB  . FLC D 2 .  ? -2.470  -8.073  -1.847  1.00 88.42 ? 2   FLC A CB  1 
HETATM 903 C CBC . FLC D 2 .  ? -1.343  -9.056  -2.122  1.00 88.90 ? 2   FLC A CBC 1 
HETATM 904 C CG  . FLC D 2 .  ? -3.039  -7.481  -3.170  1.00 84.60 ? 2   FLC A CG  1 
HETATM 905 C CGC . FLC D 2 .  ? -2.584  -6.040  -3.498  1.00 77.87 ? 2   FLC A CGC 1 
HETATM 906 O OA1 . FLC D 2 .  ? -4.131  -7.266  0.656   1.00 90.09 ? 2   FLC A OA1 1 
HETATM 907 O OA2 . FLC D 2 .  ? -5.735  -8.134  -0.564  1.00 88.39 ? 2   FLC A OA2 1 
HETATM 908 O OB1 . FLC D 2 .  ? -0.289  -8.990  -1.442  1.00 88.72 ? 2   FLC A OB1 1 
HETATM 909 O OB2 . FLC D 2 .  ? -1.510  -9.924  -3.009  1.00 89.41 ? 2   FLC A OB2 1 
HETATM 910 O OG1 . FLC D 2 .  ? -1.546  -5.606  -2.923  1.00 61.76 ? 2   FLC A OG1 1 
HETATM 911 O OG2 . FLC D 2 .  ? -3.251  -5.334  -4.329  1.00 57.37 ? 2   FLC A OG2 1 
HETATM 912 O OHB . FLC D 2 .  ? -1.947  -6.998  -1.044  1.00 85.76 ? 2   FLC A OHB 1 
HETATM 913 O O   . HOH E 3 .  ? 4.306   4.156   5.857   1.00 23.97 ? 3   HOH A O   1 
HETATM 914 O O   . HOH E 3 .  ? 4.795   5.985   3.682   1.00 32.38 ? 5   HOH A O   1 
HETATM 915 O O   . HOH E 3 .  ? 11.861  12.075  3.792   1.00 28.76 ? 6   HOH A O   1 
HETATM 916 O O   . HOH E 3 .  ? 8.622   -8.759  -5.097  1.00 34.16 ? 7   HOH A O   1 
HETATM 917 O O   . HOH E 3 .  ? 16.532  -8.951  -8.287  1.00 20.76 ? 8   HOH A O   1 
HETATM 918 O O   . HOH E 3 .  ? 15.093  -11.730 -5.536  1.00 25.44 ? 9   HOH A O   1 
HETATM 919 O O   . HOH E 3 .  ? 16.154  -11.297 -3.146  1.00 29.66 ? 10  HOH A O   1 
HETATM 920 O O   . HOH E 3 .  ? 3.825   -8.663  -3.099  1.00 34.51 ? 11  HOH A O   1 
HETATM 921 O O   . HOH E 3 .  ? -3.165  1.645   -3.010  1.00 32.66 ? 12  HOH A O   1 
HETATM 922 O O   . HOH E 3 .  ? -7.198  1.178   9.186   1.00 54.58 ? 19  HOH A O   1 
HETATM 923 O O   . HOH E 3 .  ? 15.151  -2.978  -7.467  1.00 30.30 ? 21  HOH A O   1 
HETATM 924 O O   . HOH E 3 .  ? 1.711   -7.810  5.721   1.00 47.78 ? 22  HOH A O   1 
HETATM 925 O O   . HOH E 3 .  ? -3.578  -4.785  -0.404  1.00 48.88 ? 23  HOH A O   1 
HETATM 926 O O   . HOH E 3 .  ? -8.677  0.012   4.581   1.00 33.17 ? 26  HOH A O   1 
HETATM 927 O O   . HOH E 3 .  ? -8.823  2.898   10.455  1.00 67.06 ? 30  HOH A O   1 
HETATM 928 O O   . HOH E 3 .  ? 9.210   1.382   14.214  1.00 32.76 ? 35  HOH A O   1 
HETATM 929 O O   . HOH E 3 .  ? 2.194   7.508   2.679   1.00 44.45 ? 39  HOH A O   1 
HETATM 930 O O   . HOH E 3 .  ? -1.342  4.133   -2.608  1.00 42.13 ? 42  HOH A O   1 
HETATM 931 O O   . HOH E 3 .  ? 4.556   3.342   1.631   1.00 37.67 ? 53  HOH A O   1 
HETATM 932 O O   . HOH E 3 .  ? 16.853  4.408   0.253   1.00 31.98 ? 58  HOH A O   1 
HETATM 933 O O   . HOH E 3 .  ? 9.612   5.211   -3.208  1.00 47.27 ? 63  HOH A O   1 
HETATM 934 O O   . HOH E 3 .  ? 16.973  6.617   -0.947  1.00 39.81 ? 64  HOH A O   1 
HETATM 935 O O   . HOH E 3 .  ? 9.202   -9.719  7.260   1.00 36.57 ? 175 HOH A O   1 
HETATM 936 O O   . HOH F 3 .  ? 4.273   2.066   4.026   1.00 22.45 ? 2   HOH B O   1 
HETATM 937 O O   . HOH F 3 .  ? -9.718  9.533   7.652   1.00 28.92 ? 13  HOH B O   1 
HETATM 938 O O   . HOH F 3 .  ? -15.441 13.571  6.401   1.00 30.40 ? 14  HOH B O   1 
HETATM 939 O O   . HOH F 3 .  ? -16.499 12.649  3.838   1.00 34.83 ? 15  HOH B O   1 
HETATM 940 O O   . HOH F 3 .  ? -2.346  5.347   6.869   1.00 35.86 ? 16  HOH B O   1 
HETATM 941 O O   . HOH F 3 .  ? 3.272   -7.524  3.446   1.00 37.79 ? 17  HOH B O   1 
HETATM 942 O O   . HOH F 3 .  ? 0.094   8.284   -12.872 1.00 40.32 ? 18  HOH B O   1 
HETATM 943 O O   . HOH F 3 .  ? -4.032  -0.170  -12.041 1.00 29.47 ? 20  HOH B O   1 
HETATM 944 O O   . HOH F 3 .  ? -0.313  2.740   -5.670  1.00 41.10 ? 25  HOH B O   1 
HETATM 945 O O   . HOH F 3 .  ? -8.572  -2.709  4.111   1.00 33.90 ? 27  HOH B O   1 
HETATM 946 O O   . HOH F 3 .  ? -7.444  5.184   8.820   1.00 30.45 ? 28  HOH B O   1 
HETATM 947 O O   . HOH F 3 .  ? -10.143 17.165  7.220   1.00 33.62 ? 31  HOH B O   1 
HETATM 948 O O   . HOH F 3 .  ? -8.384  16.562  1.178   1.00 38.53 ? 32  HOH B O   1 
HETATM 949 O O   . HOH F 3 .  ? -1.764  1.944   8.659   1.00 33.76 ? 33  HOH B O   1 
HETATM 950 O O   . HOH F 3 .  ? -23.190 -8.334  -16.421 1.00 46.89 ? 34  HOH B O   1 
HETATM 951 O O   . HOH F 3 .  ? -19.842 -6.917  -1.800  1.00 33.90 ? 36  HOH B O   1 
HETATM 952 O O   . HOH F 3 .  ? -17.144 7.659   4.796   1.00 38.91 ? 38  HOH B O   1 
HETATM 953 O O   . HOH F 3 .  ? -3.367  4.127   8.539   1.00 47.79 ? 40  HOH B O   1 
HETATM 954 O O   . HOH F 3 .  ? -14.654 -2.029  -17.697 1.00 46.05 ? 44  HOH B O   1 
HETATM 955 O O   . HOH F 3 .  ? -10.071 -2.452  -10.848 1.00 43.57 ? 45  HOH B O   1 
HETATM 956 O O   . HOH F 3 .  ? -0.584  -1.181  7.547   1.00 45.26 ? 46  HOH B O   1 
HETATM 957 O O   . HOH F 3 .  ? -14.016 0.328   -16.047 1.00 58.57 ? 47  HOH B O   1 
HETATM 958 O O   . HOH F 3 .  ? -12.028 -1.479  -16.119 1.00 62.01 ? 48  HOH B O   1 
HETATM 959 O O   . HOH F 3 .  ? -10.913 1.459   -17.316 1.00 54.18 ? 49  HOH B O   1 
HETATM 960 O O   . HOH F 3 .  ? -16.640 -9.648  -8.888  1.00 33.24 ? 52  HOH B O   1 
HETATM 961 O O   . HOH F 3 .  ? 7.046   2.814   0.236   1.00 49.53 ? 54  HOH B O   1 
HETATM 962 O O   . HOH F 3 .  ? -18.204 -11.415 -9.198  1.00 30.89 ? 55  HOH B O   1 
HETATM 963 O O   . HOH F 3 .  ? -16.226 3.608   -12.345 0.50 33.14 ? 56  HOH B O   1 
HETATM 964 O O   . HOH F 3 .  ? -16.717 -11.693 -15.223 1.00 38.62 ? 57  HOH B O   1 
HETATM 965 O O   . HOH F 3 .  ? -19.754 -4.159  -0.243  1.00 45.19 ? 59  HOH B O   1 
HETATM 966 O O   . HOH F 3 .  ? 0.251   1.657   10.069  1.00 46.35 ? 60  HOH B O   1 
HETATM 967 O O   . HOH F 3 .  ? -10.958 -2.810  -13.270 1.00 53.28 ? 61  HOH B O   1 
HETATM 968 O O   . HOH F 3 .  ? -5.360  -0.903  10.369  1.00 66.57 ? 65  HOH B O   1 
# 
